data_5TRL
#
_entry.id   5TRL
#
_cell.length_a   175.728
_cell.length_b   175.728
_cell.length_c   175.728
_cell.angle_alpha   90.000
_cell.angle_beta   90.000
_cell.angle_gamma   90.000
#
_symmetry.space_group_name_H-M   'P 21 3'
#
loop_
_entity.id
_entity.type
_entity.pdbx_description
1 polymer 'Histone acetyltransferase KAT2A'
2 non-polymer 'SUCCINYL-COENZYME A'
3 water water
#
_entity_poly.entity_id   1
_entity_poly.type   'polypeptide(L)'
_entity_poly.pdbx_seq_one_letter_code
;GSGIIEFHVIGNSLTPKANRRVLLWLVGLQNVFSHQLPRMPKEYIARLVFDPKHKTLALIKDGRVIGGICFRMFPTQGFT
EIVFCAVTSNEQVKGYGTHLMNHLKEYHIKHNILYFLTYADEYAIGYFKKQGFSKDIKVPKSRYLGYIKDYEGATLMECE
LNPRIPYT
;
_entity_poly.pdbx_strand_id   C,D,E,F,B,A,G,H
#
loop_
_chem_comp.id
_chem_comp.type
_chem_comp.name
_chem_comp.formula
SCA non-polymer 'SUCCINYL-COENZYME A' 'C25 H40 N7 O19 P3 S'
#
# COMPACT_ATOMS: atom_id res chain seq x y z
N ILE A 4 -37.63 -43.17 12.51
CA ILE A 4 -36.69 -42.74 13.55
C ILE A 4 -36.48 -41.24 13.51
N ILE A 5 -37.00 -40.54 14.52
CA ILE A 5 -36.92 -39.09 14.59
C ILE A 5 -35.58 -38.69 15.18
N GLU A 6 -35.03 -37.56 14.73
CA GLU A 6 -33.69 -37.16 15.11
C GLU A 6 -33.50 -35.67 14.84
N PHE A 7 -32.77 -34.99 15.74
CA PHE A 7 -32.59 -33.55 15.74
C PHE A 7 -31.12 -33.20 15.64
N HIS A 8 -30.80 -32.20 14.82
CA HIS A 8 -29.41 -31.77 14.65
C HIS A 8 -29.37 -30.27 14.39
N VAL A 9 -28.44 -29.60 15.07
CA VAL A 9 -28.11 -28.22 14.78
C VAL A 9 -26.96 -28.21 13.78
N ILE A 10 -27.21 -27.68 12.60
CA ILE A 10 -26.23 -27.67 11.53
C ILE A 10 -26.15 -26.27 10.95
N GLY A 11 -25.22 -26.09 10.03
CA GLY A 11 -25.05 -24.83 9.34
C GLY A 11 -23.90 -24.98 8.36
N ASN A 12 -23.78 -23.99 7.49
CA ASN A 12 -22.66 -23.96 6.56
C ASN A 12 -21.43 -23.50 7.33
N SER A 13 -20.45 -24.35 7.54
CA SER A 13 -19.32 -24.03 8.40
C SER A 13 -18.53 -22.77 8.06
N ALA A 18 -18.25 -28.13 5.09
CA ALA A 18 -19.39 -28.95 5.51
C ALA A 18 -19.45 -30.22 4.69
N ASN A 19 -19.55 -31.36 5.38
CA ASN A 19 -19.56 -32.64 4.70
C ASN A 19 -20.84 -32.81 3.86
N ARG A 20 -20.87 -33.89 3.08
CA ARG A 20 -21.96 -34.10 2.13
C ARG A 20 -23.30 -34.27 2.82
N ARG A 21 -23.31 -35.04 3.91
CA ARG A 21 -24.55 -35.29 4.64
C ARG A 21 -25.19 -33.99 5.09
N VAL A 22 -24.38 -33.08 5.65
CA VAL A 22 -24.91 -31.80 6.11
C VAL A 22 -25.33 -30.94 4.92
N LEU A 23 -24.52 -30.93 3.87
CA LEU A 23 -24.81 -30.09 2.70
C LEU A 23 -26.15 -30.45 2.07
N LEU A 24 -26.39 -31.75 1.87
CA LEU A 24 -27.66 -32.19 1.30
C LEU A 24 -28.81 -31.95 2.27
N TRP A 25 -28.55 -32.05 3.57
CA TRP A 25 -29.54 -31.65 4.56
C TRP A 25 -29.89 -30.18 4.42
N LEU A 26 -28.87 -29.33 4.22
CA LEU A 26 -29.10 -27.90 4.06
C LEU A 26 -29.90 -27.61 2.79
N VAL A 27 -29.61 -28.33 1.70
CA VAL A 27 -30.40 -28.22 0.48
C VAL A 27 -31.84 -28.67 0.75
N GLY A 28 -32.00 -29.80 1.42
CA GLY A 28 -33.34 -30.25 1.76
C GLY A 28 -34.10 -29.27 2.65
N LEU A 29 -33.38 -28.61 3.56
CA LEU A 29 -34.02 -27.56 4.37
C LEU A 29 -34.42 -26.38 3.51
N GLN A 30 -33.55 -25.99 2.57
CA GLN A 30 -33.91 -24.91 1.65
C GLN A 30 -35.11 -25.31 0.80
N ASN A 31 -35.20 -26.59 0.41
CA ASN A 31 -36.37 -27.05 -0.34
C ASN A 31 -37.64 -26.97 0.51
N VAL A 32 -37.59 -27.50 1.74
CA VAL A 32 -38.79 -27.54 2.59
C VAL A 32 -39.21 -26.12 2.97
N PHE A 33 -38.26 -25.27 3.37
CA PHE A 33 -38.61 -23.88 3.67
C PHE A 33 -39.25 -23.21 2.46
N SER A 34 -38.70 -23.46 1.27
CA SER A 34 -39.20 -22.81 0.07
C SER A 34 -40.61 -23.26 -0.28
N HIS A 35 -40.90 -24.54 -0.12
CA HIS A 35 -42.23 -25.04 -0.47
C HIS A 35 -43.28 -24.65 0.57
N GLN A 36 -42.88 -24.61 1.85
CA GLN A 36 -43.82 -24.27 2.91
C GLN A 36 -43.98 -22.76 3.09
N LEU A 37 -43.05 -21.96 2.57
CA LEU A 37 -43.12 -20.50 2.64
C LEU A 37 -43.04 -19.95 1.22
N PRO A 38 -44.08 -20.17 0.41
CA PRO A 38 -43.97 -19.89 -1.03
C PRO A 38 -43.75 -18.42 -1.37
N ARG A 39 -44.10 -17.50 -0.48
CA ARG A 39 -43.88 -16.08 -0.75
C ARG A 39 -42.50 -15.60 -0.31
N MET A 40 -41.70 -16.48 0.28
CA MET A 40 -40.27 -16.21 0.45
C MET A 40 -39.55 -16.56 -0.84
N PRO A 41 -38.79 -15.63 -1.45
CA PRO A 41 -38.02 -15.99 -2.64
C PRO A 41 -37.00 -17.08 -2.32
N LYS A 42 -36.91 -18.08 -3.19
CA LYS A 42 -36.07 -19.24 -2.88
C LYS A 42 -34.59 -18.88 -2.81
N GLU A 43 -34.15 -17.89 -3.60
CA GLU A 43 -32.76 -17.43 -3.50
C GLU A 43 -32.48 -16.74 -2.16
N TYR A 44 -33.47 -16.06 -1.61
CA TYR A 44 -33.34 -15.46 -0.29
C TYR A 44 -33.21 -16.52 0.78
N ILE A 45 -34.07 -17.54 0.72
CA ILE A 45 -33.97 -18.67 1.65
C ILE A 45 -32.60 -19.34 1.53
N ALA A 46 -32.16 -19.58 0.30
CA ALA A 46 -30.85 -20.22 0.09
C ALA A 46 -29.74 -19.37 0.68
N ARG A 47 -29.78 -18.05 0.45
CA ARG A 47 -28.72 -17.18 0.94
C ARG A 47 -28.65 -17.19 2.46
N LEU A 48 -29.81 -17.23 3.14
CA LEU A 48 -29.82 -17.23 4.59
C LEU A 48 -29.48 -18.60 5.15
N VAL A 49 -29.99 -19.68 4.55
CA VAL A 49 -29.74 -21.02 5.07
C VAL A 49 -28.26 -21.36 5.01
N PHE A 50 -27.57 -20.88 3.98
CA PHE A 50 -26.15 -21.19 3.79
C PHE A 50 -25.23 -20.10 4.32
N ASP A 51 -25.77 -19.08 4.96
CA ASP A 51 -24.95 -18.06 5.60
C ASP A 51 -24.25 -18.64 6.84
N PRO A 52 -22.93 -18.46 6.97
CA PRO A 52 -22.22 -19.09 8.10
C PRO A 52 -22.70 -18.63 9.47
N LYS A 53 -23.22 -17.42 9.59
CA LYS A 53 -23.73 -16.95 10.88
C LYS A 53 -25.14 -17.44 11.18
N HIS A 54 -25.77 -18.15 10.25
CA HIS A 54 -27.07 -18.77 10.49
C HIS A 54 -26.88 -20.25 10.80
N LYS A 55 -27.70 -20.76 11.69
CA LYS A 55 -27.75 -22.19 11.95
C LYS A 55 -29.17 -22.67 11.70
N THR A 56 -29.33 -23.97 11.55
CA THR A 56 -30.64 -24.55 11.37
C THR A 56 -30.73 -25.80 12.24
N LEU A 57 -31.78 -25.87 13.06
CA LEU A 57 -32.11 -27.08 13.80
C LEU A 57 -32.94 -27.97 12.87
N ALA A 58 -32.35 -29.07 12.42
CA ALA A 58 -32.97 -29.94 11.42
C ALA A 58 -33.69 -31.09 12.10
N LEU A 59 -34.91 -31.37 11.64
CA LEU A 59 -35.67 -32.53 12.07
C LEU A 59 -35.51 -33.61 11.00
N ILE A 60 -34.80 -34.68 11.33
CA ILE A 60 -34.44 -35.74 10.39
C ILE A 60 -35.26 -36.97 10.70
N LYS A 61 -35.92 -37.52 9.68
CA LYS A 61 -36.68 -38.76 9.80
C LYS A 61 -36.21 -39.74 8.74
N ASP A 62 -35.64 -40.86 9.18
CA ASP A 62 -35.10 -41.89 8.28
C ASP A 62 -34.05 -41.29 7.34
N GLY A 63 -33.16 -40.48 7.90
CA GLY A 63 -32.12 -39.82 7.14
C GLY A 63 -32.57 -38.68 6.25
N ARG A 64 -33.86 -38.36 6.24
CA ARG A 64 -34.43 -37.37 5.33
C ARG A 64 -34.97 -36.17 6.11
N VAL A 65 -34.79 -34.97 5.55
CA VAL A 65 -35.28 -33.76 6.19
C VAL A 65 -36.79 -33.68 6.06
N ILE A 66 -37.47 -33.52 7.20
CA ILE A 66 -38.92 -33.33 7.21
C ILE A 66 -39.33 -32.03 7.87
N GLY A 67 -38.39 -31.26 8.41
CA GLY A 67 -38.73 -29.98 9.00
C GLY A 67 -37.49 -29.35 9.60
N GLY A 68 -37.65 -28.11 10.04
CA GLY A 68 -36.52 -27.41 10.64
C GLY A 68 -36.89 -26.03 11.11
N ILE A 69 -35.99 -25.44 11.90
CA ILE A 69 -36.05 -24.04 12.29
C ILE A 69 -34.70 -23.41 11.98
N CYS A 70 -34.67 -22.46 11.06
CA CYS A 70 -33.46 -21.69 10.79
C CYS A 70 -33.42 -20.47 11.70
N PHE A 71 -32.24 -20.21 12.28
CA PHE A 71 -32.15 -19.16 13.28
C PHE A 71 -30.80 -18.47 13.23
N ARG A 72 -30.77 -17.26 13.78
CA ARG A 72 -29.58 -16.41 13.79
C ARG A 72 -29.32 -15.98 15.24
N MET A 73 -28.26 -16.52 15.85
CA MET A 73 -27.88 -16.14 17.20
C MET A 73 -27.14 -14.81 17.20
N PHE A 74 -27.57 -13.88 18.06
CA PHE A 74 -26.92 -12.58 18.26
C PHE A 74 -26.40 -12.50 19.68
N PRO A 75 -25.32 -13.21 20.00
CA PRO A 75 -24.84 -13.23 21.40
C PRO A 75 -24.44 -11.88 21.94
N THR A 76 -23.89 -10.99 21.11
CA THR A 76 -23.56 -9.66 21.59
C THR A 76 -24.80 -8.84 21.92
N GLN A 77 -25.94 -9.19 21.35
CA GLN A 77 -27.20 -8.49 21.60
C GLN A 77 -28.10 -9.22 22.59
N GLY A 78 -27.76 -10.45 22.96
CA GLY A 78 -28.54 -11.18 23.93
C GLY A 78 -29.84 -11.77 23.45
N PHE A 79 -29.99 -12.05 22.16
CA PHE A 79 -31.18 -12.71 21.67
C PHE A 79 -30.86 -13.51 20.41
N THR A 80 -31.81 -14.35 20.01
CA THR A 80 -31.75 -15.07 18.74
C THR A 80 -32.97 -14.76 17.90
N GLU A 81 -32.73 -14.58 16.61
CA GLU A 81 -33.79 -14.35 15.63
C GLU A 81 -34.28 -15.68 15.06
N ILE A 82 -35.59 -15.89 15.05
CA ILE A 82 -36.20 -17.02 14.36
C ILE A 82 -36.41 -16.61 12.90
N VAL A 83 -35.76 -17.33 11.99
CA VAL A 83 -35.72 -16.92 10.57
C VAL A 83 -36.75 -17.68 9.72
N PHE A 84 -36.74 -19.02 9.78
CA PHE A 84 -37.73 -19.84 9.09
C PHE A 84 -38.15 -21.00 9.99
N CYS A 85 -39.43 -21.34 9.97
CA CYS A 85 -39.96 -22.52 10.63
C CYS A 85 -40.86 -23.26 9.64
N ALA A 86 -40.63 -24.56 9.47
CA ALA A 86 -41.46 -25.32 8.56
C ALA A 86 -41.38 -26.79 8.90
N VAL A 87 -42.51 -27.47 8.76
CA VAL A 87 -42.62 -28.92 8.75
C VAL A 87 -43.33 -29.30 7.48
N THR A 88 -42.84 -30.33 6.80
CA THR A 88 -43.46 -30.71 5.52
C THR A 88 -44.92 -31.13 5.76
N SER A 89 -45.75 -30.89 4.75
CA SER A 89 -47.20 -30.97 4.93
C SER A 89 -47.65 -32.33 5.43
N ASN A 90 -46.99 -33.40 4.97
CA ASN A 90 -47.36 -34.76 5.37
C ASN A 90 -47.06 -35.05 6.83
N GLU A 91 -46.25 -34.22 7.49
CA GLU A 91 -45.85 -34.47 8.87
C GLU A 91 -46.40 -33.43 9.84
N GLN A 92 -47.25 -32.52 9.37
CA GLN A 92 -47.80 -31.50 10.24
C GLN A 92 -48.88 -32.09 11.15
N VAL A 93 -49.34 -31.26 12.10
CA VAL A 93 -50.25 -31.60 13.18
C VAL A 93 -49.91 -32.94 13.83
N LYS A 94 -48.61 -33.19 14.01
CA LYS A 94 -48.15 -34.33 14.78
C LYS A 94 -47.34 -33.94 16.01
N GLY A 95 -47.12 -32.65 16.25
CA GLY A 95 -46.29 -32.18 17.34
C GLY A 95 -44.84 -31.90 16.99
N TYR A 96 -44.45 -32.08 15.73
CA TYR A 96 -43.05 -31.90 15.36
C TYR A 96 -42.61 -30.44 15.53
N GLY A 97 -43.46 -29.49 15.14
CA GLY A 97 -43.10 -28.10 15.28
C GLY A 97 -42.90 -27.67 16.71
N THR A 98 -43.67 -28.26 17.63
CA THR A 98 -43.48 -28.00 19.06
C THR A 98 -42.17 -28.61 19.55
N HIS A 99 -41.90 -29.86 19.19
CA HIS A 99 -40.65 -30.49 19.58
C HIS A 99 -39.45 -29.73 19.05
N LEU A 100 -39.56 -29.23 17.81
CA LEU A 100 -38.50 -28.41 17.24
C LEU A 100 -38.24 -27.17 18.09
N MET A 101 -39.29 -26.42 18.42
CA MET A 101 -39.11 -25.22 19.22
C MET A 101 -38.57 -25.56 20.61
N ASN A 102 -39.06 -26.64 21.21
CA ASN A 102 -38.55 -27.08 22.50
C ASN A 102 -37.06 -27.38 22.44
N HIS A 103 -36.63 -28.15 21.44
CA HIS A 103 -35.20 -28.41 21.28
C HIS A 103 -34.44 -27.12 21.06
N LEU A 104 -35.02 -26.17 20.33
CA LEU A 104 -34.35 -24.89 20.13
C LEU A 104 -34.24 -24.12 21.43
N LYS A 105 -35.24 -24.21 22.30
CA LYS A 105 -35.19 -23.54 23.59
C LYS A 105 -34.10 -24.13 24.48
N GLU A 106 -34.10 -25.46 24.61
CA GLU A 106 -33.06 -26.14 25.38
C GLU A 106 -31.68 -25.76 24.87
N TYR A 107 -31.49 -25.78 23.54
CA TYR A 107 -30.22 -25.38 22.97
C TYR A 107 -29.80 -23.98 23.44
N HIS A 108 -30.75 -23.05 23.51
CA HIS A 108 -30.37 -21.66 23.75
C HIS A 108 -30.10 -21.37 25.23
N ILE A 109 -30.83 -22.01 26.15
CA ILE A 109 -30.48 -21.82 27.56
C ILE A 109 -29.07 -22.35 27.83
N LYS A 110 -28.67 -23.42 27.15
CA LYS A 110 -27.32 -23.93 27.28
C LYS A 110 -26.27 -22.99 26.68
N HIS A 111 -26.68 -22.04 25.84
CA HIS A 111 -25.77 -21.05 25.27
C HIS A 111 -26.01 -19.65 25.81
N ASN A 112 -26.67 -19.53 26.96
CA ASN A 112 -26.81 -18.27 27.68
C ASN A 112 -27.54 -17.21 26.86
N ILE A 113 -28.48 -17.62 26.02
CA ILE A 113 -29.35 -16.71 25.29
C ILE A 113 -30.78 -17.01 25.70
N LEU A 114 -31.49 -15.98 26.17
CA LEU A 114 -32.75 -16.19 26.85
C LEU A 114 -33.94 -15.49 26.19
N TYR A 115 -33.75 -14.91 25.01
CA TYR A 115 -34.83 -14.24 24.27
C TYR A 115 -34.84 -14.68 22.82
N PHE A 116 -36.02 -15.02 22.31
CA PHE A 116 -36.27 -15.20 20.89
C PHE A 116 -37.05 -14.00 20.37
N LEU A 117 -36.70 -13.55 19.16
CA LEU A 117 -37.48 -12.55 18.44
C LEU A 117 -37.81 -13.07 17.05
N THR A 118 -39.00 -12.74 16.57
CA THR A 118 -39.39 -13.16 15.23
C THR A 118 -40.47 -12.23 14.72
N TYR A 119 -40.64 -12.23 13.40
CA TYR A 119 -41.76 -11.56 12.75
C TYR A 119 -42.71 -12.62 12.23
N ALA A 120 -43.97 -12.53 12.62
CA ALA A 120 -44.99 -13.50 12.25
C ALA A 120 -46.14 -12.79 11.55
N ASP A 121 -46.54 -13.32 10.40
CA ASP A 121 -47.74 -12.76 9.78
C ASP A 121 -48.98 -13.39 10.42
N GLU A 122 -50.15 -12.95 9.96
CA GLU A 122 -51.41 -13.37 10.54
C GLU A 122 -51.59 -14.88 10.50
N TYR A 123 -50.98 -15.55 9.52
CA TYR A 123 -51.17 -16.99 9.36
C TYR A 123 -50.25 -17.82 10.24
N ALA A 124 -49.28 -17.20 10.92
CA ALA A 124 -48.36 -17.93 11.77
C ALA A 124 -48.41 -17.53 13.24
N ILE A 125 -49.12 -16.46 13.58
CA ILE A 125 -49.10 -15.94 14.95
C ILE A 125 -49.58 -17.01 15.93
N GLY A 126 -50.60 -17.78 15.54
CA GLY A 126 -51.16 -18.77 16.44
C GLY A 126 -50.18 -19.85 16.82
N TYR A 127 -49.31 -20.26 15.88
CA TYR A 127 -48.28 -21.24 16.22
C TYR A 127 -47.32 -20.67 17.25
N PHE A 128 -46.88 -19.43 17.06
CA PHE A 128 -45.91 -18.84 17.98
C PHE A 128 -46.54 -18.55 19.34
N LYS A 129 -47.82 -18.16 19.36
CA LYS A 129 -48.50 -18.01 20.65
C LYS A 129 -48.53 -19.33 21.41
N LYS A 130 -48.72 -20.44 20.70
CA LYS A 130 -48.73 -21.73 21.39
C LYS A 130 -47.34 -22.16 21.84
N GLN A 131 -46.29 -21.57 21.28
CA GLN A 131 -44.93 -21.82 21.76
C GLN A 131 -44.49 -20.80 22.81
N GLY A 132 -45.39 -19.98 23.30
CA GLY A 132 -45.09 -19.04 24.37
C GLY A 132 -44.62 -17.67 23.92
N PHE A 133 -44.76 -17.33 22.65
CA PHE A 133 -44.37 -16.02 22.16
C PHE A 133 -45.46 -14.99 22.46
N SER A 134 -45.05 -13.73 22.59
CA SER A 134 -45.96 -12.65 22.93
C SER A 134 -45.72 -11.46 22.02
N LYS A 135 -46.79 -10.68 21.78
CA LYS A 135 -46.67 -9.40 21.10
C LYS A 135 -46.07 -8.31 21.98
N ASP A 136 -45.91 -8.58 23.27
CA ASP A 136 -45.35 -7.61 24.21
C ASP A 136 -43.83 -7.74 24.20
N ILE A 137 -43.16 -6.75 23.62
CA ILE A 137 -41.72 -6.81 23.37
C ILE A 137 -40.99 -6.07 24.48
N LYS A 138 -40.17 -6.78 25.24
CA LYS A 138 -39.39 -6.18 26.30
C LYS A 138 -38.01 -5.77 25.85
N VAL A 139 -37.44 -6.48 24.88
CA VAL A 139 -36.16 -6.10 24.30
C VAL A 139 -36.29 -4.70 23.69
N PRO A 140 -35.49 -3.72 24.12
CA PRO A 140 -35.58 -2.38 23.53
C PRO A 140 -35.29 -2.40 22.03
N LYS A 141 -35.89 -1.46 21.32
CA LYS A 141 -35.70 -1.39 19.88
C LYS A 141 -34.24 -1.16 19.51
N SER A 142 -33.51 -0.40 20.31
CA SER A 142 -32.08 -0.18 20.04
C SER A 142 -31.29 -1.47 20.06
N ARG A 143 -31.83 -2.54 20.65
CA ARG A 143 -31.16 -3.82 20.69
C ARG A 143 -31.37 -4.66 19.43
N TYR A 144 -32.53 -4.55 18.77
CA TYR A 144 -32.82 -5.44 17.66
C TYR A 144 -32.98 -4.75 16.31
N LEU A 145 -33.36 -3.46 16.28
CA LEU A 145 -33.59 -2.78 15.00
C LEU A 145 -32.30 -2.71 14.21
N GLY A 146 -32.32 -3.23 12.99
CA GLY A 146 -31.15 -3.27 12.13
C GLY A 146 -30.33 -4.53 12.25
N TYR A 147 -30.65 -5.42 13.19
CA TYR A 147 -29.98 -6.70 13.31
C TYR A 147 -30.85 -7.86 12.84
N ILE A 148 -32.09 -7.92 13.31
CA ILE A 148 -33.03 -8.88 12.76
C ILE A 148 -33.61 -8.31 11.47
N LYS A 149 -34.09 -9.20 10.61
CA LYS A 149 -34.73 -8.77 9.38
C LYS A 149 -36.11 -8.21 9.69
N ASP A 150 -36.34 -6.95 9.34
CA ASP A 150 -37.65 -6.34 9.55
C ASP A 150 -38.59 -6.74 8.43
N TYR A 151 -39.82 -7.10 8.79
CA TYR A 151 -40.88 -7.38 7.83
C TYR A 151 -42.02 -6.42 8.12
N GLU A 152 -42.13 -5.36 7.32
CA GLU A 152 -43.24 -4.43 7.48
C GLU A 152 -44.56 -5.13 7.19
N GLY A 153 -45.56 -4.84 8.03
CA GLY A 153 -46.83 -5.52 7.94
C GLY A 153 -46.94 -6.78 8.76
N ALA A 154 -45.82 -7.36 9.21
CA ALA A 154 -45.87 -8.51 10.09
C ALA A 154 -45.86 -8.07 11.56
N THR A 155 -46.10 -9.02 12.46
CA THR A 155 -46.13 -8.74 13.88
C THR A 155 -44.87 -9.26 14.55
N LEU A 156 -44.13 -8.35 15.17
CA LEU A 156 -42.96 -8.72 15.98
C LEU A 156 -43.40 -9.48 17.21
N MET A 157 -42.79 -10.65 17.45
CA MET A 157 -43.14 -11.51 18.57
C MET A 157 -41.87 -11.83 19.35
N GLU A 158 -42.04 -12.06 20.66
CA GLU A 158 -40.94 -12.32 21.57
C GLU A 158 -41.25 -13.51 22.46
N CYS A 159 -40.23 -14.33 22.71
CA CYS A 159 -40.33 -15.43 23.66
C CYS A 159 -39.21 -15.30 24.70
N GLU A 160 -39.58 -15.35 25.98
CA GLU A 160 -38.59 -15.30 27.04
C GLU A 160 -38.34 -16.71 27.57
N LEU A 161 -37.08 -17.05 27.76
CA LEU A 161 -36.69 -18.39 28.19
C LEU A 161 -36.22 -18.35 29.65
N ASN A 162 -36.40 -19.47 30.33
CA ASN A 162 -36.01 -19.62 31.73
C ASN A 162 -34.92 -20.69 31.81
N PRO A 163 -33.68 -20.31 32.14
CA PRO A 163 -32.59 -21.30 32.19
C PRO A 163 -32.72 -22.31 33.31
N ARG A 164 -33.71 -22.16 34.20
CA ARG A 164 -33.93 -23.08 35.30
C ARG A 164 -34.96 -24.15 34.94
N ILE A 165 -35.35 -24.21 33.67
CA ILE A 165 -36.42 -25.08 33.20
C ILE A 165 -35.82 -26.04 32.18
N PRO A 166 -36.06 -27.35 32.30
CA PRO A 166 -35.66 -28.27 31.24
C PRO A 166 -36.73 -28.28 30.14
N TYR A 167 -36.33 -27.90 28.92
CA TYR A 167 -37.31 -27.85 27.84
C TYR A 167 -37.45 -29.15 27.08
N THR A 168 -36.42 -30.00 27.11
CA THR A 168 -36.48 -31.30 26.46
C THR A 168 -36.17 -32.43 27.44
N ILE B 4 -18.92 2.32 -22.59
CA ILE B 4 -19.33 1.13 -21.85
C ILE B 4 -19.21 1.36 -20.33
N ILE B 5 -20.29 1.01 -19.61
CA ILE B 5 -20.48 1.37 -18.22
C ILE B 5 -20.05 0.20 -17.33
N GLU B 6 -19.31 0.50 -16.26
CA GLU B 6 -18.96 -0.50 -15.25
C GLU B 6 -19.15 0.09 -13.86
N PHE B 7 -19.47 -0.79 -12.91
CA PHE B 7 -19.57 -0.46 -11.49
C PHE B 7 -18.54 -1.27 -10.73
N HIS B 8 -17.77 -0.63 -9.86
CA HIS B 8 -16.76 -1.29 -9.05
C HIS B 8 -16.76 -0.73 -7.65
N VAL B 9 -16.75 -1.61 -6.66
CA VAL B 9 -16.53 -1.23 -5.26
C VAL B 9 -15.03 -1.32 -4.98
N ILE B 10 -14.40 -0.19 -4.68
CA ILE B 10 -12.97 -0.12 -4.49
C ILE B 10 -12.67 0.65 -3.19
N GLY B 11 -11.39 0.71 -2.86
CA GLY B 11 -10.94 1.42 -1.68
C GLY B 11 -9.45 1.22 -1.52
N ASN B 12 -8.85 2.09 -0.71
CA ASN B 12 -7.45 1.97 -0.37
C ASN B 12 -7.30 0.95 0.74
N SER B 13 -6.53 -0.11 0.50
CA SER B 13 -6.31 -1.14 1.50
C SER B 13 -5.08 -0.78 2.34
N ALA B 18 -0.60 -3.40 -4.40
CA ALA B 18 -0.08 -2.57 -5.48
C ALA B 18 -1.07 -2.60 -6.64
N ASN B 19 -1.69 -1.47 -6.94
CA ASN B 19 -2.60 -1.38 -8.08
C ASN B 19 -2.72 0.09 -8.47
N ARG B 20 -2.13 0.44 -9.61
CA ARG B 20 -2.17 1.82 -10.08
C ARG B 20 -3.56 2.20 -10.56
N ARG B 21 -4.27 1.26 -11.18
CA ARG B 21 -5.58 1.55 -11.75
C ARG B 21 -6.57 1.95 -10.66
N VAL B 22 -6.58 1.23 -9.54
CA VAL B 22 -7.43 1.59 -8.41
C VAL B 22 -7.00 2.93 -7.83
N LEU B 23 -5.68 3.14 -7.72
CA LEU B 23 -5.17 4.39 -7.17
C LEU B 23 -5.64 5.59 -7.97
N LEU B 24 -5.57 5.50 -9.30
CA LEU B 24 -5.97 6.61 -10.15
C LEU B 24 -7.49 6.76 -10.19
N TRP B 25 -8.23 5.65 -10.03
CA TRP B 25 -9.67 5.75 -9.90
C TRP B 25 -10.06 6.50 -8.63
N LEU B 26 -9.38 6.20 -7.51
CA LEU B 26 -9.65 6.88 -6.26
C LEU B 26 -9.37 8.37 -6.38
N VAL B 27 -8.28 8.73 -7.10
CA VAL B 27 -8.00 10.13 -7.37
C VAL B 27 -9.12 10.75 -8.20
N GLY B 28 -9.57 10.04 -9.23
CA GLY B 28 -10.69 10.54 -10.03
C GLY B 28 -11.95 10.71 -9.21
N LEU B 29 -12.25 9.76 -8.32
CA LEU B 29 -13.40 9.90 -7.45
C LEU B 29 -13.23 11.10 -6.52
N GLN B 30 -12.03 11.29 -5.99
CA GLN B 30 -11.77 12.45 -5.14
C GLN B 30 -11.95 13.74 -5.92
N ASN B 31 -11.54 13.77 -7.19
CA ASN B 31 -11.74 14.96 -8.02
C ASN B 31 -13.23 15.23 -8.23
N VAL B 32 -13.99 14.21 -8.59
CA VAL B 32 -15.41 14.42 -8.90
C VAL B 32 -16.17 14.82 -7.64
N PHE B 33 -15.89 14.17 -6.50
CA PHE B 33 -16.51 14.59 -5.25
C PHE B 33 -16.16 16.04 -4.93
N SER B 34 -14.90 16.41 -5.11
CA SER B 34 -14.45 17.75 -4.75
C SER B 34 -15.08 18.80 -5.64
N HIS B 35 -15.12 18.56 -6.96
CA HIS B 35 -15.69 19.54 -7.86
C HIS B 35 -17.20 19.67 -7.68
N GLN B 36 -17.89 18.58 -7.36
CA GLN B 36 -19.34 18.64 -7.19
C GLN B 36 -19.77 19.05 -5.79
N LEU B 37 -18.86 18.98 -4.80
CA LEU B 37 -19.17 19.39 -3.43
C LEU B 37 -18.17 20.47 -3.03
N PRO B 38 -18.30 21.69 -3.57
CA PRO B 38 -17.26 22.71 -3.35
C PRO B 38 -17.11 23.16 -1.91
N ARG B 39 -18.10 22.94 -1.04
CA ARG B 39 -17.95 23.35 0.34
C ARG B 39 -17.31 22.27 1.21
N MET B 40 -17.11 21.07 0.67
CA MET B 40 -16.31 20.06 1.36
C MET B 40 -14.82 20.33 1.08
N PRO B 41 -14.00 20.48 2.11
CA PRO B 41 -12.57 20.68 1.87
C PRO B 41 -11.96 19.52 1.11
N LYS B 42 -11.11 19.84 0.14
CA LYS B 42 -10.54 18.81 -0.74
C LYS B 42 -9.73 17.80 0.05
N GLU B 43 -8.97 18.25 1.05
CA GLU B 43 -8.14 17.33 1.82
C GLU B 43 -8.97 16.42 2.71
N TYR B 44 -10.13 16.90 3.16
CA TYR B 44 -11.04 16.06 3.92
C TYR B 44 -11.63 14.97 3.04
N ILE B 45 -12.04 15.33 1.82
CA ILE B 45 -12.53 14.32 0.89
C ILE B 45 -11.45 13.29 0.61
N ALA B 46 -10.22 13.76 0.38
CA ALA B 46 -9.11 12.85 0.10
C ALA B 46 -8.85 11.93 1.28
N ARG B 47 -8.82 12.49 2.48
CA ARG B 47 -8.54 11.71 3.68
C ARG B 47 -9.59 10.61 3.89
N LEU B 48 -10.85 10.88 3.55
CA LEU B 48 -11.87 9.85 3.70
C LEU B 48 -11.86 8.84 2.54
N VAL B 49 -11.70 9.35 1.31
CA VAL B 49 -11.70 8.47 0.15
C VAL B 49 -10.55 7.46 0.23
N PHE B 50 -9.40 7.90 0.73
CA PHE B 50 -8.26 7.00 0.89
C PHE B 50 -8.22 6.34 2.26
N ASP B 51 -9.26 6.52 3.09
CA ASP B 51 -9.30 5.81 4.35
C ASP B 51 -9.73 4.36 4.15
N PRO B 52 -9.02 3.40 4.74
CA PRO B 52 -9.27 1.98 4.39
C PRO B 52 -10.57 1.41 4.93
N LYS B 53 -11.14 1.98 5.99
CA LYS B 53 -12.47 1.57 6.42
C LYS B 53 -13.57 2.17 5.56
N HIS B 54 -13.22 3.08 4.65
CA HIS B 54 -14.18 3.65 3.69
C HIS B 54 -14.05 2.92 2.36
N LYS B 55 -15.19 2.67 1.72
CA LYS B 55 -15.23 2.14 0.37
C LYS B 55 -15.93 3.13 -0.55
N THR B 56 -15.70 2.97 -1.85
CA THR B 56 -16.36 3.80 -2.85
C THR B 56 -16.85 2.92 -3.99
N LEU B 57 -18.15 3.02 -4.30
CA LEU B 57 -18.71 2.42 -5.49
C LEU B 57 -18.44 3.37 -6.67
N ALA B 58 -17.60 2.94 -7.61
CA ALA B 58 -17.15 3.79 -8.69
C ALA B 58 -17.94 3.50 -9.96
N LEU B 59 -18.41 4.57 -10.62
CA LEU B 59 -19.09 4.47 -11.90
C LEU B 59 -18.08 4.78 -12.99
N ILE B 60 -17.75 3.77 -13.80
CA ILE B 60 -16.68 3.86 -14.79
C ILE B 60 -17.31 3.87 -16.18
N LYS B 61 -17.02 4.91 -16.96
CA LYS B 61 -17.42 4.98 -18.36
C LYS B 61 -16.17 5.10 -19.21
N ASP B 62 -15.98 4.11 -20.09
CA ASP B 62 -14.84 4.07 -21.01
C ASP B 62 -13.52 4.20 -20.25
N GLY B 63 -13.41 3.44 -19.16
CA GLY B 63 -12.22 3.43 -18.34
C GLY B 63 -12.03 4.63 -17.43
N ARG B 64 -12.96 5.58 -17.43
CA ARG B 64 -12.80 6.85 -16.72
C ARG B 64 -13.90 7.04 -15.67
N VAL B 65 -13.52 7.57 -14.51
CA VAL B 65 -14.48 7.84 -13.44
C VAL B 65 -15.40 8.98 -13.85
N ILE B 66 -16.72 8.75 -13.78
CA ILE B 66 -17.70 9.80 -13.99
C ILE B 66 -18.65 9.95 -12.81
N GLY B 67 -18.50 9.16 -11.76
CA GLY B 67 -19.34 9.29 -10.59
C GLY B 67 -18.96 8.26 -9.54
N GLY B 68 -19.63 8.34 -8.41
CA GLY B 68 -19.40 7.36 -7.36
C GLY B 68 -20.18 7.69 -6.10
N ILE B 69 -20.22 6.71 -5.20
CA ILE B 69 -20.73 6.88 -3.84
C ILE B 69 -19.67 6.36 -2.87
N CYS B 70 -19.13 7.25 -2.04
CA CYS B 70 -18.24 6.85 -0.96
C CYS B 70 -19.07 6.55 0.28
N PHE B 71 -18.81 5.42 0.91
CA PHE B 71 -19.64 4.97 2.02
C PHE B 71 -18.77 4.28 3.06
N ARG B 72 -19.33 4.14 4.26
CA ARG B 72 -18.63 3.52 5.39
C ARG B 72 -19.57 2.50 6.01
N MET B 73 -19.22 1.22 5.90
CA MET B 73 -20.02 0.17 6.49
C MET B 73 -19.77 0.09 7.99
N PHE B 74 -20.85 0.06 8.77
CA PHE B 74 -20.78 -0.15 10.23
C PHE B 74 -21.50 -1.45 10.57
N PRO B 75 -20.90 -2.60 10.27
CA PRO B 75 -21.62 -3.87 10.49
C PRO B 75 -21.95 -4.12 11.96
N THR B 76 -21.10 -3.68 12.89
CA THR B 76 -21.45 -3.84 14.30
C THR B 76 -22.69 -3.02 14.68
N GLN B 77 -22.96 -1.93 13.95
CA GLN B 77 -24.08 -1.06 14.26
C GLN B 77 -25.29 -1.29 13.38
N GLY B 78 -25.16 -2.13 12.35
CA GLY B 78 -26.30 -2.46 11.52
C GLY B 78 -26.70 -1.43 10.48
N PHE B 79 -25.81 -0.51 10.12
CA PHE B 79 -26.12 0.44 9.05
C PHE B 79 -24.84 0.81 8.31
N THR B 80 -25.03 1.51 7.19
CA THR B 80 -23.93 2.08 6.43
C THR B 80 -24.15 3.59 6.32
N GLU B 81 -23.06 4.35 6.44
CA GLU B 81 -23.09 5.80 6.31
C GLU B 81 -22.78 6.19 4.86
N ILE B 82 -23.66 6.97 4.26
CA ILE B 82 -23.41 7.55 2.95
C ILE B 82 -22.57 8.82 3.13
N VAL B 83 -21.37 8.82 2.58
CA VAL B 83 -20.37 9.85 2.86
C VAL B 83 -20.30 10.92 1.76
N PHE B 84 -20.13 10.50 0.50
CA PHE B 84 -20.18 11.41 -0.66
C PHE B 84 -20.91 10.73 -1.81
N CYS B 85 -21.78 11.48 -2.50
CA CYS B 85 -22.40 11.06 -3.75
C CYS B 85 -22.18 12.14 -4.80
N ALA B 86 -21.74 11.74 -5.99
CA ALA B 86 -21.60 12.73 -7.06
C ALA B 86 -21.58 12.05 -8.42
N VAL B 87 -22.10 12.78 -9.41
CA VAL B 87 -21.94 12.46 -10.82
C VAL B 87 -21.40 13.70 -11.51
N THR B 88 -20.43 13.51 -12.40
CA THR B 88 -19.81 14.63 -13.08
C THR B 88 -20.86 15.40 -13.89
N SER B 89 -20.63 16.71 -14.05
CA SER B 89 -21.70 17.60 -14.50
C SER B 89 -22.28 17.19 -15.85
N ASN B 90 -21.43 16.82 -16.80
CA ASN B 90 -21.94 16.52 -18.13
C ASN B 90 -22.62 15.16 -18.23
N GLU B 91 -22.62 14.37 -17.16
CA GLU B 91 -23.31 13.08 -17.17
C GLU B 91 -24.54 13.06 -16.28
N GLN B 92 -24.89 14.17 -15.66
CA GLN B 92 -26.01 14.20 -14.74
C GLN B 92 -27.34 14.17 -15.49
N VAL B 93 -28.42 13.90 -14.74
CA VAL B 93 -29.79 13.83 -15.25
C VAL B 93 -29.86 12.82 -16.39
N LYS B 94 -29.18 11.69 -16.22
CA LYS B 94 -29.28 10.57 -17.15
C LYS B 94 -29.65 9.27 -16.45
N GLY B 95 -29.88 9.30 -15.14
CA GLY B 95 -30.16 8.10 -14.37
C GLY B 95 -28.97 7.50 -13.65
N TYR B 96 -27.77 8.07 -13.83
CA TYR B 96 -26.57 7.45 -13.27
C TYR B 96 -26.60 7.47 -11.74
N GLY B 97 -27.05 8.58 -11.15
CA GLY B 97 -27.15 8.63 -9.70
C GLY B 97 -28.13 7.62 -9.15
N THR B 98 -29.21 7.37 -9.88
CA THR B 98 -30.15 6.33 -9.45
C THR B 98 -29.53 4.94 -9.58
N HIS B 99 -28.80 4.69 -10.68
CA HIS B 99 -28.18 3.39 -10.87
C HIS B 99 -27.08 3.13 -9.84
N LEU B 100 -26.30 4.15 -9.52
CA LEU B 100 -25.31 4.03 -8.45
C LEU B 100 -25.96 3.59 -7.14
N MET B 101 -27.00 4.31 -6.71
CA MET B 101 -27.63 3.98 -5.43
C MET B 101 -28.25 2.59 -5.46
N ASN B 102 -28.83 2.20 -6.61
CA ASN B 102 -29.40 0.86 -6.74
C ASN B 102 -28.33 -0.21 -6.59
N HIS B 103 -27.19 -0.03 -7.26
CA HIS B 103 -26.07 -0.96 -7.10
C HIS B 103 -25.56 -0.98 -5.67
N LEU B 104 -25.54 0.18 -5.00
CA LEU B 104 -25.12 0.22 -3.62
C LEU B 104 -26.10 -0.56 -2.74
N LYS B 105 -27.40 -0.44 -3.02
CA LYS B 105 -28.40 -1.18 -2.26
C LYS B 105 -28.21 -2.68 -2.45
N GLU B 106 -28.02 -3.12 -3.70
CA GLU B 106 -27.83 -4.53 -3.98
C GLU B 106 -26.56 -5.05 -3.30
N TYR B 107 -25.50 -4.25 -3.29
CA TYR B 107 -24.27 -4.65 -2.61
C TYR B 107 -24.51 -4.86 -1.12
N HIS B 108 -25.39 -4.05 -0.52
CA HIS B 108 -25.61 -4.14 0.91
C HIS B 108 -26.57 -5.26 1.28
N ILE B 109 -27.51 -5.59 0.39
CA ILE B 109 -28.36 -6.75 0.59
C ILE B 109 -27.50 -8.01 0.73
N LYS B 110 -26.50 -8.16 -0.13
CA LYS B 110 -25.68 -9.37 -0.13
C LYS B 110 -24.71 -9.38 1.04
N HIS B 111 -24.48 -8.24 1.68
CA HIS B 111 -23.70 -8.18 2.91
C HIS B 111 -24.56 -7.99 4.14
N ASN B 112 -25.89 -8.07 3.98
CA ASN B 112 -26.84 -8.03 5.09
C ASN B 112 -26.67 -6.76 5.94
N ILE B 113 -26.61 -5.61 5.27
CA ILE B 113 -26.76 -4.32 5.93
C ILE B 113 -27.93 -3.63 5.26
N LEU B 114 -28.98 -3.36 6.05
CA LEU B 114 -30.27 -2.98 5.49
C LEU B 114 -30.70 -1.56 5.86
N TYR B 115 -29.80 -0.73 6.39
CA TYR B 115 -30.10 0.66 6.69
C TYR B 115 -28.99 1.56 6.16
N PHE B 116 -29.37 2.61 5.44
CA PHE B 116 -28.49 3.71 5.07
C PHE B 116 -28.81 4.93 5.93
N LEU B 117 -27.79 5.65 6.35
CA LEU B 117 -27.93 6.94 7.02
C LEU B 117 -27.04 7.97 6.33
N THR B 118 -27.51 9.21 6.26
CA THR B 118 -26.73 10.27 5.64
C THR B 118 -27.24 11.61 6.14
N TYR B 119 -26.38 12.62 6.01
CA TYR B 119 -26.75 14.01 6.29
C TYR B 119 -26.82 14.74 4.95
N ALA B 120 -27.98 15.32 4.66
CA ALA B 120 -28.24 15.98 3.39
C ALA B 120 -28.50 17.47 3.63
N ASP B 121 -27.87 18.33 2.84
CA ASP B 121 -28.25 19.73 2.90
C ASP B 121 -29.52 19.93 2.06
N GLU B 122 -30.04 21.15 2.04
CA GLU B 122 -31.32 21.37 1.37
C GLU B 122 -31.24 21.04 -0.11
N TYR B 123 -30.06 21.18 -0.72
CA TYR B 123 -29.90 20.91 -2.14
C TYR B 123 -29.81 19.43 -2.47
N ALA B 124 -29.53 18.57 -1.50
CA ALA B 124 -29.39 17.14 -1.75
C ALA B 124 -30.61 16.33 -1.32
N ILE B 125 -31.50 16.89 -0.50
CA ILE B 125 -32.62 16.15 0.07
C ILE B 125 -33.49 15.54 -1.03
N GLY B 126 -33.68 16.27 -2.14
CA GLY B 126 -34.55 15.78 -3.18
C GLY B 126 -34.06 14.48 -3.80
N TYR B 127 -32.76 14.41 -4.09
CA TYR B 127 -32.18 13.19 -4.65
C TYR B 127 -32.36 12.01 -3.71
N PHE B 128 -32.07 12.19 -2.42
CA PHE B 128 -32.20 11.08 -1.47
C PHE B 128 -33.65 10.65 -1.32
N LYS B 129 -34.59 11.60 -1.31
CA LYS B 129 -36.00 11.24 -1.24
C LYS B 129 -36.41 10.38 -2.44
N LYS B 130 -35.89 10.71 -3.63
CA LYS B 130 -36.22 9.90 -4.79
C LYS B 130 -35.53 8.54 -4.76
N GLN B 131 -34.51 8.36 -3.93
CA GLN B 131 -33.90 7.06 -3.73
C GLN B 131 -34.50 6.32 -2.53
N GLY B 132 -35.64 6.78 -2.02
CA GLY B 132 -36.32 6.07 -0.96
C GLY B 132 -35.92 6.46 0.45
N PHE B 133 -35.10 7.49 0.63
CA PHE B 133 -34.73 7.96 1.95
C PHE B 133 -35.84 8.81 2.56
N SER B 134 -35.86 8.84 3.89
CA SER B 134 -36.87 9.60 4.62
C SER B 134 -36.22 10.36 5.77
N LYS B 135 -36.87 11.44 6.18
CA LYS B 135 -36.49 12.19 7.37
C LYS B 135 -36.89 11.49 8.67
N ASP B 136 -37.66 10.40 8.59
CA ASP B 136 -38.10 9.65 9.77
C ASP B 136 -37.03 8.61 10.09
N ILE B 137 -36.30 8.82 11.18
CA ILE B 137 -35.14 8.01 11.51
C ILE B 137 -35.57 6.92 12.49
N LYS B 138 -35.52 5.67 12.05
CA LYS B 138 -35.86 4.55 12.93
C LYS B 138 -34.66 4.03 13.71
N VAL B 139 -33.45 4.14 13.17
CA VAL B 139 -32.25 3.76 13.92
C VAL B 139 -32.09 4.70 15.12
N PRO B 140 -31.99 4.18 16.33
CA PRO B 140 -31.93 5.06 17.51
C PRO B 140 -30.68 5.91 17.52
N LYS B 141 -30.79 7.08 18.15
CA LYS B 141 -29.63 7.98 18.28
C LYS B 141 -28.45 7.27 18.93
N SER B 142 -28.71 6.42 19.92
CA SER B 142 -27.63 5.71 20.59
C SER B 142 -26.88 4.75 19.67
N ARG B 143 -27.41 4.48 18.48
CA ARG B 143 -26.73 3.59 17.55
C ARG B 143 -25.84 4.31 16.55
N TYR B 144 -26.13 5.57 16.21
CA TYR B 144 -25.37 6.25 15.17
C TYR B 144 -24.56 7.44 15.64
N LEU B 145 -25.00 8.16 16.68
CA LEU B 145 -24.31 9.38 17.09
C LEU B 145 -22.91 9.04 17.60
N GLY B 146 -21.91 9.74 17.06
CA GLY B 146 -20.52 9.45 17.36
C GLY B 146 -19.89 8.38 16.51
N TYR B 147 -20.68 7.73 15.66
CA TYR B 147 -20.13 6.79 14.68
C TYR B 147 -20.15 7.42 13.29
N ILE B 148 -21.34 7.80 12.80
CA ILE B 148 -21.40 8.66 11.63
C ILE B 148 -20.94 10.05 12.02
N LYS B 149 -20.35 10.76 11.07
CA LYS B 149 -20.05 12.17 11.27
C LYS B 149 -21.33 12.97 11.16
N ASP B 150 -21.62 13.79 12.17
CA ASP B 150 -22.81 14.61 12.07
C ASP B 150 -22.45 15.98 11.51
N TYR B 151 -23.47 16.63 10.93
CA TYR B 151 -23.30 17.92 10.29
C TYR B 151 -24.35 18.86 10.84
N GLU B 152 -23.89 19.92 11.50
CA GLU B 152 -24.75 20.93 12.08
C GLU B 152 -25.61 21.60 11.01
N GLY B 153 -26.93 21.46 11.16
CA GLY B 153 -27.85 22.13 10.26
C GLY B 153 -28.28 21.35 9.04
N ALA B 154 -27.62 20.25 8.70
CA ALA B 154 -28.08 19.38 7.64
C ALA B 154 -29.15 18.42 8.17
N THR B 155 -29.86 17.77 7.26
CA THR B 155 -30.96 16.88 7.63
C THR B 155 -30.50 15.43 7.57
N LEU B 156 -30.60 14.74 8.71
CA LEU B 156 -30.34 13.30 8.76
C LEU B 156 -31.42 12.54 8.00
N MET B 157 -31.00 11.69 7.07
CA MET B 157 -31.91 10.92 6.24
C MET B 157 -31.60 9.44 6.39
N GLU B 158 -32.65 8.62 6.30
CA GLU B 158 -32.53 7.17 6.49
C GLU B 158 -33.21 6.44 5.34
N CYS B 159 -32.58 5.35 4.89
CA CYS B 159 -33.18 4.47 3.90
C CYS B 159 -33.15 3.04 4.41
N GLU B 160 -34.32 2.38 4.39
CA GLU B 160 -34.45 0.99 4.78
C GLU B 160 -34.53 0.11 3.54
N LEU B 161 -33.75 -0.96 3.52
CA LEU B 161 -33.65 -1.85 2.37
C LEU B 161 -34.41 -3.15 2.60
N ASN B 162 -34.96 -3.69 1.52
CA ASN B 162 -35.68 -4.97 1.55
C ASN B 162 -34.79 -6.04 0.92
N PRO B 163 -34.30 -7.01 1.69
CA PRO B 163 -33.38 -8.03 1.13
C PRO B 163 -34.07 -9.07 0.26
N ARG B 164 -35.40 -9.05 0.16
CA ARG B 164 -36.14 -9.96 -0.69
C ARG B 164 -36.45 -9.37 -2.06
N ILE B 165 -35.82 -8.25 -2.40
CA ILE B 165 -36.10 -7.51 -3.63
C ILE B 165 -34.82 -7.38 -4.44
N PRO B 166 -34.85 -7.59 -5.76
CA PRO B 166 -33.67 -7.32 -6.59
C PRO B 166 -33.60 -5.82 -6.90
N TYR B 167 -32.48 -5.20 -6.58
CA TYR B 167 -32.31 -3.79 -6.88
C TYR B 167 -31.61 -3.54 -8.20
N THR B 168 -30.82 -4.50 -8.69
CA THR B 168 -30.16 -4.39 -9.98
C THR B 168 -30.41 -5.60 -10.86
N ILE C 4 4.14 26.99 9.55
CA ILE C 4 5.42 26.34 9.31
C ILE C 4 5.49 25.91 7.86
N ILE C 5 6.61 26.22 7.20
CA ILE C 5 6.82 25.93 5.80
C ILE C 5 7.77 24.73 5.67
N GLU C 6 7.40 23.76 4.83
CA GLU C 6 8.21 22.58 4.59
C GLU C 6 8.35 22.35 3.10
N PHE C 7 9.52 21.89 2.68
CA PHE C 7 9.78 21.45 1.32
C PHE C 7 10.13 19.97 1.35
N HIS C 8 9.52 19.19 0.46
CA HIS C 8 9.80 17.76 0.38
C HIS C 8 9.75 17.32 -1.07
N VAL C 9 10.78 16.59 -1.49
CA VAL C 9 10.77 15.90 -2.77
C VAL C 9 10.17 14.52 -2.54
N ILE C 10 9.03 14.26 -3.16
CA ILE C 10 8.28 13.03 -2.97
C ILE C 10 7.91 12.46 -4.33
N GLY C 11 7.33 11.27 -4.31
CA GLY C 11 6.83 10.65 -5.53
C GLY C 11 6.23 9.31 -5.19
N ASN C 12 5.53 8.74 -6.17
CA ASN C 12 4.98 7.41 -6.02
C ASN C 12 6.10 6.37 -6.08
N SER C 13 5.94 5.30 -5.30
CA SER C 13 7.09 4.47 -4.99
C SER C 13 7.41 3.47 -6.09
N ALA C 18 2.97 5.43 -1.86
CA ALA C 18 3.83 5.23 -0.71
C ALA C 18 3.02 5.10 0.60
N ASN C 19 3.55 5.62 1.70
CA ASN C 19 2.81 5.75 2.94
C ASN C 19 1.70 6.81 2.90
N ARG C 20 0.91 6.86 3.94
CA ARG C 20 -0.34 7.64 3.95
C ARG C 20 -0.07 9.14 3.84
N ARG C 21 0.93 9.63 4.57
CA ARG C 21 1.31 11.04 4.48
C ARG C 21 1.65 11.44 3.05
N VAL C 22 2.50 10.65 2.39
CA VAL C 22 2.96 11.00 1.06
C VAL C 22 1.82 10.86 0.06
N LEU C 23 0.95 9.86 0.26
CA LEU C 23 -0.14 9.63 -0.66
C LEU C 23 -1.09 10.83 -0.71
N LEU C 24 -1.50 11.32 0.46
CA LEU C 24 -2.41 12.47 0.50
C LEU C 24 -1.73 13.74 0.00
N TRP C 25 -0.43 13.88 0.25
CA TRP C 25 0.31 15.00 -0.34
C TRP C 25 0.30 14.92 -1.86
N LEU C 26 0.49 13.71 -2.41
CA LEU C 26 0.41 13.56 -3.87
C LEU C 26 -0.97 13.92 -4.39
N VAL C 27 -2.02 13.57 -3.64
CA VAL C 27 -3.37 13.96 -4.03
C VAL C 27 -3.54 15.47 -3.94
N GLY C 28 -3.03 16.07 -2.87
CA GLY C 28 -3.08 17.52 -2.76
C GLY C 28 -2.32 18.22 -3.87
N LEU C 29 -1.18 17.65 -4.28
CA LEU C 29 -0.44 18.20 -5.41
C LEU C 29 -1.24 18.09 -6.69
N GLN C 30 -1.81 16.90 -6.96
CA GLN C 30 -2.65 16.75 -8.13
C GLN C 30 -3.83 17.73 -8.11
N ASN C 31 -4.36 18.02 -6.93
CA ASN C 31 -5.46 18.99 -6.82
C ASN C 31 -4.99 20.39 -7.20
N VAL C 32 -3.86 20.83 -6.64
CA VAL C 32 -3.38 22.18 -6.89
C VAL C 32 -2.98 22.35 -8.34
N PHE C 33 -2.24 21.37 -8.89
CA PHE C 33 -1.91 21.42 -10.32
C PHE C 33 -3.17 21.48 -11.17
N SER C 34 -4.17 20.65 -10.84
CA SER C 34 -5.36 20.58 -11.67
C SER C 34 -6.19 21.86 -11.59
N HIS C 35 -6.31 22.44 -10.39
CA HIS C 35 -7.10 23.65 -10.25
C HIS C 35 -6.40 24.85 -10.90
N GLN C 36 -5.07 24.90 -10.83
CA GLN C 36 -4.32 26.02 -11.38
C GLN C 36 -4.05 25.87 -12.87
N LEU C 37 -4.23 24.69 -13.45
CA LEU C 37 -4.04 24.44 -14.88
C LEU C 37 -5.31 23.77 -15.42
N PRO C 38 -6.42 24.51 -15.45
CA PRO C 38 -7.73 23.86 -15.64
C PRO C 38 -8.00 23.34 -17.03
N ARG C 39 -7.20 23.71 -18.04
CA ARG C 39 -7.37 23.10 -19.35
C ARG C 39 -6.48 21.87 -19.53
N MET C 40 -5.67 21.52 -18.53
CA MET C 40 -5.01 20.23 -18.53
C MET C 40 -6.00 19.15 -18.06
N PRO C 41 -6.04 18.00 -18.72
CA PRO C 41 -6.91 16.92 -18.25
C PRO C 41 -6.48 16.45 -16.86
N LYS C 42 -7.46 16.35 -15.96
CA LYS C 42 -7.18 15.97 -14.58
C LYS C 42 -6.52 14.60 -14.48
N GLU C 43 -6.93 13.63 -15.32
CA GLU C 43 -6.33 12.30 -15.15
C GLU C 43 -4.93 12.24 -15.75
N TYR C 44 -4.60 13.14 -16.68
CA TYR C 44 -3.23 13.23 -17.17
C TYR C 44 -2.30 13.75 -16.09
N ILE C 45 -2.72 14.80 -15.38
CA ILE C 45 -1.95 15.30 -14.24
C ILE C 45 -1.81 14.22 -13.18
N ALA C 46 -2.89 13.47 -12.93
CA ALA C 46 -2.82 12.42 -11.93
C ALA C 46 -1.86 11.32 -12.35
N ARG C 47 -1.92 10.88 -13.61
CA ARG C 47 -1.02 9.83 -14.07
C ARG C 47 0.44 10.25 -13.95
N LEU C 48 0.74 11.53 -14.23
CA LEU C 48 2.12 12.00 -14.13
C LEU C 48 2.57 12.10 -12.68
N VAL C 49 1.75 12.73 -11.83
CA VAL C 49 2.11 12.91 -10.43
C VAL C 49 2.36 11.58 -9.74
N PHE C 50 1.62 10.54 -10.12
CA PHE C 50 1.76 9.23 -9.50
C PHE C 50 2.67 8.29 -10.31
N ASP C 51 3.26 8.76 -11.41
CA ASP C 51 4.22 7.96 -12.15
C ASP C 51 5.55 7.91 -11.39
N PRO C 52 6.09 6.71 -11.12
CA PRO C 52 7.30 6.63 -10.29
C PRO C 52 8.53 7.30 -10.90
N LYS C 53 8.59 7.44 -12.24
CA LYS C 53 9.70 8.14 -12.86
C LYS C 53 9.59 9.66 -12.77
N HIS C 54 8.48 10.18 -12.25
CA HIS C 54 8.32 11.59 -11.99
C HIS C 54 8.42 11.86 -10.49
N LYS C 55 9.02 12.98 -10.14
CA LYS C 55 9.05 13.44 -8.76
C LYS C 55 8.34 14.79 -8.67
N THR C 56 7.90 15.12 -7.47
CA THR C 56 7.31 16.42 -7.21
C THR C 56 7.94 17.01 -5.95
N LEU C 57 8.36 18.25 -6.04
CA LEU C 57 8.79 19.03 -4.88
C LEU C 57 7.56 19.69 -4.27
N ALA C 58 7.20 19.30 -3.06
CA ALA C 58 5.96 19.74 -2.42
C ALA C 58 6.24 20.88 -1.45
N LEU C 59 5.42 21.92 -1.52
CA LEU C 59 5.48 23.05 -0.59
C LEU C 59 4.36 22.88 0.43
N ILE C 60 4.73 22.65 1.69
CA ILE C 60 3.79 22.27 2.73
C ILE C 60 3.65 23.43 3.72
N LYS C 61 2.41 23.84 3.97
CA LYS C 61 2.10 24.83 5.00
C LYS C 61 1.05 24.22 5.93
N ASP C 62 1.43 24.01 7.19
CA ASP C 62 0.55 23.42 8.21
C ASP C 62 0.09 22.02 7.80
N GLY C 63 1.02 21.21 7.29
CA GLY C 63 0.72 19.85 6.90
C GLY C 63 -0.03 19.69 5.60
N ARG C 64 -0.31 20.77 4.88
CA ARG C 64 -1.15 20.76 3.69
C ARG C 64 -0.40 21.39 2.52
N VAL C 65 -0.51 20.77 1.35
CA VAL C 65 0.09 21.27 0.12
C VAL C 65 -0.54 22.61 -0.26
N ILE C 66 0.29 23.61 -0.51
CA ILE C 66 -0.15 24.85 -1.13
C ILE C 66 0.57 25.13 -2.45
N GLY C 67 1.42 24.22 -2.90
CA GLY C 67 2.14 24.42 -4.15
C GLY C 67 3.13 23.30 -4.35
N GLY C 68 3.70 23.29 -5.56
CA GLY C 68 4.69 22.27 -5.87
C GLY C 68 5.20 22.41 -7.28
N ILE C 69 6.24 21.64 -7.58
CA ILE C 69 6.81 21.54 -8.92
C ILE C 69 7.02 20.07 -9.24
N CYS C 70 6.28 19.58 -10.24
CA CYS C 70 6.43 18.21 -10.71
C CYS C 70 7.47 18.19 -11.83
N PHE C 71 8.44 17.27 -11.72
CA PHE C 71 9.55 17.25 -12.67
C PHE C 71 9.98 15.81 -12.95
N ARG C 72 10.72 15.66 -14.05
CA ARG C 72 11.25 14.37 -14.48
C ARG C 72 12.74 14.52 -14.74
N MET C 73 13.56 13.79 -13.99
CA MET C 73 15.00 13.83 -14.16
C MET C 73 15.44 12.90 -15.29
N PHE C 74 16.35 13.39 -16.14
CA PHE C 74 16.93 12.61 -17.23
C PHE C 74 18.45 12.61 -17.10
N PRO C 75 19.00 11.86 -16.14
CA PRO C 75 20.47 11.92 -15.92
C PRO C 75 21.28 11.44 -17.12
N THR C 76 20.81 10.45 -17.87
CA THR C 76 21.52 10.02 -19.07
C THR C 76 21.61 11.13 -20.11
N GLN C 77 20.82 12.19 -19.96
CA GLN C 77 20.78 13.29 -20.92
C GLN C 77 21.22 14.62 -20.34
N GLY C 78 21.47 14.69 -19.04
CA GLY C 78 22.07 15.89 -18.46
C GLY C 78 21.10 16.99 -18.11
N PHE C 79 19.79 16.72 -18.08
CA PHE C 79 18.83 17.77 -17.76
C PHE C 79 17.64 17.19 -17.01
N THR C 80 16.81 18.09 -16.49
CA THR C 80 15.54 17.73 -15.89
C THR C 80 14.42 18.50 -16.58
N GLU C 81 13.33 17.80 -16.86
CA GLU C 81 12.13 18.40 -17.43
C GLU C 81 11.20 18.86 -16.31
N ILE C 82 10.79 20.11 -16.37
CA ILE C 82 9.80 20.63 -15.43
C ILE C 82 8.42 20.48 -16.06
N VAL C 83 7.54 19.72 -15.40
CA VAL C 83 6.25 19.35 -15.97
C VAL C 83 5.14 20.29 -15.48
N PHE C 84 4.97 20.40 -14.16
CA PHE C 84 3.97 21.30 -13.60
C PHE C 84 4.59 22.17 -12.51
N CYS C 85 4.23 23.46 -12.54
CA CYS C 85 4.54 24.40 -11.45
C CYS C 85 3.26 25.13 -11.09
N ALA C 86 2.95 25.17 -9.79
CA ALA C 86 1.73 25.82 -9.35
C ALA C 86 1.83 26.18 -7.88
N VAL C 87 1.20 27.31 -7.53
CA VAL C 87 0.95 27.70 -6.15
C VAL C 87 -0.54 28.01 -6.06
N THR C 88 -1.16 27.58 -4.97
CA THR C 88 -2.60 27.79 -4.82
C THR C 88 -2.92 29.28 -4.79
N SER C 89 -4.16 29.61 -5.18
CA SER C 89 -4.51 30.99 -5.52
C SER C 89 -4.29 31.95 -4.35
N ASN C 90 -4.79 31.60 -3.16
CA ASN C 90 -4.68 32.52 -2.05
C ASN C 90 -3.27 32.62 -1.47
N GLU C 91 -2.29 31.95 -2.08
CA GLU C 91 -0.91 32.01 -1.64
C GLU C 91 0.04 32.51 -2.71
N GLN C 92 -0.46 32.93 -3.86
CA GLN C 92 0.39 33.42 -4.92
C GLN C 92 0.91 34.82 -4.58
N VAL C 93 1.88 35.27 -5.37
CA VAL C 93 2.50 36.59 -5.25
C VAL C 93 2.96 36.83 -3.81
N LYS C 94 3.63 35.83 -3.23
CA LYS C 94 4.24 35.96 -1.91
C LYS C 94 5.68 35.47 -1.89
N GLY C 95 6.25 35.11 -3.04
CA GLY C 95 7.58 34.55 -3.09
C GLY C 95 7.64 33.04 -3.09
N TYR C 96 6.50 32.35 -2.90
CA TYR C 96 6.52 30.90 -2.74
C TYR C 96 7.04 30.20 -4.00
N GLY C 97 6.61 30.68 -5.17
CA GLY C 97 7.08 30.08 -6.42
C GLY C 97 8.56 30.24 -6.65
N THR C 98 9.13 31.36 -6.18
CA THR C 98 10.57 31.56 -6.26
C THR C 98 11.30 30.60 -5.33
N HIS C 99 10.79 30.41 -4.12
CA HIS C 99 11.43 29.50 -3.18
C HIS C 99 11.35 28.05 -3.65
N LEU C 100 10.23 27.69 -4.29
CA LEU C 100 10.11 26.34 -4.86
C LEU C 100 11.16 26.12 -5.95
N MET C 101 11.31 27.09 -6.86
CA MET C 101 12.31 26.93 -7.91
C MET C 101 13.73 26.97 -7.34
N ASN C 102 13.96 27.78 -6.30
CA ASN C 102 15.28 27.80 -5.66
C ASN C 102 15.61 26.45 -5.04
N HIS C 103 14.66 25.86 -4.31
CA HIS C 103 14.89 24.55 -3.73
C HIS C 103 15.09 23.49 -4.81
N LEU C 104 14.31 23.57 -5.90
CA LEU C 104 14.48 22.65 -7.02
C LEU C 104 15.90 22.76 -7.59
N LYS C 105 16.40 23.98 -7.74
CA LYS C 105 17.76 24.17 -8.23
C LYS C 105 18.77 23.55 -7.30
N GLU C 106 18.66 23.85 -6.00
CA GLU C 106 19.57 23.27 -5.00
C GLU C 106 19.58 21.75 -5.08
N TYR C 107 18.39 21.15 -5.11
CA TYR C 107 18.29 19.70 -5.22
C TYR C 107 19.03 19.17 -6.43
N HIS C 108 18.89 19.86 -7.57
CA HIS C 108 19.50 19.37 -8.80
C HIS C 108 20.99 19.65 -8.86
N ILE C 109 21.45 20.73 -8.21
CA ILE C 109 22.89 20.96 -8.13
C ILE C 109 23.56 19.83 -7.36
N LYS C 110 22.96 19.42 -6.24
CA LYS C 110 23.49 18.30 -5.47
C LYS C 110 23.46 16.99 -6.25
N HIS C 111 22.54 16.83 -7.21
CA HIS C 111 22.46 15.62 -8.01
C HIS C 111 23.09 15.78 -9.38
N ASN C 112 23.89 16.83 -9.59
CA ASN C 112 24.69 16.99 -10.80
C ASN C 112 23.84 17.12 -12.06
N ILE C 113 22.67 17.72 -11.94
CA ILE C 113 21.85 18.09 -13.08
C ILE C 113 21.81 19.61 -13.14
N LEU C 114 22.37 20.18 -14.20
CA LEU C 114 22.60 21.62 -14.29
C LEU C 114 21.75 22.29 -15.37
N TYR C 115 20.71 21.60 -15.86
CA TYR C 115 19.88 22.14 -16.93
C TYR C 115 18.42 21.82 -16.67
N PHE C 116 17.57 22.83 -16.75
CA PHE C 116 16.13 22.66 -16.75
C PHE C 116 15.59 22.97 -18.14
N LEU C 117 14.63 22.17 -18.59
CA LEU C 117 13.86 22.43 -19.79
C LEU C 117 12.39 22.42 -19.43
N THR C 118 11.63 23.33 -20.04
CA THR C 118 10.21 23.43 -19.76
C THR C 118 9.53 24.17 -20.91
N TYR C 119 8.26 23.86 -21.12
CA TYR C 119 7.43 24.58 -22.08
C TYR C 119 6.58 25.58 -21.31
N ALA C 120 6.75 26.86 -21.62
CA ALA C 120 6.02 27.93 -20.95
C ALA C 120 5.01 28.53 -21.91
N ASP C 121 3.80 28.77 -21.41
CA ASP C 121 2.76 29.42 -22.20
C ASP C 121 2.75 30.92 -21.90
N GLU C 122 1.79 31.63 -22.49
CA GLU C 122 1.74 33.07 -22.34
C GLU C 122 1.31 33.53 -20.95
N TYR C 123 0.75 32.65 -20.12
CA TYR C 123 0.28 33.07 -18.81
C TYR C 123 1.38 33.04 -17.75
N ALA C 124 2.51 32.39 -18.01
CA ALA C 124 3.51 32.21 -16.97
C ALA C 124 4.95 32.33 -17.45
N ILE C 125 5.19 32.73 -18.71
CA ILE C 125 6.57 32.79 -19.21
C ILE C 125 7.35 33.86 -18.47
N GLY C 126 6.68 34.93 -18.03
CA GLY C 126 7.34 35.94 -17.23
C GLY C 126 7.88 35.39 -15.92
N TYR C 127 7.15 34.45 -15.31
CA TYR C 127 7.63 33.85 -14.07
C TYR C 127 8.89 33.03 -14.31
N PHE C 128 8.94 32.29 -15.42
CA PHE C 128 10.14 31.51 -15.71
C PHE C 128 11.31 32.42 -16.07
N LYS C 129 11.05 33.52 -16.78
CA LYS C 129 12.12 34.46 -17.07
C LYS C 129 12.77 34.97 -15.78
N LYS C 130 11.95 35.33 -14.79
CA LYS C 130 12.47 35.83 -13.52
C LYS C 130 13.26 34.78 -12.75
N GLN C 131 13.13 33.50 -13.10
CA GLN C 131 13.89 32.43 -12.48
C GLN C 131 15.14 32.06 -13.27
N GLY C 132 15.49 32.84 -14.27
CA GLY C 132 16.68 32.61 -15.06
C GLY C 132 16.50 31.82 -16.34
N PHE C 133 15.26 31.54 -16.74
CA PHE C 133 15.02 30.79 -17.96
C PHE C 133 15.10 31.72 -19.17
N SER C 134 15.51 31.16 -20.32
CA SER C 134 15.55 31.92 -21.56
C SER C 134 15.15 31.02 -22.72
N LYS C 135 14.79 31.67 -23.83
CA LYS C 135 14.42 30.97 -25.07
C LYS C 135 15.63 30.40 -25.82
N ASP C 136 16.85 30.72 -25.40
CA ASP C 136 18.04 30.23 -26.08
C ASP C 136 18.36 28.84 -25.55
N ILE C 137 18.15 27.82 -26.38
CA ILE C 137 18.27 26.43 -25.97
C ILE C 137 19.67 25.94 -26.33
N LYS C 138 20.52 25.77 -25.31
CA LYS C 138 21.86 25.26 -25.54
C LYS C 138 21.96 23.75 -25.47
N VAL C 139 20.99 23.08 -24.82
CA VAL C 139 20.94 21.63 -24.83
C VAL C 139 20.69 21.18 -26.26
N PRO C 140 21.57 20.35 -26.83
CA PRO C 140 21.40 19.96 -28.23
C PRO C 140 20.05 19.29 -28.46
N LYS C 141 19.48 19.57 -29.63
CA LYS C 141 18.18 19.01 -29.98
C LYS C 141 18.22 17.48 -29.96
N SER C 142 19.38 16.88 -30.26
CA SER C 142 19.51 15.43 -30.23
C SER C 142 19.42 14.85 -28.83
N ARG C 143 19.53 15.68 -27.78
CA ARG C 143 19.46 15.17 -26.42
C ARG C 143 18.07 15.18 -25.82
N TYR C 144 17.19 16.11 -26.20
CA TYR C 144 15.91 16.21 -25.51
C TYR C 144 14.71 15.66 -26.29
N LEU C 145 14.79 15.56 -27.62
CA LEU C 145 13.64 15.07 -28.37
C LEU C 145 13.32 13.62 -27.98
N GLY C 146 12.02 13.34 -27.84
CA GLY C 146 11.57 12.02 -27.46
C GLY C 146 11.57 11.76 -25.98
N TYR C 147 12.30 12.55 -25.19
CA TYR C 147 12.29 12.44 -23.74
C TYR C 147 11.30 13.41 -23.10
N ILE C 148 11.36 14.69 -23.47
CA ILE C 148 10.42 15.66 -22.93
C ILE C 148 9.17 15.67 -23.78
N LYS C 149 8.03 15.88 -23.13
CA LYS C 149 6.78 16.05 -23.84
C LYS C 149 6.82 17.37 -24.61
N ASP C 150 6.73 17.28 -25.93
CA ASP C 150 6.82 18.41 -26.83
C ASP C 150 5.42 19.00 -27.05
N TYR C 151 5.32 20.33 -26.92
CA TYR C 151 4.05 21.05 -27.05
C TYR C 151 4.18 22.12 -28.13
N GLU C 152 3.45 21.94 -29.22
CA GLU C 152 3.29 23.02 -30.18
C GLU C 152 2.39 24.10 -29.59
N GLY C 153 2.75 25.36 -29.81
CA GLY C 153 2.00 26.47 -29.30
C GLY C 153 2.52 27.03 -27.99
N ALA C 154 3.44 26.35 -27.33
CA ALA C 154 4.15 26.86 -26.17
C ALA C 154 5.63 27.00 -26.50
N THR C 155 6.34 27.74 -25.66
CA THR C 155 7.71 28.15 -25.92
C THR C 155 8.67 27.35 -25.05
N LEU C 156 9.59 26.62 -25.70
CA LEU C 156 10.60 25.87 -24.98
C LEU C 156 11.58 26.82 -24.29
N MET C 157 11.79 26.60 -23.00
CA MET C 157 12.65 27.47 -22.20
C MET C 157 13.71 26.63 -21.50
N GLU C 158 14.87 27.24 -21.27
CA GLU C 158 15.98 26.55 -20.64
C GLU C 158 16.57 27.40 -19.52
N CYS C 159 17.00 26.73 -18.45
CA CYS C 159 17.71 27.35 -17.35
C CYS C 159 19.01 26.60 -17.12
N GLU C 160 20.11 27.33 -17.01
CA GLU C 160 21.42 26.78 -16.72
C GLU C 160 21.76 27.04 -15.26
N LEU C 161 22.14 26.00 -14.54
CA LEU C 161 22.48 26.10 -13.14
C LEU C 161 23.99 26.25 -12.97
N ASN C 162 24.38 26.97 -11.95
CA ASN C 162 25.80 27.02 -11.64
C ASN C 162 26.13 25.88 -10.68
N PRO C 163 27.16 25.07 -10.96
CA PRO C 163 27.52 24.01 -10.01
C PRO C 163 28.15 24.61 -8.76
N ARG C 164 27.99 23.88 -7.67
CA ARG C 164 28.48 24.33 -6.38
C ARG C 164 29.09 23.15 -5.64
N ILE C 165 30.24 23.37 -5.03
CA ILE C 165 30.80 22.38 -4.11
C ILE C 165 30.06 22.50 -2.78
N PRO C 166 29.47 21.41 -2.28
CA PRO C 166 28.70 21.50 -1.03
C PRO C 166 29.57 21.78 0.18
N TYR C 167 28.96 22.44 1.17
CA TYR C 167 29.57 22.85 2.44
C TYR C 167 30.67 23.89 2.23
N ILE D 4 57.63 -0.58 4.20
CA ILE D 4 56.79 -1.63 3.65
C ILE D 4 55.49 -1.03 3.08
N ILE D 5 55.38 -1.07 1.75
CA ILE D 5 54.32 -0.38 1.02
C ILE D 5 53.27 -1.39 0.57
N GLU D 6 51.99 -1.02 0.73
CA GLU D 6 50.88 -1.83 0.28
C GLU D 6 49.82 -0.95 -0.38
N PHE D 7 49.12 -1.51 -1.37
CA PHE D 7 48.01 -0.85 -2.04
C PHE D 7 46.75 -1.66 -1.82
N HIS D 8 45.65 -0.99 -1.47
CA HIS D 8 44.39 -1.68 -1.22
C HIS D 8 43.23 -0.82 -1.69
N VAL D 9 42.34 -1.41 -2.46
CA VAL D 9 41.10 -0.76 -2.87
C VAL D 9 40.06 -1.07 -1.80
N ILE D 10 39.56 -0.02 -1.16
CA ILE D 10 38.66 -0.17 -0.02
C ILE D 10 37.47 0.77 -0.20
N GLY D 11 36.54 0.69 0.74
CA GLY D 11 35.35 1.50 0.70
C GLY D 11 34.42 1.07 1.81
N ASN D 12 33.44 1.92 2.07
CA ASN D 12 32.45 1.64 3.11
C ASN D 12 31.29 0.89 2.48
N SER D 13 31.24 -0.42 2.72
CA SER D 13 30.20 -1.27 2.16
C SER D 13 29.06 -1.43 3.16
N ALA D 18 32.42 -2.39 7.15
CA ALA D 18 33.86 -2.34 7.26
C ALA D 18 34.34 -2.76 8.65
N ASN D 19 35.41 -3.55 8.70
CA ASN D 19 36.09 -3.81 9.95
C ASN D 19 36.81 -2.55 10.44
N ARG D 20 37.44 -2.63 11.60
CA ARG D 20 38.03 -1.44 12.20
C ARG D 20 39.23 -0.94 11.41
N ARG D 21 40.06 -1.86 10.91
CA ARG D 21 41.24 -1.44 10.15
C ARG D 21 40.83 -0.62 8.92
N VAL D 22 39.83 -1.09 8.19
CA VAL D 22 39.37 -0.35 7.02
C VAL D 22 38.71 0.96 7.42
N LEU D 23 37.98 0.97 8.54
CA LEU D 23 37.34 2.19 9.00
C LEU D 23 38.39 3.27 9.31
N LEU D 24 39.43 2.91 10.06
CA LEU D 24 40.48 3.88 10.38
C LEU D 24 41.31 4.22 9.15
N TRP D 25 41.43 3.29 8.20
CA TRP D 25 42.07 3.61 6.93
C TRP D 25 41.28 4.65 6.16
N LEU D 26 39.95 4.55 6.18
CA LEU D 26 39.13 5.52 5.48
C LEU D 26 39.19 6.88 6.18
N VAL D 27 39.27 6.89 7.51
CA VAL D 27 39.45 8.14 8.24
C VAL D 27 40.77 8.78 7.87
N GLY D 28 41.84 7.99 7.86
CA GLY D 28 43.14 8.50 7.45
C GLY D 28 43.12 9.06 6.04
N LEU D 29 42.40 8.40 5.13
CA LEU D 29 42.28 8.90 3.76
C LEU D 29 41.54 10.22 3.74
N GLN D 30 40.44 10.33 4.48
CA GLN D 30 39.74 11.60 4.57
C GLN D 30 40.63 12.69 5.16
N ASN D 31 41.51 12.33 6.09
CA ASN D 31 42.43 13.31 6.67
C ASN D 31 43.46 13.76 5.63
N VAL D 32 44.06 12.81 4.90
CA VAL D 32 45.08 13.18 3.92
C VAL D 32 44.46 14.02 2.80
N PHE D 33 43.31 13.59 2.27
CA PHE D 33 42.62 14.37 1.26
C PHE D 33 42.31 15.78 1.77
N SER D 34 41.78 15.88 2.99
CA SER D 34 41.34 17.18 3.48
C SER D 34 42.52 18.10 3.74
N HIS D 35 43.63 17.54 4.24
CA HIS D 35 44.79 18.39 4.52
C HIS D 35 45.48 18.82 3.23
N GLN D 36 45.54 17.93 2.24
CA GLN D 36 46.18 18.27 0.97
C GLN D 36 45.25 19.04 0.03
N LEU D 37 43.95 19.09 0.31
CA LEU D 37 43.00 19.86 -0.49
C LEU D 37 42.24 20.81 0.45
N PRO D 38 42.93 21.81 0.98
CA PRO D 38 42.40 22.55 2.14
C PRO D 38 41.19 23.43 1.85
N ARG D 39 40.92 23.76 0.59
CA ARG D 39 39.70 24.49 0.28
C ARG D 39 38.54 23.58 -0.11
N MET D 40 38.77 22.26 -0.14
CA MET D 40 37.66 21.30 -0.23
C MET D 40 37.04 21.08 1.14
N PRO D 41 35.74 21.33 1.31
CA PRO D 41 35.13 21.14 2.63
C PRO D 41 35.34 19.73 3.16
N LYS D 42 35.76 19.65 4.43
CA LYS D 42 36.02 18.37 5.07
C LYS D 42 34.80 17.46 5.03
N GLU D 43 33.60 18.02 5.23
CA GLU D 43 32.40 17.21 5.30
C GLU D 43 32.03 16.63 3.94
N TYR D 44 32.29 17.38 2.86
CA TYR D 44 32.08 16.85 1.52
C TYR D 44 33.03 15.69 1.22
N ILE D 45 34.31 15.87 1.56
CA ILE D 45 35.28 14.79 1.40
C ILE D 45 34.84 13.56 2.18
N ALA D 46 34.34 13.77 3.41
CA ALA D 46 33.94 12.64 4.25
C ALA D 46 32.78 11.88 3.62
N ARG D 47 31.74 12.59 3.17
CA ARG D 47 30.60 11.90 2.59
C ARG D 47 31.00 11.08 1.37
N LEU D 48 31.89 11.60 0.52
CA LEU D 48 32.29 10.83 -0.66
C LEU D 48 33.17 9.65 -0.28
N VAL D 49 34.12 9.84 0.62
CA VAL D 49 35.00 8.75 1.02
C VAL D 49 34.20 7.62 1.67
N PHE D 50 33.14 7.95 2.40
CA PHE D 50 32.33 6.95 3.08
C PHE D 50 31.07 6.57 2.32
N ASP D 51 30.92 7.05 1.08
CA ASP D 51 29.79 6.68 0.24
C ASP D 51 30.03 5.29 -0.35
N PRO D 52 29.05 4.37 -0.24
CA PRO D 52 29.27 3.01 -0.75
C PRO D 52 29.56 2.93 -2.24
N LYS D 53 29.03 3.87 -3.04
CA LYS D 53 29.28 3.87 -4.47
C LYS D 53 30.68 4.38 -4.83
N HIS D 54 31.39 4.98 -3.88
CA HIS D 54 32.76 5.42 -4.09
C HIS D 54 33.73 4.41 -3.50
N LYS D 55 34.85 4.21 -4.19
CA LYS D 55 35.96 3.42 -3.68
C LYS D 55 37.17 4.32 -3.55
N THR D 56 38.14 3.88 -2.74
CA THR D 56 39.39 4.59 -2.58
C THR D 56 40.54 3.59 -2.64
N LEU D 57 41.51 3.86 -3.49
CA LEU D 57 42.75 3.10 -3.54
C LEU D 57 43.70 3.69 -2.51
N ALA D 58 43.97 2.93 -1.44
CA ALA D 58 44.77 3.40 -0.32
C ALA D 58 46.22 3.02 -0.49
N LEU D 59 47.12 3.99 -0.27
CA LEU D 59 48.56 3.74 -0.23
C LEU D 59 48.97 3.65 1.24
N ILE D 60 49.32 2.45 1.68
CA ILE D 60 49.65 2.18 3.08
C ILE D 60 51.16 1.98 3.19
N LYS D 61 51.79 2.75 4.07
CA LYS D 61 53.21 2.59 4.38
C LYS D 61 53.36 2.28 5.86
N ASP D 62 53.88 1.09 6.17
CA ASP D 62 54.07 0.64 7.55
C ASP D 62 52.76 0.70 8.33
N GLY D 63 51.71 0.16 7.73
CA GLY D 63 50.42 0.12 8.37
C GLY D 63 49.66 1.42 8.43
N ARG D 64 50.17 2.47 7.79
CA ARG D 64 49.62 3.80 7.94
C ARG D 64 49.33 4.42 6.57
N VAL D 65 48.20 5.13 6.48
CA VAL D 65 47.83 5.80 5.23
C VAL D 65 48.77 6.96 4.95
N ILE D 66 49.35 6.98 3.75
CA ILE D 66 50.16 8.11 3.31
C ILE D 66 49.68 8.71 1.99
N GLY D 67 48.60 8.19 1.42
CA GLY D 67 48.08 8.73 0.17
C GLY D 67 46.95 7.87 -0.34
N GLY D 68 46.32 8.34 -1.41
CA GLY D 68 45.24 7.57 -1.99
C GLY D 68 44.56 8.28 -3.14
N ILE D 69 43.71 7.53 -3.84
CA ILE D 69 42.88 8.05 -4.92
C ILE D 69 41.44 7.59 -4.67
N CYS D 70 40.55 8.54 -4.42
CA CYS D 70 39.12 8.27 -4.30
C CYS D 70 38.49 8.38 -5.69
N PHE D 71 37.67 7.40 -6.05
CA PHE D 71 37.12 7.32 -7.39
C PHE D 71 35.74 6.69 -7.35
N ARG D 72 34.96 6.93 -8.40
CA ARG D 72 33.65 6.33 -8.55
C ARG D 72 33.57 5.68 -9.92
N MET D 73 33.31 4.37 -9.94
CA MET D 73 33.17 3.65 -11.20
C MET D 73 31.77 3.79 -11.76
N PHE D 74 31.68 4.02 -13.07
CA PHE D 74 30.40 4.06 -13.79
C PHE D 74 30.44 3.00 -14.89
N PRO D 75 30.35 1.72 -14.52
CA PRO D 75 30.48 0.66 -15.54
C PRO D 75 29.38 0.68 -16.60
N THR D 76 28.16 1.08 -16.24
CA THR D 76 27.12 1.21 -17.26
C THR D 76 27.43 2.33 -18.23
N GLN D 77 28.21 3.32 -17.80
CA GLN D 77 28.64 4.41 -18.66
C GLN D 77 30.02 4.17 -19.27
N GLY D 78 30.75 3.17 -18.79
CA GLY D 78 32.03 2.83 -19.41
C GLY D 78 33.20 3.69 -19.01
N PHE D 79 33.10 4.44 -17.91
CA PHE D 79 34.25 5.22 -17.46
C PHE D 79 34.26 5.27 -15.94
N THR D 80 35.33 5.82 -15.40
CA THR D 80 35.46 6.08 -13.98
C THR D 80 35.80 7.54 -13.73
N GLU D 81 35.17 8.11 -12.71
CA GLU D 81 35.43 9.48 -12.29
C GLU D 81 36.49 9.48 -11.20
N ILE D 82 37.59 10.18 -11.44
CA ILE D 82 38.60 10.39 -10.41
C ILE D 82 38.17 11.58 -9.55
N VAL D 83 38.05 11.35 -8.25
CA VAL D 83 37.49 12.35 -7.34
C VAL D 83 38.60 13.07 -6.57
N PHE D 84 39.36 12.33 -5.76
CA PHE D 84 40.43 12.91 -4.96
C PHE D 84 41.73 12.15 -5.18
N CYS D 85 42.82 12.89 -5.36
CA CYS D 85 44.17 12.31 -5.41
C CYS D 85 45.05 13.11 -4.47
N ALA D 86 45.74 12.42 -3.57
CA ALA D 86 46.61 13.13 -2.64
C ALA D 86 47.67 12.19 -2.09
N VAL D 87 48.85 12.74 -1.87
CA VAL D 87 49.91 12.11 -1.11
C VAL D 87 50.30 13.09 0.00
N THR D 88 50.53 12.57 1.21
CA THR D 88 50.90 13.43 2.31
C THR D 88 52.22 14.14 2.02
N SER D 89 52.41 15.28 2.67
CA SER D 89 53.43 16.24 2.24
C SER D 89 54.83 15.65 2.27
N ASN D 90 55.19 14.94 3.34
CA ASN D 90 56.57 14.47 3.46
C ASN D 90 56.85 13.22 2.65
N GLU D 91 55.88 12.73 1.87
CA GLU D 91 56.08 11.60 0.98
C GLU D 91 55.96 11.97 -0.48
N GLN D 92 55.69 13.25 -0.78
CA GLN D 92 55.56 13.69 -2.16
C GLN D 92 56.91 13.69 -2.86
N VAL D 93 56.87 13.82 -4.19
CA VAL D 93 58.03 13.82 -5.06
C VAL D 93 58.90 12.60 -4.77
N LYS D 94 58.26 11.43 -4.64
CA LYS D 94 58.97 10.17 -4.52
C LYS D 94 58.44 9.11 -5.48
N GLY D 95 57.49 9.44 -6.34
CA GLY D 95 56.88 8.48 -7.25
C GLY D 95 55.66 7.78 -6.71
N TYR D 96 55.23 8.09 -5.48
CA TYR D 96 54.05 7.43 -4.93
C TYR D 96 52.79 7.76 -5.74
N GLY D 97 52.64 9.02 -6.15
CA GLY D 97 51.48 9.39 -6.94
C GLY D 97 51.42 8.65 -8.26
N THR D 98 52.59 8.41 -8.87
CA THR D 98 52.63 7.66 -10.12
C THR D 98 52.29 6.19 -9.89
N HIS D 99 52.81 5.60 -8.81
CA HIS D 99 52.48 4.21 -8.50
C HIS D 99 51.02 4.06 -8.11
N LEU D 100 50.46 5.06 -7.42
CA LEU D 100 49.02 5.05 -7.14
C LEU D 100 48.22 5.01 -8.43
N MET D 101 48.54 5.89 -9.38
CA MET D 101 47.78 5.93 -10.63
C MET D 101 47.98 4.65 -11.44
N ASN D 102 49.20 4.10 -11.44
CA ASN D 102 49.45 2.83 -12.15
C ASN D 102 48.59 1.71 -11.57
N HIS D 103 48.53 1.61 -10.24
CA HIS D 103 47.71 0.58 -9.62
C HIS D 103 46.24 0.79 -9.92
N LEU D 104 45.80 2.05 -10.01
CA LEU D 104 44.41 2.32 -10.36
C LEU D 104 44.13 1.92 -11.81
N LYS D 105 45.09 2.17 -12.70
CA LYS D 105 44.92 1.76 -14.09
C LYS D 105 44.84 0.23 -14.20
N GLU D 106 45.75 -0.47 -13.53
CA GLU D 106 45.72 -1.94 -13.56
C GLU D 106 44.41 -2.47 -13.01
N TYR D 107 43.94 -1.88 -11.91
CA TYR D 107 42.66 -2.26 -11.34
C TYR D 107 41.52 -2.10 -12.35
N HIS D 108 41.55 -1.03 -13.14
CA HIS D 108 40.45 -0.77 -14.06
C HIS D 108 40.54 -1.61 -15.33
N ILE D 109 41.74 -1.99 -15.75
CA ILE D 109 41.86 -2.95 -16.85
C ILE D 109 41.14 -4.24 -16.49
N LYS D 110 41.42 -4.77 -15.29
CA LYS D 110 40.84 -6.04 -14.89
C LYS D 110 39.33 -5.96 -14.63
N HIS D 111 38.77 -4.76 -14.50
CA HIS D 111 37.33 -4.56 -14.46
C HIS D 111 36.78 -4.03 -15.76
N ASN D 112 37.61 -3.94 -16.80
CA ASN D 112 37.20 -3.55 -18.14
C ASN D 112 36.53 -2.18 -18.18
N ILE D 113 37.09 -1.23 -17.44
CA ILE D 113 36.76 0.19 -17.59
C ILE D 113 38.03 0.88 -18.04
N LEU D 114 37.99 1.45 -19.25
CA LEU D 114 39.22 1.88 -19.92
C LEU D 114 39.31 3.40 -20.10
N TYR D 115 38.46 4.17 -19.43
CA TYR D 115 38.48 5.62 -19.55
C TYR D 115 38.38 6.25 -18.17
N PHE D 116 39.32 7.15 -17.86
CA PHE D 116 39.24 7.99 -16.68
C PHE D 116 38.81 9.39 -17.09
N LEU D 117 37.99 10.02 -16.25
CA LEU D 117 37.64 11.43 -16.37
C LEU D 117 37.89 12.11 -15.04
N THR D 118 38.44 13.31 -15.08
CA THR D 118 38.72 14.05 -13.86
C THR D 118 38.79 15.53 -14.18
N TYR D 119 38.54 16.34 -13.16
CA TYR D 119 38.77 17.78 -13.22
C TYR D 119 40.09 18.09 -12.54
N ALA D 120 41.00 18.72 -13.26
CA ALA D 120 42.32 19.09 -12.75
C ALA D 120 42.41 20.59 -12.62
N ASP D 121 42.85 21.07 -11.45
CA ASP D 121 43.04 22.49 -11.22
C ASP D 121 44.48 22.88 -11.56
N GLU D 122 44.82 24.15 -11.30
CA GLU D 122 46.12 24.66 -11.72
C GLU D 122 47.28 24.08 -10.92
N TYR D 123 47.01 23.49 -9.75
CA TYR D 123 48.08 22.96 -8.92
C TYR D 123 48.47 21.54 -9.27
N ALA D 124 47.61 20.79 -9.96
CA ALA D 124 47.90 19.39 -10.22
C ALA D 124 47.74 18.97 -11.67
N ILE D 125 47.45 19.89 -12.58
CA ILE D 125 47.22 19.50 -13.97
C ILE D 125 48.48 18.89 -14.58
N GLY D 126 49.66 19.38 -14.17
CA GLY D 126 50.89 18.79 -14.68
C GLY D 126 51.13 17.37 -14.22
N TYR D 127 50.66 17.02 -13.02
CA TYR D 127 50.73 15.63 -12.58
C TYR D 127 49.86 14.75 -13.46
N PHE D 128 48.62 15.17 -13.71
CA PHE D 128 47.73 14.38 -14.55
C PHE D 128 48.26 14.27 -15.98
N LYS D 129 48.88 15.33 -16.48
CA LYS D 129 49.47 15.27 -17.81
C LYS D 129 50.58 14.22 -17.87
N LYS D 130 51.35 14.10 -16.80
CA LYS D 130 52.42 13.11 -16.77
C LYS D 130 51.90 11.69 -16.57
N GLN D 131 50.65 11.54 -16.15
CA GLN D 131 50.02 10.23 -16.08
C GLN D 131 49.24 9.90 -17.34
N GLY D 132 49.40 10.69 -18.40
CA GLY D 132 48.75 10.42 -19.67
C GLY D 132 47.38 11.05 -19.87
N PHE D 133 46.97 11.97 -19.01
CA PHE D 133 45.68 12.62 -19.18
C PHE D 133 45.78 13.73 -20.24
N SER D 134 44.67 13.96 -20.95
CA SER D 134 44.63 14.94 -22.02
C SER D 134 43.35 15.76 -21.92
N LYS D 135 43.39 16.97 -22.48
CA LYS D 135 42.21 17.82 -22.57
C LYS D 135 41.26 17.41 -23.69
N ASP D 136 41.65 16.47 -24.54
CA ASP D 136 40.75 15.97 -25.57
C ASP D 136 39.85 14.93 -24.95
N ILE D 137 38.55 15.21 -24.87
CA ILE D 137 37.58 14.33 -24.26
C ILE D 137 36.94 13.50 -25.38
N LYS D 138 37.28 12.21 -25.43
CA LYS D 138 36.68 11.33 -26.42
C LYS D 138 35.35 10.76 -25.96
N VAL D 139 35.16 10.61 -24.66
CA VAL D 139 33.88 10.15 -24.12
C VAL D 139 32.79 11.14 -24.51
N PRO D 140 31.65 10.68 -25.03
CA PRO D 140 30.59 11.62 -25.43
C PRO D 140 30.08 12.44 -24.25
N LYS D 141 29.90 13.74 -24.49
CA LYS D 141 29.44 14.65 -23.44
C LYS D 141 28.14 14.16 -22.81
N SER D 142 27.26 13.57 -23.62
CA SER D 142 25.99 13.07 -23.10
C SER D 142 26.16 11.93 -22.11
N ARG D 143 27.34 11.32 -22.04
CA ARG D 143 27.53 10.15 -21.19
C ARG D 143 27.95 10.48 -19.76
N TYR D 144 28.47 11.67 -19.51
CA TYR D 144 28.95 12.01 -18.17
C TYR D 144 28.31 13.26 -17.60
N LEU D 145 27.57 14.04 -18.40
CA LEU D 145 27.14 15.36 -17.95
C LEU D 145 26.18 15.28 -16.77
N GLY D 146 25.43 14.18 -16.66
CA GLY D 146 24.54 13.98 -15.54
C GLY D 146 25.08 13.13 -14.42
N TYR D 147 26.33 12.68 -14.51
CA TYR D 147 26.88 11.73 -13.55
C TYR D 147 28.06 12.28 -12.75
N ILE D 148 29.00 12.94 -13.38
CA ILE D 148 30.18 13.42 -12.66
C ILE D 148 29.89 14.82 -12.11
N LYS D 149 30.49 15.12 -10.96
CA LYS D 149 30.42 16.47 -10.41
C LYS D 149 31.21 17.41 -11.32
N ASP D 150 30.58 18.51 -11.71
CA ASP D 150 31.21 19.51 -12.57
C ASP D 150 31.90 20.55 -11.69
N TYR D 151 33.24 20.52 -11.70
CA TYR D 151 34.02 21.48 -10.94
C TYR D 151 34.40 22.65 -11.84
N GLU D 152 33.40 23.48 -12.12
CA GLU D 152 33.57 24.59 -13.04
C GLU D 152 34.70 25.50 -12.59
N GLY D 153 35.55 25.88 -13.53
CA GLY D 153 36.79 26.56 -13.25
C GLY D 153 38.01 25.69 -13.41
N ALA D 154 37.89 24.40 -13.11
CA ALA D 154 38.93 23.43 -13.37
C ALA D 154 38.77 22.86 -14.79
N THR D 155 39.80 22.16 -15.23
CA THR D 155 39.85 21.63 -16.59
C THR D 155 39.47 20.16 -16.61
N LEU D 156 38.46 19.82 -17.40
CA LEU D 156 38.10 18.42 -17.59
C LEU D 156 39.18 17.72 -18.41
N MET D 157 39.67 16.60 -17.90
CA MET D 157 40.70 15.83 -18.59
C MET D 157 40.30 14.36 -18.65
N GLU D 158 40.88 13.66 -19.62
CA GLU D 158 40.55 12.27 -19.90
C GLU D 158 41.82 11.48 -20.09
N CYS D 159 41.79 10.22 -19.64
CA CYS D 159 42.87 9.27 -19.86
C CYS D 159 42.28 7.98 -20.40
N GLU D 160 42.80 7.52 -21.55
CA GLU D 160 42.39 6.24 -22.12
C GLU D 160 43.42 5.18 -21.74
N LEU D 161 42.93 4.03 -21.29
CA LEU D 161 43.80 2.95 -20.83
C LEU D 161 43.95 1.90 -21.93
N ASN D 162 45.15 1.30 -21.99
CA ASN D 162 45.44 0.23 -22.93
C ASN D 162 45.40 -1.09 -22.19
N PRO D 163 44.41 -1.96 -22.42
CA PRO D 163 44.28 -3.18 -21.61
C PRO D 163 45.29 -4.25 -21.97
N ARG D 164 46.25 -3.92 -22.84
CA ARG D 164 47.25 -4.87 -23.29
C ARG D 164 48.61 -4.68 -22.66
N ILE D 165 48.85 -3.57 -21.97
CA ILE D 165 50.15 -3.34 -21.34
C ILE D 165 50.04 -3.55 -19.84
N PRO D 166 51.09 -4.00 -19.17
CA PRO D 166 51.07 -4.08 -17.70
C PRO D 166 51.45 -2.75 -17.09
N TYR D 167 50.59 -2.21 -16.23
CA TYR D 167 50.87 -0.94 -15.57
C TYR D 167 51.59 -1.09 -14.24
N THR D 168 51.54 -2.27 -13.62
CA THR D 168 52.24 -2.50 -12.36
C THR D 168 53.12 -3.75 -12.45
N ILE E 4 13.32 22.74 24.04
CA ILE E 4 12.77 21.77 23.09
C ILE E 4 11.51 21.16 23.68
N ILE E 5 10.41 21.24 22.93
CA ILE E 5 9.10 20.78 23.38
C ILE E 5 8.66 19.63 22.50
N GLU E 6 8.07 18.61 23.12
CA GLU E 6 7.72 17.37 22.43
C GLU E 6 6.43 16.80 23.01
N PHE E 7 5.66 16.14 22.16
CA PHE E 7 4.41 15.49 22.53
C PHE E 7 4.50 14.02 22.16
N HIS E 8 4.21 13.14 23.12
CA HIS E 8 4.14 11.70 22.87
C HIS E 8 2.90 11.10 23.51
N VAL E 9 2.23 10.22 22.77
CA VAL E 9 1.19 9.37 23.32
C VAL E 9 1.84 8.08 23.79
N ILE E 10 1.82 7.84 25.09
CA ILE E 10 2.48 6.69 25.70
C ILE E 10 1.49 5.98 26.61
N GLY E 11 1.92 4.83 27.11
CA GLY E 11 1.09 4.04 27.99
C GLY E 11 1.77 2.72 28.29
N ASN E 12 1.23 2.02 29.30
CA ASN E 12 1.73 0.71 29.66
C ASN E 12 1.18 -0.32 28.69
N SER E 13 2.06 -1.18 28.18
CA SER E 13 1.76 -1.90 26.94
C SER E 13 0.94 -3.16 27.19
N ASN E 19 11.22 -0.77 27.84
CA ASN E 19 11.53 0.64 27.59
C ASN E 19 11.53 1.41 28.89
N ARG E 20 12.71 1.89 29.29
CA ARG E 20 12.88 2.65 30.52
C ARG E 20 12.53 4.12 30.35
N ARG E 21 12.73 4.67 29.15
CA ARG E 21 12.39 6.06 28.90
C ARG E 21 10.91 6.32 29.17
N VAL E 22 10.05 5.49 28.59
CA VAL E 22 8.61 5.66 28.76
C VAL E 22 8.20 5.42 30.21
N LEU E 23 8.82 4.42 30.85
CA LEU E 23 8.51 4.13 32.26
C LEU E 23 8.74 5.35 33.14
N LEU E 24 9.92 5.95 33.03
CA LEU E 24 10.22 7.13 33.83
C LEU E 24 9.32 8.31 33.43
N TRP E 25 8.91 8.38 32.17
CA TRP E 25 7.94 9.38 31.76
C TRP E 25 6.59 9.13 32.42
N LEU E 26 6.17 7.87 32.52
CA LEU E 26 4.92 7.55 33.19
C LEU E 26 5.01 7.88 34.68
N VAL E 27 6.18 7.69 35.30
CA VAL E 27 6.36 8.09 36.69
C VAL E 27 6.28 9.61 36.82
N GLY E 28 6.92 10.34 35.90
CA GLY E 28 6.83 11.79 35.94
C GLY E 28 5.41 12.29 35.76
N LEU E 29 4.65 11.66 34.85
CA LEU E 29 3.25 12.01 34.68
C LEU E 29 2.45 11.75 35.96
N GLN E 30 2.68 10.59 36.58
CA GLN E 30 2.00 10.29 37.84
C GLN E 30 2.36 11.31 38.92
N ASN E 31 3.62 11.76 38.94
CA ASN E 31 4.03 12.77 39.91
C ASN E 31 3.33 14.11 39.65
N VAL E 32 3.26 14.54 38.40
CA VAL E 32 2.65 15.82 38.08
C VAL E 32 1.15 15.79 38.38
N PHE E 33 0.47 14.75 37.89
CA PHE E 33 -0.96 14.60 38.16
C PHE E 33 -1.22 14.62 39.66
N SER E 34 -0.46 13.83 40.43
CA SER E 34 -0.69 13.72 41.86
C SER E 34 -0.40 15.04 42.57
N HIS E 35 0.69 15.71 42.21
CA HIS E 35 1.03 16.97 42.86
C HIS E 35 0.00 18.04 42.55
N GLN E 36 -0.49 18.07 41.30
CA GLN E 36 -1.47 19.08 40.93
C GLN E 36 -2.89 18.73 41.40
N LEU E 37 -3.15 17.47 41.74
CA LEU E 37 -4.47 17.04 42.19
C LEU E 37 -4.32 16.29 43.51
N PRO E 38 -3.95 17.00 44.58
CA PRO E 38 -3.50 16.30 45.81
C PRO E 38 -4.60 15.67 46.63
N ARG E 39 -5.86 16.04 46.43
CA ARG E 39 -6.92 15.43 47.20
C ARG E 39 -7.51 14.21 46.51
N MET E 40 -6.84 13.73 45.49
CA MET E 40 -7.03 12.46 44.80
C MET E 40 -5.99 11.47 45.29
N PRO E 41 -6.35 10.23 45.61
CA PRO E 41 -5.36 9.29 46.14
C PRO E 41 -4.26 9.01 45.11
N LYS E 42 -3.01 8.98 45.61
CA LYS E 42 -1.85 8.82 44.74
C LYS E 42 -1.86 7.48 44.03
N GLU E 43 -2.27 6.42 44.73
CA GLU E 43 -2.23 5.09 44.13
C GLU E 43 -3.31 4.92 43.07
N TYR E 44 -4.45 5.60 43.23
CA TYR E 44 -5.47 5.61 42.18
C TYR E 44 -4.93 6.24 40.90
N ILE E 45 -4.29 7.40 41.03
CA ILE E 45 -3.66 8.05 39.87
C ILE E 45 -2.61 7.13 39.26
N ALA E 46 -1.78 6.51 40.11
CA ALA E 46 -0.76 5.59 39.60
C ALA E 46 -1.40 4.42 38.87
N ARG E 47 -2.44 3.83 39.46
CA ARG E 47 -3.09 2.68 38.85
C ARG E 47 -3.63 3.01 37.47
N LEU E 48 -4.23 4.20 37.32
CA LEU E 48 -4.79 4.58 36.03
C LEU E 48 -3.69 4.92 35.02
N VAL E 49 -2.65 5.63 35.46
CA VAL E 49 -1.57 6.01 34.55
C VAL E 49 -0.90 4.76 33.98
N PHE E 50 -0.78 3.71 34.79
CA PHE E 50 -0.14 2.48 34.35
C PHE E 50 -1.13 1.41 33.90
N ASP E 51 -2.40 1.74 33.80
CA ASP E 51 -3.38 0.79 33.28
C ASP E 51 -3.23 0.68 31.76
N PRO E 52 -3.15 -0.54 31.21
CA PRO E 52 -2.85 -0.67 29.77
C PRO E 52 -3.90 -0.07 28.83
N LYS E 53 -5.17 -0.06 29.23
CA LYS E 53 -6.25 0.53 28.45
C LYS E 53 -6.32 2.06 28.60
N HIS E 54 -5.43 2.66 29.39
CA HIS E 54 -5.35 4.11 29.50
C HIS E 54 -4.11 4.57 28.77
N LYS E 55 -4.21 5.74 28.15
CA LYS E 55 -3.08 6.37 27.48
C LYS E 55 -2.89 7.76 28.05
N THR E 56 -1.66 8.27 27.93
CA THR E 56 -1.36 9.63 28.33
C THR E 56 -0.60 10.34 27.21
N LEU E 57 -1.09 11.51 26.83
CA LEU E 57 -0.35 12.40 25.94
C LEU E 57 0.64 13.18 26.80
N ALA E 58 1.93 12.92 26.61
CA ALA E 58 2.98 13.46 27.48
C ALA E 58 3.58 14.72 26.85
N LEU E 59 3.73 15.76 27.65
CA LEU E 59 4.38 17.00 27.24
C LEU E 59 5.80 17.01 27.80
N ILE E 60 6.78 16.86 26.91
CA ILE E 60 8.19 16.75 27.30
C ILE E 60 8.90 18.05 26.95
N LYS E 61 9.56 18.64 27.96
CA LYS E 61 10.37 19.85 27.77
C LYS E 61 11.75 19.57 28.34
N ASP E 62 12.76 19.54 27.46
CA ASP E 62 14.14 19.25 27.85
C ASP E 62 14.25 17.87 28.51
N GLY E 63 13.63 16.88 27.87
CA GLY E 63 13.65 15.53 28.36
C GLY E 63 12.85 15.27 29.61
N ARG E 64 12.26 16.29 30.22
CA ARG E 64 11.52 16.14 31.48
C ARG E 64 10.03 16.37 31.24
N VAL E 65 9.21 15.59 31.96
CA VAL E 65 7.76 15.74 31.89
C VAL E 65 7.36 17.02 32.59
N ILE E 66 6.62 17.88 31.89
CA ILE E 66 6.07 19.09 32.49
C ILE E 66 4.55 19.13 32.43
N GLY E 67 3.91 18.15 31.80
CA GLY E 67 2.45 18.11 31.78
C GLY E 67 1.97 16.94 30.95
N GLY E 68 0.67 16.77 30.92
CA GLY E 68 0.10 15.70 30.12
C GLY E 68 -1.40 15.61 30.29
N ILE E 69 -2.00 14.77 29.45
CA ILE E 69 -3.43 14.48 29.51
C ILE E 69 -3.58 12.96 29.51
N CYS E 70 -4.06 12.40 30.62
CA CYS E 70 -4.40 10.99 30.69
C CYS E 70 -5.82 10.84 30.18
N PHE E 71 -6.00 9.97 29.20
CA PHE E 71 -7.30 9.81 28.57
C PHE E 71 -7.57 8.32 28.36
N ARG E 72 -8.82 8.00 28.02
CA ARG E 72 -9.27 6.64 27.86
C ARG E 72 -10.17 6.54 26.63
N MET E 73 -9.68 5.90 25.57
CA MET E 73 -10.45 5.75 24.34
C MET E 73 -11.47 4.63 24.47
N PHE E 74 -12.72 4.92 24.13
CA PHE E 74 -13.80 3.93 24.09
C PHE E 74 -14.32 3.82 22.66
N PRO E 75 -13.51 3.29 21.73
CA PRO E 75 -13.96 3.22 20.33
C PRO E 75 -15.26 2.47 20.14
N THR E 76 -15.53 1.45 20.95
CA THR E 76 -16.81 0.75 20.86
C THR E 76 -17.97 1.67 21.22
N GLN E 77 -17.76 2.58 22.17
CA GLN E 77 -18.80 3.51 22.58
C GLN E 77 -18.74 4.83 21.84
N GLY E 78 -17.72 5.05 21.01
CA GLY E 78 -17.67 6.22 20.18
C GLY E 78 -17.27 7.51 20.86
N PHE E 79 -16.50 7.43 21.94
CA PHE E 79 -16.04 8.64 22.63
C PHE E 79 -14.77 8.30 23.41
N THR E 80 -14.09 9.35 23.85
CA THR E 80 -12.90 9.25 24.68
C THR E 80 -13.12 10.01 25.98
N GLU E 81 -12.75 9.40 27.10
CA GLU E 81 -12.84 10.04 28.41
C GLU E 81 -11.56 10.79 28.71
N ILE E 82 -11.70 12.06 29.08
CA ILE E 82 -10.58 12.83 29.60
C ILE E 82 -10.50 12.58 31.10
N VAL E 83 -9.39 11.99 31.55
CA VAL E 83 -9.24 11.58 32.94
C VAL E 83 -8.49 12.63 33.75
N PHE E 84 -7.24 12.92 33.36
CA PHE E 84 -6.39 13.88 34.07
C PHE E 84 -5.79 14.85 33.07
N CYS E 85 -5.85 16.15 33.37
CA CYS E 85 -5.11 17.17 32.63
C CYS E 85 -4.30 17.97 33.64
N ALA E 86 -3.00 18.08 33.42
CA ALA E 86 -2.17 18.86 34.33
C ALA E 86 -0.92 19.36 33.63
N VAL E 87 -0.50 20.56 34.04
CA VAL E 87 0.78 21.14 33.67
C VAL E 87 1.46 21.62 34.95
N THR E 88 2.76 21.38 35.06
CA THR E 88 3.46 21.72 36.29
C THR E 88 3.41 23.23 36.54
N SER E 89 3.47 23.60 37.84
CA SER E 89 3.05 24.94 38.27
C SER E 89 3.84 26.04 37.58
N ASN E 90 5.15 25.89 37.47
CA ASN E 90 5.95 26.97 36.91
C ASN E 90 5.85 27.06 35.39
N GLU E 91 5.10 26.17 34.75
CA GLU E 91 4.91 26.20 33.31
C GLU E 91 3.48 26.53 32.91
N GLN E 92 2.61 26.85 33.87
CA GLN E 92 1.23 27.18 33.57
C GLN E 92 1.13 28.60 33.01
N VAL E 93 -0.06 28.93 32.49
CA VAL E 93 -0.35 30.21 31.87
C VAL E 93 0.67 30.53 30.78
N LYS E 94 1.00 29.51 29.97
CA LYS E 94 1.91 29.69 28.84
C LYS E 94 1.36 29.07 27.55
N GLY E 95 0.14 28.54 27.57
CA GLY E 95 -0.43 27.91 26.40
C GLY E 95 -0.18 26.43 26.28
N TYR E 96 0.52 25.82 27.22
CA TYR E 96 0.83 24.39 27.13
C TYR E 96 -0.43 23.52 27.25
N GLY E 97 -1.33 23.88 28.17
CA GLY E 97 -2.56 23.11 28.32
C GLY E 97 -3.43 23.16 27.08
N THR E 98 -3.43 24.29 26.37
CA THR E 98 -4.16 24.40 25.12
C THR E 98 -3.50 23.58 24.01
N HIS E 99 -2.16 23.66 23.89
CA HIS E 99 -1.45 22.87 22.89
C HIS E 99 -1.64 21.38 23.14
N LEU E 100 -1.66 20.97 24.41
CA LEU E 100 -1.91 19.57 24.74
C LEU E 100 -3.28 19.12 24.24
N MET E 101 -4.32 19.92 24.50
CA MET E 101 -5.66 19.55 24.08
C MET E 101 -5.79 19.56 22.56
N ASN E 102 -5.13 20.52 21.90
CA ASN E 102 -5.13 20.56 20.43
C ASN E 102 -4.51 19.30 19.85
N HIS E 103 -3.33 18.92 20.34
CA HIS E 103 -2.70 17.70 19.88
C HIS E 103 -3.60 16.48 20.15
N LEU E 104 -4.26 16.46 21.31
CA LEU E 104 -5.14 15.34 21.61
C LEU E 104 -6.32 15.30 20.63
N LYS E 105 -6.83 16.46 20.25
CA LYS E 105 -7.92 16.50 19.27
C LYS E 105 -7.47 15.98 17.91
N GLU E 106 -6.32 16.47 17.43
CA GLU E 106 -5.80 15.98 16.16
C GLU E 106 -5.60 14.48 16.19
N TYR E 107 -5.03 13.97 17.28
CA TYR E 107 -4.84 12.53 17.43
C TYR E 107 -6.16 11.79 17.32
N HIS E 108 -7.23 12.34 17.90
CA HIS E 108 -8.49 11.62 17.91
C HIS E 108 -9.22 11.71 16.58
N ILE E 109 -9.04 12.80 15.83
CA ILE E 109 -9.60 12.88 14.49
C ILE E 109 -9.02 11.78 13.61
N LYS E 110 -7.70 11.60 13.67
CA LYS E 110 -7.03 10.56 12.89
C LYS E 110 -7.45 9.15 13.32
N HIS E 111 -8.03 8.99 14.50
CA HIS E 111 -8.58 7.72 14.93
C HIS E 111 -10.10 7.69 14.88
N ASN E 112 -10.71 8.75 14.35
CA ASN E 112 -12.14 8.81 14.10
C ASN E 112 -12.96 8.67 15.39
N ILE E 113 -12.50 9.32 16.45
CA ILE E 113 -13.29 9.51 17.67
C ILE E 113 -13.47 11.01 17.83
N LEU E 114 -14.71 11.48 17.76
CA LEU E 114 -14.99 12.90 17.62
C LEU E 114 -15.75 13.47 18.81
N TYR E 115 -15.81 12.75 19.93
CA TYR E 115 -16.49 13.22 21.13
C TYR E 115 -15.62 12.98 22.35
N PHE E 116 -15.41 14.03 23.14
CA PHE E 116 -14.75 13.95 24.44
C PHE E 116 -15.78 14.10 25.54
N LEU E 117 -15.65 13.29 26.58
CA LEU E 117 -16.45 13.44 27.79
C LEU E 117 -15.51 13.51 28.99
N THR E 118 -15.88 14.32 29.98
CA THR E 118 -15.12 14.43 31.20
C THR E 118 -16.03 14.89 32.33
N TYR E 119 -15.75 14.41 33.54
CA TYR E 119 -16.40 14.89 34.75
C TYR E 119 -15.45 15.88 35.41
N ALA E 120 -15.78 17.16 35.31
CA ALA E 120 -14.90 18.24 35.73
C ALA E 120 -15.30 18.75 37.11
N ASP E 121 -14.29 19.03 37.94
CA ASP E 121 -14.52 19.72 39.20
C ASP E 121 -14.54 21.22 38.96
N GLU E 122 -14.90 21.97 40.00
CA GLU E 122 -15.17 23.38 39.82
C GLU E 122 -13.93 24.17 39.40
N TYR E 123 -12.73 23.68 39.75
CA TYR E 123 -11.51 24.40 39.41
C TYR E 123 -11.10 24.22 37.95
N ALA E 124 -11.64 23.22 37.26
CA ALA E 124 -11.22 22.91 35.90
C ALA E 124 -12.23 23.33 34.84
N ILE E 125 -13.43 23.77 35.24
CA ILE E 125 -14.48 24.03 34.26
C ILE E 125 -14.06 25.14 33.30
N GLY E 126 -13.44 26.20 33.82
CA GLY E 126 -13.01 27.30 32.97
C GLY E 126 -12.03 26.86 31.89
N TYR E 127 -11.06 26.01 32.26
CA TYR E 127 -10.13 25.49 31.27
C TYR E 127 -10.86 24.70 30.19
N PHE E 128 -11.79 23.84 30.58
CA PHE E 128 -12.48 23.02 29.59
C PHE E 128 -13.37 23.86 28.69
N LYS E 129 -14.02 24.89 29.23
CA LYS E 129 -14.82 25.78 28.40
C LYS E 129 -13.97 26.45 27.34
N LYS E 130 -12.78 26.91 27.71
CA LYS E 130 -11.91 27.54 26.74
C LYS E 130 -11.31 26.56 25.75
N GLN E 131 -11.40 25.25 26.01
CA GLN E 131 -11.07 24.25 25.01
C GLN E 131 -12.29 23.78 24.22
N GLY E 132 -13.42 24.46 24.35
CA GLY E 132 -14.59 24.14 23.56
C GLY E 132 -15.56 23.16 24.18
N PHE E 133 -15.33 22.74 25.43
CA PHE E 133 -16.28 21.85 26.10
C PHE E 133 -17.51 22.62 26.53
N SER E 134 -18.64 21.92 26.64
CA SER E 134 -19.83 22.52 27.23
C SER E 134 -20.60 21.47 28.01
N LYS E 135 -21.54 21.96 28.83
CA LYS E 135 -22.41 21.12 29.64
C LYS E 135 -23.61 20.56 28.87
N ASP E 136 -23.74 20.85 27.58
CA ASP E 136 -24.79 20.28 26.75
C ASP E 136 -24.30 18.94 26.18
N ILE E 137 -24.83 17.85 26.70
CA ILE E 137 -24.32 16.51 26.41
C ILE E 137 -25.18 15.89 25.31
N LYS E 138 -24.60 15.70 24.13
CA LYS E 138 -25.33 15.09 23.03
C LYS E 138 -25.27 13.55 23.10
N VAL E 139 -24.15 13.00 23.53
CA VAL E 139 -24.00 11.55 23.66
C VAL E 139 -25.03 11.03 24.64
N PRO E 140 -25.87 10.10 24.22
CA PRO E 140 -26.90 9.55 25.12
C PRO E 140 -26.28 8.90 26.36
N LYS E 141 -27.00 9.02 27.46
CA LYS E 141 -26.56 8.49 28.76
C LYS E 141 -26.21 7.00 28.67
N SER E 142 -26.97 6.24 27.88
CA SER E 142 -26.73 4.81 27.77
C SER E 142 -25.37 4.48 27.17
N ARG E 143 -24.72 5.45 26.53
CA ARG E 143 -23.42 5.21 25.92
C ARG E 143 -22.25 5.47 26.85
N TYR E 144 -22.41 6.28 27.90
CA TYR E 144 -21.31 6.60 28.79
C TYR E 144 -21.51 6.16 30.23
N LEU E 145 -22.74 6.03 30.71
CA LEU E 145 -22.96 5.73 32.12
C LEU E 145 -22.34 4.39 32.46
N GLY E 146 -21.54 4.38 33.53
CA GLY E 146 -20.86 3.18 33.98
C GLY E 146 -19.49 2.98 33.35
N TYR E 147 -19.31 3.43 32.11
CA TYR E 147 -17.99 3.36 31.50
C TYR E 147 -17.06 4.41 32.06
N ILE E 148 -17.59 5.60 32.36
CA ILE E 148 -16.87 6.63 33.08
C ILE E 148 -17.57 6.83 34.41
N LYS E 149 -16.80 7.21 35.43
CA LYS E 149 -17.30 7.31 36.78
C LYS E 149 -17.91 8.69 37.03
N ASP E 150 -19.18 8.70 37.46
CA ASP E 150 -19.91 9.92 37.77
C ASP E 150 -19.66 10.28 39.23
N TYR E 151 -18.62 11.07 39.47
CA TYR E 151 -18.31 11.51 40.83
C TYR E 151 -19.31 12.57 41.27
N GLU E 152 -19.91 12.35 42.45
CA GLU E 152 -20.89 13.29 42.97
C GLU E 152 -20.30 14.70 43.08
N GLY E 153 -21.06 15.68 42.62
CA GLY E 153 -20.61 17.05 42.59
C GLY E 153 -19.76 17.42 41.40
N ALA E 154 -19.35 16.47 40.58
CA ALA E 154 -18.60 16.77 39.37
C ALA E 154 -19.55 17.11 38.24
N THR E 155 -19.03 17.88 37.28
CA THR E 155 -19.82 18.37 36.16
C THR E 155 -19.43 17.62 34.88
N LEU E 156 -20.40 16.92 34.30
CA LEU E 156 -20.17 16.29 33.01
C LEU E 156 -20.06 17.33 31.91
N MET E 157 -19.01 17.25 31.10
CA MET E 157 -18.80 18.19 30.01
C MET E 157 -18.39 17.42 28.76
N GLU E 158 -18.79 17.95 27.60
CA GLU E 158 -18.62 17.30 26.31
C GLU E 158 -17.98 18.26 25.31
N CYS E 159 -17.08 17.73 24.50
CA CYS E 159 -16.53 18.47 23.37
C CYS E 159 -16.70 17.65 22.11
N GLU E 160 -17.28 18.25 21.07
CA GLU E 160 -17.41 17.61 19.77
C GLU E 160 -16.34 18.14 18.83
N LEU E 161 -15.66 17.24 18.13
CA LEU E 161 -14.56 17.61 17.26
C LEU E 161 -15.03 17.73 15.82
N ASN E 162 -14.47 18.70 15.10
CA ASN E 162 -14.75 18.86 13.67
C ASN E 162 -13.60 18.26 12.88
N PRO E 163 -13.81 17.16 12.16
CA PRO E 163 -12.72 16.51 11.43
C PRO E 163 -12.31 17.21 10.14
N ARG E 164 -12.91 18.35 9.81
CA ARG E 164 -12.58 19.10 8.62
C ARG E 164 -11.66 20.27 8.90
N ILE E 165 -11.29 20.51 10.15
CA ILE E 165 -10.45 21.65 10.50
C ILE E 165 -9.15 21.16 11.11
N PRO E 166 -8.04 21.87 10.91
CA PRO E 166 -6.77 21.50 11.55
C PRO E 166 -6.68 22.12 12.94
N TYR E 167 -6.51 21.28 13.96
CA TYR E 167 -6.36 21.76 15.32
C TYR E 167 -4.92 22.09 15.69
N THR E 168 -3.95 21.49 15.01
CA THR E 168 -2.54 21.81 15.22
C THR E 168 -1.93 22.35 13.93
N ILE F 4 -7.05 -19.82 58.55
CA ILE F 4 -6.17 -19.38 57.47
C ILE F 4 -6.99 -19.21 56.17
N ILE F 5 -7.38 -17.96 55.93
CA ILE F 5 -8.39 -17.59 54.93
C ILE F 5 -7.71 -17.11 53.67
N GLU F 6 -8.25 -17.52 52.50
CA GLU F 6 -7.71 -17.11 51.22
C GLU F 6 -8.85 -16.85 50.23
N PHE F 7 -8.60 -15.95 49.28
CA PHE F 7 -9.57 -15.56 48.27
C PHE F 7 -8.96 -15.80 46.89
N HIS F 8 -9.69 -16.49 46.01
CA HIS F 8 -9.21 -16.78 44.67
C HIS F 8 -10.34 -16.61 43.67
N VAL F 9 -10.09 -15.82 42.64
CA VAL F 9 -10.99 -15.75 41.49
C VAL F 9 -10.64 -16.89 40.56
N ILE F 10 -11.60 -17.78 40.30
CA ILE F 10 -11.36 -18.97 39.49
C ILE F 10 -12.52 -19.13 38.50
N GLY F 11 -12.32 -20.06 37.57
CA GLY F 11 -13.34 -20.37 36.59
C GLY F 11 -12.85 -21.51 35.71
N ASN F 12 -13.77 -22.09 34.95
CA ASN F 12 -13.46 -23.18 34.05
C ASN F 12 -13.21 -22.62 32.66
N SER F 13 -11.98 -22.75 32.18
CA SER F 13 -11.67 -22.39 30.80
C SER F 13 -11.86 -23.59 29.89
N ALA F 18 -8.88 -25.63 34.66
CA ALA F 18 -8.20 -26.82 34.16
C ALA F 18 -7.52 -27.63 35.24
N ASN F 19 -6.76 -26.94 36.07
CA ASN F 19 -6.07 -27.39 37.27
C ASN F 19 -6.93 -28.31 38.15
N ARG F 20 -6.29 -29.32 38.76
CA ARG F 20 -7.04 -30.21 39.66
C ARG F 20 -7.55 -29.45 40.88
N ARG F 21 -6.70 -28.59 41.45
CA ARG F 21 -7.11 -27.81 42.61
C ARG F 21 -8.31 -26.94 42.30
N VAL F 22 -8.27 -26.24 41.16
CA VAL F 22 -9.38 -25.38 40.76
C VAL F 22 -10.63 -26.20 40.49
N LEU F 23 -10.48 -27.35 39.83
CA LEU F 23 -11.63 -28.17 39.47
C LEU F 23 -12.39 -28.65 40.71
N LEU F 24 -11.66 -29.15 41.71
CA LEU F 24 -12.30 -29.59 42.94
C LEU F 24 -12.92 -28.42 43.70
N TRP F 25 -12.27 -27.25 43.65
CA TRP F 25 -12.85 -26.06 44.25
C TRP F 25 -14.18 -25.71 43.59
N LEU F 26 -14.24 -25.75 42.26
CA LEU F 26 -15.48 -25.46 41.54
C LEU F 26 -16.57 -26.45 41.93
N VAL F 27 -16.21 -27.71 42.17
CA VAL F 27 -17.19 -28.69 42.65
C VAL F 27 -17.66 -28.30 44.05
N GLY F 28 -16.73 -27.97 44.93
CA GLY F 28 -17.11 -27.52 46.27
C GLY F 28 -17.99 -26.29 46.22
N LEU F 29 -17.71 -25.36 45.29
CA LEU F 29 -18.55 -24.19 45.14
C LEU F 29 -19.94 -24.56 44.65
N GLN F 30 -20.03 -25.45 43.66
CA GLN F 30 -21.33 -25.92 43.18
C GLN F 30 -22.10 -26.60 44.30
N ASN F 31 -21.40 -27.35 45.15
CA ASN F 31 -22.03 -27.98 46.31
C ASN F 31 -22.58 -26.94 47.29
N VAL F 32 -21.77 -25.92 47.62
CA VAL F 32 -22.20 -24.92 48.60
C VAL F 32 -23.36 -24.09 48.05
N PHE F 33 -23.25 -23.62 46.79
CA PHE F 33 -24.35 -22.88 46.20
C PHE F 33 -25.63 -23.70 46.20
N SER F 34 -25.53 -24.99 45.86
CA SER F 34 -26.72 -25.82 45.71
C SER F 34 -27.36 -26.13 47.06
N HIS F 35 -26.55 -26.36 48.08
CA HIS F 35 -27.09 -26.67 49.40
C HIS F 35 -27.68 -25.43 50.06
N GLN F 36 -27.05 -24.27 49.87
CA GLN F 36 -27.56 -23.04 50.45
C GLN F 36 -28.71 -22.44 49.65
N LEU F 37 -28.88 -22.85 48.40
CA LEU F 37 -30.00 -22.43 47.55
C LEU F 37 -30.70 -23.67 47.02
N PRO F 38 -31.37 -24.44 47.90
CA PRO F 38 -31.85 -25.77 47.48
C PRO F 38 -32.99 -25.75 46.48
N ARG F 39 -33.67 -24.63 46.29
CA ARG F 39 -34.81 -24.61 45.38
C ARG F 39 -34.42 -24.12 43.99
N MET F 40 -33.15 -23.97 43.72
CA MET F 40 -32.70 -23.90 42.34
C MET F 40 -32.22 -25.27 41.89
N PRO F 41 -32.45 -25.65 40.64
CA PRO F 41 -31.96 -26.95 40.17
C PRO F 41 -30.44 -26.97 40.23
N LYS F 42 -29.89 -28.01 40.83
CA LYS F 42 -28.44 -28.10 40.97
C LYS F 42 -27.75 -28.29 39.63
N GLU F 43 -28.45 -28.84 38.64
CA GLU F 43 -27.92 -28.89 37.28
C GLU F 43 -27.70 -27.49 36.71
N TYR F 44 -28.60 -26.57 37.01
CA TYR F 44 -28.48 -25.18 36.54
C TYR F 44 -27.32 -24.47 37.23
N ILE F 45 -27.16 -24.69 38.53
CA ILE F 45 -26.02 -24.15 39.26
C ILE F 45 -24.72 -24.70 38.69
N ALA F 46 -24.67 -26.01 38.44
CA ALA F 46 -23.46 -26.62 37.91
C ALA F 46 -23.11 -26.04 36.54
N ARG F 47 -24.12 -25.87 35.67
CA ARG F 47 -23.86 -25.33 34.34
C ARG F 47 -23.26 -23.93 34.42
N LEU F 48 -23.81 -23.08 35.30
CA LEU F 48 -23.30 -21.71 35.39
C LEU F 48 -21.92 -21.67 36.02
N VAL F 49 -21.71 -22.46 37.09
CA VAL F 49 -20.42 -22.46 37.78
C VAL F 49 -19.30 -22.89 36.84
N PHE F 50 -19.58 -23.84 35.94
CA PHE F 50 -18.58 -24.35 35.01
C PHE F 50 -18.63 -23.69 33.64
N ASP F 51 -19.50 -22.69 33.46
CA ASP F 51 -19.54 -21.96 32.21
C ASP F 51 -18.31 -21.05 32.09
N PRO F 52 -17.66 -21.04 30.92
CA PRO F 52 -16.40 -20.28 30.80
C PRO F 52 -16.57 -18.77 30.91
N LYS F 53 -17.74 -18.22 30.58
CA LYS F 53 -17.98 -16.79 30.75
C LYS F 53 -18.26 -16.43 32.20
N HIS F 54 -18.41 -17.41 33.09
CA HIS F 54 -18.68 -17.15 34.49
C HIS F 54 -17.42 -17.35 35.32
N LYS F 55 -17.24 -16.50 36.33
CA LYS F 55 -16.16 -16.64 37.28
C LYS F 55 -16.74 -16.72 38.68
N THR F 56 -15.98 -17.30 39.59
CA THR F 56 -16.37 -17.38 40.98
C THR F 56 -15.23 -16.90 41.85
N LEU F 57 -15.54 -16.03 42.81
CA LEU F 57 -14.62 -15.64 43.85
C LEU F 57 -14.77 -16.64 44.99
N ALA F 58 -13.76 -17.49 45.19
CA ALA F 58 -13.85 -18.59 46.15
C ALA F 58 -13.25 -18.18 47.48
N LEU F 59 -13.96 -18.51 48.57
CA LEU F 59 -13.48 -18.29 49.92
C LEU F 59 -12.94 -19.62 50.44
N ILE F 60 -11.63 -19.69 50.66
CA ILE F 60 -10.95 -20.91 51.06
C ILE F 60 -10.49 -20.79 52.51
N LYS F 61 -10.94 -21.71 53.36
CA LYS F 61 -10.48 -21.80 54.74
C LYS F 61 -9.83 -23.16 54.92
N ASP F 62 -8.57 -23.15 55.36
CA ASP F 62 -7.80 -24.37 55.61
C ASP F 62 -7.90 -25.32 54.41
N GLY F 63 -7.66 -24.77 53.22
CA GLY F 63 -7.72 -25.52 51.98
C GLY F 63 -9.10 -25.93 51.52
N ARG F 64 -10.16 -25.51 52.22
CA ARG F 64 -11.51 -26.00 51.95
C ARG F 64 -12.42 -24.84 51.54
N VAL F 65 -13.25 -25.08 50.53
CA VAL F 65 -14.25 -24.12 50.08
C VAL F 65 -15.32 -23.97 51.15
N ILE F 66 -15.52 -22.74 51.63
CA ILE F 66 -16.58 -22.45 52.59
C ILE F 66 -17.53 -21.37 52.09
N GLY F 67 -17.34 -20.87 50.89
CA GLY F 67 -18.24 -19.86 50.36
C GLY F 67 -17.71 -19.29 49.07
N GLY F 68 -18.53 -18.46 48.45
CA GLY F 68 -18.09 -17.82 47.23
C GLY F 68 -19.15 -16.91 46.65
N ILE F 69 -18.76 -16.19 45.60
CA ILE F 69 -19.67 -15.37 44.81
C ILE F 69 -19.42 -15.73 43.36
N CYS F 70 -20.42 -16.31 42.71
CA CYS F 70 -20.37 -16.56 41.27
C CYS F 70 -20.89 -15.33 40.55
N PHE F 71 -20.16 -14.88 39.53
CA PHE F 71 -20.50 -13.64 38.84
C PHE F 71 -20.18 -13.75 37.36
N ARG F 72 -20.77 -12.85 36.59
CA ARG F 72 -20.58 -12.78 35.14
C ARG F 72 -20.21 -11.35 34.79
N MET F 73 -18.95 -11.15 34.37
CA MET F 73 -18.51 -9.84 33.91
C MET F 73 -19.06 -9.57 32.52
N PHE F 74 -19.65 -8.39 32.33
CA PHE F 74 -20.09 -7.92 31.02
C PHE F 74 -19.32 -6.64 30.67
N PRO F 75 -18.02 -6.75 30.37
CA PRO F 75 -17.25 -5.53 30.10
C PRO F 75 -17.76 -4.71 28.92
N THR F 76 -18.36 -5.34 27.91
CA THR F 76 -18.93 -4.55 26.82
C THR F 76 -20.11 -3.71 27.29
N GLN F 77 -20.84 -4.18 28.30
CA GLN F 77 -21.98 -3.45 28.83
C GLN F 77 -21.62 -2.61 30.06
N GLY F 78 -20.40 -2.73 30.56
CA GLY F 78 -19.98 -1.94 31.70
C GLY F 78 -20.58 -2.32 33.03
N PHE F 79 -20.91 -3.59 33.25
CA PHE F 79 -21.38 -4.02 34.55
C PHE F 79 -21.07 -5.50 34.73
N THR F 80 -21.09 -5.95 35.99
CA THR F 80 -21.03 -7.36 36.34
C THR F 80 -22.35 -7.77 36.97
N GLU F 81 -22.83 -8.95 36.59
CA GLU F 81 -23.98 -9.57 37.25
C GLU F 81 -23.50 -10.44 38.41
N ILE F 82 -24.11 -10.25 39.58
CA ILE F 82 -23.92 -11.15 40.71
C ILE F 82 -24.91 -12.29 40.56
N VAL F 83 -24.40 -13.52 40.46
CA VAL F 83 -25.25 -14.67 40.16
C VAL F 83 -25.61 -15.43 41.43
N PHE F 84 -24.60 -15.96 42.14
CA PHE F 84 -24.80 -16.67 43.40
C PHE F 84 -23.87 -16.11 44.47
N CYS F 85 -24.38 -15.95 45.68
CA CYS F 85 -23.57 -15.68 46.87
C CYS F 85 -23.95 -16.69 47.93
N ALA F 86 -22.95 -17.28 48.59
CA ALA F 86 -23.25 -18.21 49.66
C ALA F 86 -22.02 -18.39 50.54
N VAL F 87 -22.28 -18.61 51.82
CA VAL F 87 -21.29 -19.05 52.79
C VAL F 87 -21.89 -20.26 53.49
N THR F 88 -21.06 -21.28 53.73
CA THR F 88 -21.56 -22.49 54.36
C THR F 88 -22.11 -22.16 55.75
N SER F 89 -23.05 -23.00 56.21
CA SER F 89 -23.88 -22.63 57.36
C SER F 89 -23.06 -22.43 58.62
N ASN F 90 -22.09 -23.31 58.87
CA ASN F 90 -21.28 -23.22 60.08
C ASN F 90 -20.38 -21.99 60.10
N GLU F 91 -20.23 -21.28 58.97
CA GLU F 91 -19.31 -20.17 58.87
C GLU F 91 -20.01 -18.83 58.65
N GLN F 92 -21.34 -18.80 58.74
CA GLN F 92 -22.09 -17.56 58.55
C GLN F 92 -22.00 -16.68 59.78
N VAL F 93 -22.47 -15.43 59.62
CA VAL F 93 -22.45 -14.41 60.67
C VAL F 93 -21.07 -14.29 61.29
N LYS F 94 -20.03 -14.31 60.44
CA LYS F 94 -18.67 -14.07 60.88
C LYS F 94 -17.97 -13.01 60.04
N GLY F 95 -18.70 -12.32 59.15
CA GLY F 95 -18.11 -11.33 58.28
C GLY F 95 -17.58 -11.84 56.96
N TYR F 96 -17.69 -13.15 56.70
CA TYR F 96 -17.13 -13.70 55.47
C TYR F 96 -17.88 -13.21 54.24
N GLY F 97 -19.21 -13.15 54.31
CA GLY F 97 -19.98 -12.63 53.19
C GLY F 97 -19.61 -11.20 52.86
N THR F 98 -19.33 -10.40 53.89
CA THR F 98 -18.91 -9.02 53.69
C THR F 98 -17.51 -8.95 53.07
N HIS F 99 -16.58 -9.76 53.59
CA HIS F 99 -15.23 -9.78 53.03
C HIS F 99 -15.24 -10.25 51.58
N LEU F 100 -16.07 -11.25 51.27
CA LEU F 100 -16.21 -11.68 49.88
C LEU F 100 -16.61 -10.52 48.97
N MET F 101 -17.66 -9.81 49.35
CA MET F 101 -18.15 -8.73 48.50
C MET F 101 -17.13 -7.59 48.41
N ASN F 102 -16.42 -7.31 49.51
CA ASN F 102 -15.35 -6.32 49.48
C ASN F 102 -14.26 -6.71 48.50
N HIS F 103 -13.81 -7.96 48.56
CA HIS F 103 -12.81 -8.44 47.62
C HIS F 103 -13.34 -8.40 46.18
N LEU F 104 -14.63 -8.69 46.01
CA LEU F 104 -15.20 -8.62 44.67
C LEU F 104 -15.26 -7.17 44.19
N LYS F 105 -15.52 -6.22 45.08
CA LYS F 105 -15.52 -4.82 44.71
C LYS F 105 -14.12 -4.36 44.31
N GLU F 106 -13.11 -4.69 45.11
CA GLU F 106 -11.75 -4.32 44.78
C GLU F 106 -11.31 -4.93 43.45
N TYR F 107 -11.67 -6.20 43.23
CA TYR F 107 -11.32 -6.87 41.98
C TYR F 107 -11.90 -6.14 40.78
N HIS F 108 -13.16 -5.68 40.87
CA HIS F 108 -13.78 -5.04 39.72
C HIS F 108 -13.28 -3.62 39.53
N ILE F 109 -12.89 -2.94 40.60
CA ILE F 109 -12.27 -1.62 40.47
C ILE F 109 -10.99 -1.72 39.65
N LYS F 110 -10.16 -2.74 39.93
CA LYS F 110 -8.93 -2.94 39.19
C LYS F 110 -9.18 -3.43 37.76
N HIS F 111 -10.40 -3.81 37.42
CA HIS F 111 -10.71 -4.20 36.05
C HIS F 111 -11.65 -3.20 35.36
N ASN F 112 -11.77 -2.00 35.94
CA ASN F 112 -12.48 -0.89 35.30
C ASN F 112 -13.96 -1.20 35.07
N ILE F 113 -14.56 -1.94 36.00
CA ILE F 113 -16.01 -2.18 36.01
C ILE F 113 -16.56 -1.60 37.30
N LEU F 114 -17.56 -0.73 37.17
CA LEU F 114 -18.00 0.12 38.28
C LEU F 114 -19.44 -0.13 38.69
N TYR F 115 -20.11 -1.13 38.12
CA TYR F 115 -21.50 -1.41 38.48
C TYR F 115 -21.71 -2.90 38.67
N PHE F 116 -22.35 -3.26 39.78
CA PHE F 116 -22.90 -4.59 40.00
C PHE F 116 -24.41 -4.54 39.80
N LEU F 117 -24.97 -5.58 39.19
CA LEU F 117 -26.40 -5.78 39.14
C LEU F 117 -26.73 -7.19 39.60
N THR F 118 -27.87 -7.34 40.28
CA THR F 118 -28.29 -8.66 40.71
C THR F 118 -29.80 -8.68 40.88
N TYR F 119 -30.39 -9.84 40.62
CA TYR F 119 -31.80 -10.08 40.90
C TYR F 119 -31.89 -10.85 42.20
N ALA F 120 -32.26 -10.16 43.28
CA ALA F 120 -32.28 -10.74 44.61
C ALA F 120 -33.65 -11.30 44.95
N ASP F 121 -33.68 -12.49 45.55
CA ASP F 121 -34.93 -12.95 46.12
C ASP F 121 -35.14 -12.25 47.47
N GLU F 122 -36.28 -12.54 48.10
CA GLU F 122 -36.66 -11.80 49.29
C GLU F 122 -35.73 -12.07 50.46
N TYR F 123 -35.13 -13.26 50.53
CA TYR F 123 -34.27 -13.59 51.65
C TYR F 123 -32.90 -12.93 51.56
N ALA F 124 -32.49 -12.50 50.37
CA ALA F 124 -31.15 -11.95 50.16
C ALA F 124 -31.11 -10.43 50.15
N ILE F 125 -32.27 -9.75 50.15
CA ILE F 125 -32.30 -8.30 50.00
C ILE F 125 -31.55 -7.62 51.13
N GLY F 126 -31.75 -8.09 52.37
CA GLY F 126 -31.07 -7.48 53.50
C GLY F 126 -29.56 -7.55 53.38
N TYR F 127 -29.04 -8.70 52.92
CA TYR F 127 -27.60 -8.83 52.74
C TYR F 127 -27.08 -7.82 51.72
N PHE F 128 -27.75 -7.70 50.57
CA PHE F 128 -27.27 -6.80 49.53
C PHE F 128 -27.36 -5.34 49.97
N LYS F 129 -28.40 -4.98 50.73
CA LYS F 129 -28.51 -3.62 51.26
C LYS F 129 -27.32 -3.27 52.14
N LYS F 130 -26.87 -4.20 52.98
CA LYS F 130 -25.71 -3.99 53.84
C LYS F 130 -24.42 -3.87 53.06
N GLN F 131 -24.36 -4.43 51.85
CA GLN F 131 -23.20 -4.26 50.99
C GLN F 131 -23.32 -3.03 50.11
N GLY F 132 -24.28 -2.14 50.38
CA GLY F 132 -24.39 -0.91 49.62
C GLY F 132 -25.18 -1.02 48.34
N PHE F 133 -25.95 -2.09 48.16
CA PHE F 133 -26.81 -2.22 46.99
C PHE F 133 -28.10 -1.43 47.20
N SER F 134 -28.71 -1.00 46.09
CA SER F 134 -29.90 -0.18 46.14
C SER F 134 -30.91 -0.66 45.09
N LYS F 135 -32.19 -0.44 45.38
CA LYS F 135 -33.25 -0.66 44.41
C LYS F 135 -33.32 0.43 43.35
N ASP F 136 -32.64 1.56 43.56
CA ASP F 136 -32.64 2.65 42.60
C ASP F 136 -31.61 2.35 41.51
N ILE F 137 -32.11 2.02 40.31
CA ILE F 137 -31.28 1.50 39.23
C ILE F 137 -30.90 2.65 38.31
N LYS F 138 -29.63 3.01 38.29
CA LYS F 138 -29.16 4.08 37.42
C LYS F 138 -28.79 3.58 36.03
N VAL F 139 -28.38 2.32 35.92
CA VAL F 139 -28.05 1.73 34.63
C VAL F 139 -29.31 1.68 33.76
N PRO F 140 -29.29 2.23 32.54
CA PRO F 140 -30.46 2.13 31.68
C PRO F 140 -30.82 0.69 31.34
N LYS F 141 -32.13 0.45 31.21
CA LYS F 141 -32.63 -0.89 30.91
C LYS F 141 -32.04 -1.48 29.64
N SER F 142 -31.73 -0.65 28.65
CA SER F 142 -31.19 -1.16 27.39
C SER F 142 -29.82 -1.80 27.57
N ARG F 143 -29.13 -1.52 28.68
CA ARG F 143 -27.79 -2.05 28.91
C ARG F 143 -27.77 -3.43 29.54
N TYR F 144 -28.84 -3.82 30.24
CA TYR F 144 -28.83 -5.08 30.99
C TYR F 144 -29.96 -6.03 30.63
N LEU F 145 -31.07 -5.55 30.08
CA LEU F 145 -32.19 -6.44 29.78
C LEU F 145 -31.76 -7.46 28.72
N GLY F 146 -31.88 -8.74 29.06
CA GLY F 146 -31.53 -9.81 28.16
C GLY F 146 -30.19 -10.44 28.43
N TYR F 147 -29.26 -9.70 29.04
CA TYR F 147 -27.99 -10.26 29.45
C TYR F 147 -28.08 -10.92 30.82
N ILE F 148 -28.88 -10.36 31.71
CA ILE F 148 -29.21 -10.96 32.99
C ILE F 148 -30.68 -11.36 32.92
N LYS F 149 -31.02 -12.45 33.59
CA LYS F 149 -32.38 -12.99 33.55
C LYS F 149 -33.24 -12.34 34.63
N ASP F 150 -34.37 -11.77 34.22
CA ASP F 150 -35.31 -11.11 35.12
C ASP F 150 -36.32 -12.15 35.61
N TYR F 151 -35.99 -12.83 36.71
CA TYR F 151 -36.91 -13.79 37.29
C TYR F 151 -38.09 -13.08 37.94
N GLU F 152 -39.29 -13.52 37.59
CA GLU F 152 -40.49 -12.93 38.16
C GLU F 152 -40.45 -13.02 39.68
N GLY F 153 -40.83 -11.91 40.33
CA GLY F 153 -40.82 -11.83 41.77
C GLY F 153 -39.50 -11.42 42.38
N ALA F 154 -38.40 -11.41 41.62
CA ALA F 154 -37.11 -11.01 42.13
C ALA F 154 -36.95 -9.50 42.03
N THR F 155 -36.05 -8.97 42.85
CA THR F 155 -35.84 -7.52 42.97
C THR F 155 -34.50 -7.16 42.37
N LEU F 156 -34.52 -6.34 41.31
CA LEU F 156 -33.28 -5.82 40.74
C LEU F 156 -32.62 -4.85 41.71
N MET F 157 -31.34 -5.06 41.98
CA MET F 157 -30.58 -4.19 42.87
C MET F 157 -29.24 -3.87 42.22
N GLU F 158 -28.73 -2.68 42.51
CA GLU F 158 -27.55 -2.12 41.87
C GLU F 158 -26.56 -1.66 42.94
N CYS F 159 -25.28 -1.85 42.67
CA CYS F 159 -24.23 -1.27 43.51
C CYS F 159 -23.28 -0.50 42.61
N GLU F 160 -23.07 0.77 42.95
CA GLU F 160 -22.14 1.62 42.23
C GLU F 160 -20.82 1.62 42.98
N LEU F 161 -19.73 1.45 42.24
CA LEU F 161 -18.40 1.36 42.84
C LEU F 161 -17.62 2.65 42.59
N ASN F 162 -16.67 2.91 43.48
CA ASN F 162 -15.86 4.13 43.39
C ASN F 162 -14.40 3.74 43.21
N PRO F 163 -13.80 4.05 42.06
CA PRO F 163 -12.39 3.66 41.82
C PRO F 163 -11.39 4.28 42.80
N ARG F 164 -11.77 5.30 43.56
CA ARG F 164 -10.85 5.94 44.48
C ARG F 164 -10.88 5.34 45.89
N ILE F 165 -11.73 4.35 46.12
CA ILE F 165 -11.95 3.79 47.46
C ILE F 165 -11.16 2.50 47.58
N PRO F 166 -10.41 2.29 48.67
CA PRO F 166 -9.82 0.97 48.95
C PRO F 166 -10.83 0.08 49.65
N TYR F 167 -11.31 -0.94 48.95
CA TYR F 167 -12.36 -1.80 49.52
C TYR F 167 -11.81 -2.92 50.39
N THR F 168 -10.55 -3.30 50.21
CA THR F 168 -9.93 -4.33 51.04
C THR F 168 -8.66 -3.80 51.70
N ILE G 4 -18.62 -10.62 -30.27
CA ILE G 4 -17.99 -9.81 -29.24
C ILE G 4 -16.51 -9.55 -29.59
N ILE G 5 -16.14 -8.28 -29.54
CA ILE G 5 -14.79 -7.82 -29.86
C ILE G 5 -14.07 -7.47 -28.57
N GLU G 6 -12.84 -7.95 -28.41
CA GLU G 6 -12.02 -7.59 -27.27
C GLU G 6 -10.58 -7.41 -27.70
N PHE G 7 -9.89 -6.52 -26.99
CA PHE G 7 -8.49 -6.21 -27.24
C PHE G 7 -7.69 -6.62 -26.01
N HIS G 8 -6.55 -7.26 -26.24
CA HIS G 8 -5.71 -7.71 -25.14
C HIS G 8 -4.25 -7.53 -25.50
N VAL G 9 -3.49 -6.94 -24.60
CA VAL G 9 -2.05 -6.86 -24.70
C VAL G 9 -1.47 -8.13 -24.08
N ILE G 10 -0.84 -8.97 -24.89
CA ILE G 10 -0.36 -10.27 -24.45
C ILE G 10 1.09 -10.44 -24.89
N GLY G 11 1.66 -11.57 -24.49
CA GLY G 11 3.05 -11.87 -24.80
C GLY G 11 3.52 -13.05 -23.99
N ASN G 12 4.71 -13.52 -24.35
CA ASN G 12 5.33 -14.64 -23.66
C ASN G 12 6.09 -14.12 -22.45
N SER G 13 5.76 -14.63 -21.27
CA SER G 13 6.27 -14.11 -20.02
C SER G 13 7.65 -14.66 -19.71
N ASN G 19 -0.32 -20.26 -19.50
CA ASN G 19 -1.73 -20.09 -19.84
C ASN G 19 -1.98 -20.53 -21.29
N ARG G 20 -2.88 -21.51 -21.44
CA ARG G 20 -3.10 -22.12 -22.76
C ARG G 20 -3.77 -21.16 -23.73
N ARG G 21 -4.68 -20.33 -23.23
CA ARG G 21 -5.43 -19.44 -24.11
C ARG G 21 -4.53 -18.39 -24.75
N VAL G 22 -3.73 -17.71 -23.93
CA VAL G 22 -2.75 -16.74 -24.44
C VAL G 22 -1.79 -17.42 -25.41
N LEU G 23 -1.31 -18.61 -25.05
CA LEU G 23 -0.40 -19.35 -25.91
C LEU G 23 -1.01 -19.59 -27.29
N LEU G 24 -2.25 -20.07 -27.33
CA LEU G 24 -2.92 -20.30 -28.61
C LEU G 24 -3.17 -18.98 -29.33
N TRP G 25 -3.49 -17.91 -28.59
CA TRP G 25 -3.58 -16.58 -29.19
C TRP G 25 -2.26 -16.19 -29.84
N LEU G 26 -1.14 -16.50 -29.19
CA LEU G 26 0.17 -16.15 -29.77
C LEU G 26 0.45 -16.96 -31.04
N VAL G 27 0.05 -18.22 -31.06
CA VAL G 27 0.13 -19.02 -32.27
C VAL G 27 -0.77 -18.46 -33.35
N GLY G 28 -2.00 -18.08 -32.99
CA GLY G 28 -2.90 -17.49 -33.96
C GLY G 28 -2.37 -16.19 -34.51
N LEU G 29 -1.74 -15.38 -33.65
CA LEU G 29 -1.10 -14.16 -34.11
C LEU G 29 0.05 -14.45 -35.06
N GLN G 30 0.89 -15.43 -34.70
CA GLN G 30 1.99 -15.81 -35.57
C GLN G 30 1.47 -16.31 -36.91
N ASN G 31 0.32 -17.01 -36.91
CA ASN G 31 -0.29 -17.43 -38.18
C ASN G 31 -0.73 -16.23 -39.00
N VAL G 32 -1.46 -15.29 -38.39
CA VAL G 32 -1.97 -14.15 -39.14
C VAL G 32 -0.84 -13.27 -39.64
N PHE G 33 0.17 -13.01 -38.80
CA PHE G 33 1.32 -12.25 -39.24
C PHE G 33 2.02 -12.93 -40.42
N SER G 34 2.23 -14.25 -40.31
CA SER G 34 2.91 -14.97 -41.38
C SER G 34 2.12 -14.96 -42.67
N HIS G 35 0.80 -15.09 -42.60
CA HIS G 35 -0.01 -15.21 -43.81
C HIS G 35 -0.15 -13.85 -44.51
N GLN G 36 -0.32 -12.78 -43.74
CA GLN G 36 -0.54 -11.45 -44.30
C GLN G 36 0.76 -10.73 -44.65
N LEU G 37 1.89 -11.16 -44.09
CA LEU G 37 3.21 -10.65 -44.43
C LEU G 37 4.07 -11.81 -44.89
N PRO G 38 3.78 -12.37 -46.07
CA PRO G 38 4.36 -13.67 -46.47
C PRO G 38 5.85 -13.59 -46.72
N ARG G 39 6.41 -12.38 -46.68
CA ARG G 39 7.77 -12.13 -47.08
C ARG G 39 8.76 -12.23 -45.92
N MET G 40 8.27 -12.12 -44.71
CA MET G 40 9.06 -12.40 -43.51
C MET G 40 9.00 -13.89 -43.19
N PRO G 41 10.13 -14.54 -42.95
CA PRO G 41 10.10 -15.99 -42.67
C PRO G 41 9.30 -16.32 -41.42
N LYS G 42 8.59 -17.44 -41.48
CA LYS G 42 7.68 -17.82 -40.41
C LYS G 42 8.41 -18.03 -39.08
N GLU G 43 9.59 -18.67 -39.12
CA GLU G 43 10.31 -18.94 -37.87
C GLU G 43 10.73 -17.66 -37.17
N TYR G 44 11.01 -16.60 -37.94
CA TYR G 44 11.47 -15.35 -37.33
C TYR G 44 10.30 -14.55 -36.78
N ILE G 45 9.16 -14.55 -37.47
CA ILE G 45 7.93 -14.05 -36.89
C ILE G 45 7.65 -14.76 -35.58
N ALA G 46 7.81 -16.10 -35.58
CA ALA G 46 7.56 -16.88 -34.38
C ALA G 46 8.48 -16.45 -33.23
N ARG G 47 9.77 -16.27 -33.50
CA ARG G 47 10.66 -15.91 -32.40
C ARG G 47 10.41 -14.48 -31.93
N LEU G 48 10.01 -13.58 -32.82
CA LEU G 48 9.69 -12.23 -32.38
C LEU G 48 8.41 -12.20 -31.55
N VAL G 49 7.39 -12.95 -31.98
CA VAL G 49 6.11 -12.94 -31.28
C VAL G 49 6.25 -13.56 -29.90
N PHE G 50 7.11 -14.57 -29.76
CA PHE G 50 7.30 -15.23 -28.47
C PHE G 50 8.48 -14.66 -27.68
N ASP G 51 9.08 -13.57 -28.15
CA ASP G 51 10.17 -12.96 -27.42
C ASP G 51 9.62 -12.16 -26.23
N PRO G 52 10.16 -12.35 -25.03
CA PRO G 52 9.59 -11.68 -23.87
C PRO G 52 9.61 -10.15 -23.95
N LYS G 53 10.61 -9.56 -24.61
CA LYS G 53 10.67 -8.11 -24.75
C LYS G 53 9.63 -7.57 -25.73
N HIS G 54 9.02 -8.44 -26.53
CA HIS G 54 8.00 -8.03 -27.49
C HIS G 54 6.62 -8.28 -26.92
N LYS G 55 5.71 -7.36 -27.20
CA LYS G 55 4.31 -7.50 -26.83
C LYS G 55 3.48 -7.49 -28.10
N THR G 56 2.27 -8.04 -28.02
CA THR G 56 1.34 -7.97 -29.14
C THR G 56 -0.01 -7.53 -28.61
N LEU G 57 -0.56 -6.50 -29.24
CA LEU G 57 -1.95 -6.11 -28.99
C LEU G 57 -2.82 -6.98 -29.88
N ALA G 58 -3.63 -7.85 -29.26
CA ALA G 58 -4.39 -8.85 -29.99
C ALA G 58 -5.84 -8.41 -30.16
N LEU G 59 -6.36 -8.55 -31.37
CA LEU G 59 -7.76 -8.29 -31.67
C LEU G 59 -8.50 -9.62 -31.70
N ILE G 60 -9.38 -9.84 -30.74
CA ILE G 60 -10.06 -11.11 -30.53
C ILE G 60 -11.55 -10.91 -30.85
N LYS G 61 -12.05 -11.72 -31.77
CA LYS G 61 -13.49 -11.74 -32.10
C LYS G 61 -14.01 -13.15 -31.83
N ASP G 62 -14.89 -13.27 -30.83
CA ASP G 62 -15.51 -14.55 -30.49
C ASP G 62 -14.45 -15.60 -30.13
N GLY G 63 -13.48 -15.18 -29.30
CA GLY G 63 -12.42 -16.06 -28.86
C GLY G 63 -11.34 -16.36 -29.88
N ARG G 64 -11.42 -15.81 -31.09
CA ARG G 64 -10.49 -16.13 -32.17
C ARG G 64 -9.67 -14.90 -32.56
N VAL G 65 -8.37 -15.12 -32.78
CA VAL G 65 -7.49 -14.06 -33.24
C VAL G 65 -7.81 -13.72 -34.69
N ILE G 66 -8.08 -12.44 -34.95
CA ILE G 66 -8.31 -11.95 -36.30
C ILE G 66 -7.36 -10.84 -36.69
N GLY G 67 -6.47 -10.42 -35.79
CA GLY G 67 -5.54 -9.36 -36.08
C GLY G 67 -4.76 -8.99 -34.84
N GLY G 68 -3.76 -8.15 -35.04
CA GLY G 68 -2.93 -7.71 -33.93
C GLY G 68 -1.84 -6.78 -34.38
N ILE G 69 -1.17 -6.19 -33.39
CA ILE G 69 -0.01 -5.34 -33.60
C ILE G 69 1.09 -5.81 -32.66
N CYS G 70 2.16 -6.34 -33.22
CA CYS G 70 3.32 -6.75 -32.44
C CYS G 70 4.25 -5.54 -32.31
N PHE G 71 4.72 -5.29 -31.08
CA PHE G 71 5.49 -4.08 -30.86
C PHE G 71 6.53 -4.33 -29.77
N ARG G 72 7.56 -3.49 -29.79
CA ARG G 72 8.68 -3.56 -28.84
C ARG G 72 8.85 -2.20 -28.21
N MET G 73 8.62 -2.10 -26.90
CA MET G 73 8.74 -0.84 -26.20
C MET G 73 10.20 -0.55 -25.86
N PHE G 74 10.64 0.68 -26.12
CA PHE G 74 12.00 1.13 -25.80
C PHE G 74 11.92 2.34 -24.87
N PRO G 75 11.50 2.15 -23.62
CA PRO G 75 11.33 3.32 -22.73
C PRO G 75 12.63 4.07 -22.47
N THR G 76 13.78 3.40 -22.54
CA THR G 76 15.05 4.09 -22.38
C THR G 76 15.33 5.04 -23.54
N GLN G 77 14.83 4.71 -24.73
CA GLN G 77 15.04 5.53 -25.92
C GLN G 77 13.90 6.48 -26.21
N GLY G 78 12.78 6.38 -25.49
CA GLY G 78 11.67 7.30 -25.65
C GLY G 78 10.65 6.96 -26.72
N PHE G 79 10.65 5.74 -27.24
CA PHE G 79 9.71 5.40 -28.31
C PHE G 79 9.40 3.91 -28.28
N THR G 80 8.42 3.53 -29.09
CA THR G 80 8.07 2.14 -29.33
C THR G 80 8.21 1.79 -30.80
N GLU G 81 8.79 0.63 -31.08
CA GLU G 81 8.89 0.10 -32.43
C GLU G 81 7.67 -0.75 -32.75
N ILE G 82 7.00 -0.45 -33.85
CA ILE G 82 5.94 -1.30 -34.37
C ILE G 82 6.58 -2.34 -35.28
N VAL G 83 6.37 -3.62 -34.97
CA VAL G 83 7.05 -4.71 -35.65
C VAL G 83 6.16 -5.32 -36.72
N PHE G 84 4.96 -5.78 -36.33
CA PHE G 84 3.98 -6.31 -37.26
C PHE G 84 2.62 -5.66 -37.00
N CYS G 85 1.92 -5.29 -38.06
CA CYS G 85 0.51 -4.92 -38.03
C CYS G 85 -0.21 -5.76 -39.07
N ALA G 86 -1.31 -6.39 -38.66
CA ALA G 86 -2.05 -7.19 -39.62
C ALA G 86 -3.47 -7.41 -39.12
N VAL G 87 -4.41 -7.43 -40.05
CA VAL G 87 -5.78 -7.90 -39.83
C VAL G 87 -6.04 -9.00 -40.84
N THR G 88 -6.69 -10.07 -40.41
CA THR G 88 -6.91 -11.20 -41.31
C THR G 88 -7.79 -10.77 -42.48
N SER G 89 -7.62 -11.46 -43.62
CA SER G 89 -8.11 -10.94 -44.90
C SER G 89 -9.60 -10.67 -44.88
N ASN G 90 -10.39 -11.60 -44.35
CA ASN G 90 -11.85 -11.45 -44.43
C ASN G 90 -12.40 -10.44 -43.43
N GLU G 91 -11.54 -9.83 -42.60
CA GLU G 91 -11.96 -8.81 -41.65
C GLU G 91 -11.42 -7.44 -41.99
N GLN G 92 -10.67 -7.30 -43.08
CA GLN G 92 -10.13 -6.00 -43.46
C GLN G 92 -11.25 -5.07 -43.93
N VAL G 93 -10.86 -3.82 -44.20
CA VAL G 93 -11.74 -2.73 -44.60
C VAL G 93 -13.00 -2.65 -43.74
N LYS G 94 -12.86 -2.98 -42.47
CA LYS G 94 -13.96 -2.86 -41.51
C LYS G 94 -13.65 -1.92 -40.35
N GLY G 95 -12.52 -1.20 -40.41
CA GLY G 95 -12.13 -0.33 -39.31
C GLY G 95 -11.40 -1.01 -38.18
N TYR G 96 -11.06 -2.30 -38.31
CA TYR G 96 -10.37 -3.00 -37.23
C TYR G 96 -8.94 -2.50 -37.07
N GLY G 97 -8.26 -2.23 -38.18
CA GLY G 97 -6.90 -1.70 -38.09
C GLY G 97 -6.84 -0.34 -37.41
N THR G 98 -7.86 0.49 -37.62
CA THR G 98 -7.92 1.79 -36.95
C THR G 98 -8.14 1.62 -35.46
N HIS G 99 -9.08 0.77 -35.07
CA HIS G 99 -9.31 0.49 -33.65
C HIS G 99 -8.07 -0.08 -33.00
N LEU G 100 -7.36 -0.95 -33.71
CA LEU G 100 -6.12 -1.52 -33.18
C LEU G 100 -5.11 -0.43 -32.87
N MET G 101 -4.86 0.47 -33.83
CA MET G 101 -3.89 1.52 -33.60
C MET G 101 -4.36 2.47 -32.50
N ASN G 102 -5.65 2.75 -32.44
CA ASN G 102 -6.18 3.60 -31.37
C ASN G 102 -5.90 2.99 -30.00
N HIS G 103 -6.20 1.70 -29.82
CA HIS G 103 -5.91 1.05 -28.56
C HIS G 103 -4.42 1.03 -28.27
N LEU G 104 -3.60 0.83 -29.30
CA LEU G 104 -2.15 0.87 -29.08
C LEU G 104 -1.72 2.25 -28.60
N LYS G 105 -2.30 3.30 -29.18
CA LYS G 105 -2.00 4.66 -28.74
C LYS G 105 -2.42 4.87 -27.30
N GLU G 106 -3.66 4.51 -26.98
CA GLU G 106 -4.14 4.65 -25.60
C GLU G 106 -3.25 3.91 -24.62
N TYR G 107 -2.86 2.68 -24.98
CA TYR G 107 -1.95 1.91 -24.14
C TYR G 107 -0.66 2.67 -23.88
N HIS G 108 -0.10 3.29 -24.91
CA HIS G 108 1.19 3.94 -24.76
C HIS G 108 1.07 5.29 -24.06
N ILE G 109 -0.07 5.96 -24.18
CA ILE G 109 -0.33 7.14 -23.36
C ILE G 109 -0.26 6.78 -21.88
N LYS G 110 -0.92 5.67 -21.51
CA LYS G 110 -0.93 5.25 -20.11
C LYS G 110 0.45 4.87 -19.61
N HIS G 111 1.41 4.62 -20.50
CA HIS G 111 2.79 4.32 -20.14
C HIS G 111 3.75 5.43 -20.52
N ASN G 112 3.22 6.59 -20.93
CA ASN G 112 4.01 7.76 -21.29
C ASN G 112 5.17 7.45 -22.23
N ILE G 113 4.85 6.70 -23.28
CA ILE G 113 5.67 6.62 -24.47
C ILE G 113 4.88 7.31 -25.57
N LEU G 114 5.46 8.33 -26.18
CA LEU G 114 4.71 9.24 -27.03
C LEU G 114 5.20 9.28 -28.47
N TYR G 115 6.07 8.36 -28.87
CA TYR G 115 6.56 8.28 -30.24
C TYR G 115 6.50 6.84 -30.73
N PHE G 116 5.95 6.64 -31.92
CA PHE G 116 5.99 5.37 -32.64
C PHE G 116 6.97 5.50 -33.81
N LEU G 117 7.77 4.47 -34.03
CA LEU G 117 8.60 4.36 -35.22
C LEU G 117 8.31 3.03 -35.90
N THR G 118 8.24 3.04 -37.22
CA THR G 118 7.99 1.81 -37.95
C THR G 118 8.47 1.97 -39.39
N TYR G 119 8.82 0.83 -40.01
CA TYR G 119 9.15 0.77 -41.43
C TYR G 119 7.94 0.25 -42.19
N ALA G 120 7.42 1.05 -43.12
CA ALA G 120 6.23 0.70 -43.87
C ALA G 120 6.60 0.45 -45.32
N ASP G 121 6.12 -0.66 -45.88
CA ASP G 121 6.21 -0.89 -47.31
C ASP G 121 5.26 0.07 -48.04
N GLU G 122 5.53 0.27 -49.33
CA GLU G 122 4.68 1.15 -50.13
C GLU G 122 3.23 0.69 -50.17
N TYR G 123 2.99 -0.60 -49.93
CA TYR G 123 1.63 -1.14 -49.97
C TYR G 123 0.78 -0.67 -48.80
N ALA G 124 1.41 -0.23 -47.70
CA ALA G 124 0.68 0.06 -46.47
C ALA G 124 0.87 1.47 -45.94
N ILE G 125 1.65 2.33 -46.61
CA ILE G 125 1.91 3.66 -46.08
C ILE G 125 0.62 4.46 -45.94
N GLY G 126 -0.34 4.23 -46.84
CA GLY G 126 -1.58 4.99 -46.79
C GLY G 126 -2.37 4.70 -45.52
N TYR G 127 -2.34 3.46 -45.05
CA TYR G 127 -2.96 3.14 -43.77
C TYR G 127 -2.26 3.88 -42.63
N PHE G 128 -0.92 3.86 -42.63
CA PHE G 128 -0.19 4.52 -41.56
C PHE G 128 -0.40 6.03 -41.61
N LYS G 129 -0.49 6.61 -42.81
CA LYS G 129 -0.77 8.03 -42.91
C LYS G 129 -2.16 8.36 -42.35
N LYS G 130 -3.13 7.49 -42.59
CA LYS G 130 -4.46 7.70 -42.01
C LYS G 130 -4.47 7.52 -40.51
N GLN G 131 -3.45 6.86 -39.94
CA GLN G 131 -3.31 6.79 -38.49
C GLN G 131 -2.42 7.90 -37.95
N GLY G 132 -2.07 8.87 -38.77
CA GLY G 132 -1.29 10.00 -38.31
C GLY G 132 0.21 9.84 -38.40
N PHE G 133 0.69 8.80 -39.07
CA PHE G 133 2.13 8.62 -39.25
C PHE G 133 2.63 9.51 -40.38
N SER G 134 3.87 9.95 -40.25
CA SER G 134 4.49 10.82 -41.24
C SER G 134 5.91 10.36 -41.54
N LYS G 135 6.37 10.65 -42.75
CA LYS G 135 7.72 10.31 -43.16
C LYS G 135 8.76 11.33 -42.70
N ASP G 136 8.33 12.40 -42.03
CA ASP G 136 9.24 13.36 -41.40
C ASP G 136 9.62 12.83 -40.02
N ILE G 137 10.85 12.35 -39.89
CA ILE G 137 11.30 11.69 -38.67
C ILE G 137 11.95 12.72 -37.76
N LYS G 138 11.31 12.97 -36.62
CA LYS G 138 11.83 13.92 -35.65
C LYS G 138 12.80 13.30 -34.66
N VAL G 139 12.66 12.00 -34.40
CA VAL G 139 13.63 11.31 -33.54
C VAL G 139 14.99 11.29 -34.24
N PRO G 140 16.08 11.65 -33.57
CA PRO G 140 17.38 11.65 -34.25
C PRO G 140 17.78 10.25 -34.69
N LYS G 141 18.48 10.18 -35.82
CA LYS G 141 18.97 8.88 -36.29
C LYS G 141 19.88 8.23 -35.26
N SER G 142 20.62 9.04 -34.49
CA SER G 142 21.47 8.50 -33.43
C SER G 142 20.68 7.84 -32.32
N ARG G 143 19.36 8.00 -32.30
CA ARG G 143 18.52 7.46 -31.24
C ARG G 143 17.90 6.11 -31.59
N TYR G 144 17.55 5.90 -32.86
CA TYR G 144 16.81 4.70 -33.24
C TYR G 144 17.60 3.69 -34.06
N LEU G 145 18.70 4.11 -34.67
CA LEU G 145 19.49 3.19 -35.48
C LEU G 145 20.01 2.06 -34.60
N GLY G 146 19.61 0.83 -34.92
CA GLY G 146 19.99 -0.34 -34.15
C GLY G 146 18.93 -0.84 -33.20
N TYR G 147 17.91 -0.03 -32.91
CA TYR G 147 16.80 -0.45 -32.08
C TYR G 147 15.58 -0.85 -32.89
N ILE G 148 15.15 -0.03 -33.84
CA ILE G 148 14.14 -0.43 -34.81
C ILE G 148 14.82 -1.27 -35.88
N LYS G 149 14.22 -2.42 -36.19
CA LYS G 149 14.81 -3.35 -37.14
C LYS G 149 14.69 -2.83 -38.56
N ALA G 154 12.27 -0.11 -47.17
CA ALA G 154 11.02 0.33 -46.60
C ALA G 154 11.11 1.80 -46.16
N THR G 155 9.96 2.40 -45.89
CA THR G 155 9.86 3.82 -45.56
C THR G 155 9.69 3.97 -44.05
N LEU G 156 10.66 4.63 -43.41
CA LEU G 156 10.58 4.90 -41.99
C LEU G 156 9.52 5.97 -41.71
N MET G 157 8.66 5.70 -40.73
CA MET G 157 7.56 6.59 -40.43
C MET G 157 7.45 6.75 -38.92
N GLU G 158 6.98 7.93 -38.52
CA GLU G 158 6.89 8.32 -37.11
C GLU G 158 5.49 8.81 -36.80
N CYS G 159 5.00 8.48 -35.61
CA CYS G 159 3.73 8.99 -35.10
C CYS G 159 3.98 9.56 -33.72
N GLU G 160 3.64 10.82 -33.52
CA GLU G 160 3.75 11.46 -32.22
C GLU G 160 2.39 11.45 -31.56
N LEU G 161 2.35 11.08 -30.28
CA LEU G 161 1.11 10.97 -29.55
C LEU G 161 0.93 12.18 -28.64
N ASN G 162 -0.32 12.53 -28.40
CA ASN G 162 -0.65 13.62 -27.49
C ASN G 162 -1.28 13.04 -26.23
N PRO G 163 -0.64 13.15 -25.07
CA PRO G 163 -1.14 12.47 -23.88
C PRO G 163 -2.36 13.12 -23.26
N ARG G 164 -3.05 13.98 -24.01
CA ARG G 164 -4.29 14.58 -23.57
C ARG G 164 -5.52 14.08 -24.32
N ILE G 165 -5.36 13.57 -25.53
CA ILE G 165 -6.48 13.00 -26.28
C ILE G 165 -6.79 11.63 -25.72
N PRO G 166 -8.07 11.29 -25.48
CA PRO G 166 -8.44 9.89 -25.25
C PRO G 166 -8.57 9.18 -26.58
N TYR G 167 -7.63 8.27 -26.85
CA TYR G 167 -7.66 7.57 -28.14
C TYR G 167 -8.71 6.47 -28.17
N THR G 168 -9.14 5.97 -27.02
CA THR G 168 -10.24 5.01 -26.97
C THR G 168 -11.26 5.42 -25.90
N ILE H 4 34.49 -34.86 -38.44
CA ILE H 4 33.17 -34.34 -38.11
C ILE H 4 33.28 -32.90 -37.62
N ILE H 5 32.51 -32.00 -38.21
CA ILE H 5 32.59 -30.57 -37.92
C ILE H 5 31.52 -30.22 -36.90
N GLU H 6 31.85 -29.33 -35.96
CA GLU H 6 30.93 -28.92 -34.91
C GLU H 6 31.04 -27.42 -34.72
N PHE H 7 29.95 -26.82 -34.24
CA PHE H 7 29.90 -25.40 -33.88
C PHE H 7 29.20 -25.29 -32.54
N HIS H 8 29.78 -24.51 -31.63
CA HIS H 8 29.22 -24.29 -30.32
C HIS H 8 29.47 -22.85 -29.87
N VAL H 9 28.44 -22.20 -29.36
CA VAL H 9 28.59 -20.97 -28.59
C VAL H 9 28.84 -21.37 -27.15
N ILE H 10 29.99 -20.99 -26.62
CA ILE H 10 30.38 -21.34 -25.27
C ILE H 10 30.91 -20.09 -24.58
N GLY H 11 31.25 -20.23 -23.31
CA GLY H 11 31.77 -19.12 -22.55
C GLY H 11 31.93 -19.52 -21.10
N ASN H 12 32.69 -18.72 -20.37
CA ASN H 12 32.91 -18.98 -18.96
C ASN H 12 31.75 -18.41 -18.15
N SER H 13 31.10 -19.26 -17.39
CA SER H 13 29.93 -18.88 -16.60
C SER H 13 30.34 -18.65 -15.15
N LEU H 14 30.01 -17.46 -14.63
CA LEU H 14 30.02 -17.27 -13.18
C LEU H 14 29.17 -18.33 -12.50
N ASN H 19 31.33 -27.78 -15.91
CA ASN H 19 31.63 -28.43 -17.18
C ASN H 19 33.13 -28.36 -17.46
N ARG H 20 33.70 -29.49 -17.86
CA ARG H 20 35.11 -29.62 -18.17
C ARG H 20 35.42 -29.47 -19.64
N ARG H 21 34.55 -29.96 -20.51
CA ARG H 21 34.78 -29.86 -21.95
C ARG H 21 34.82 -28.41 -22.39
N VAL H 22 33.91 -27.57 -21.88
CA VAL H 22 33.92 -26.17 -22.27
C VAL H 22 35.19 -25.50 -21.80
N LEU H 23 35.67 -25.86 -20.60
CA LEU H 23 36.88 -25.25 -20.07
C LEU H 23 38.07 -25.56 -20.96
N LEU H 24 38.23 -26.83 -21.35
CA LEU H 24 39.34 -27.20 -22.22
C LEU H 24 39.18 -26.61 -23.61
N TRP H 25 37.94 -26.50 -24.09
CA TRP H 25 37.69 -25.85 -25.37
C TRP H 25 38.08 -24.38 -25.34
N LEU H 26 37.80 -23.72 -24.21
CA LEU H 26 38.20 -22.32 -24.07
C LEU H 26 39.71 -22.18 -23.97
N VAL H 27 40.38 -23.15 -23.35
CA VAL H 27 41.84 -23.14 -23.33
C VAL H 27 42.39 -23.33 -24.74
N GLY H 28 41.80 -24.25 -25.50
CA GLY H 28 42.19 -24.42 -26.89
C GLY H 28 41.92 -23.20 -27.76
N LEU H 29 40.83 -22.48 -27.48
CA LEU H 29 40.54 -21.26 -28.23
C LEU H 29 41.52 -20.16 -27.90
N GLN H 30 41.82 -19.99 -26.61
CA GLN H 30 42.89 -19.07 -26.22
C GLN H 30 44.20 -19.43 -26.91
N ASN H 31 44.48 -20.73 -27.09
CA ASN H 31 45.71 -21.15 -27.74
C ASN H 31 45.73 -20.79 -29.22
N VAL H 32 44.64 -21.07 -29.93
CA VAL H 32 44.60 -20.76 -31.36
C VAL H 32 44.62 -19.25 -31.58
N PHE H 33 43.82 -18.52 -30.80
CA PHE H 33 43.84 -17.06 -30.89
C PHE H 33 45.26 -16.52 -30.65
N SER H 34 45.95 -17.04 -29.64
CA SER H 34 47.27 -16.55 -29.31
C SER H 34 48.28 -16.86 -30.42
N HIS H 35 48.25 -18.07 -30.96
CA HIS H 35 49.23 -18.43 -31.98
C HIS H 35 48.96 -17.68 -33.28
N GLN H 36 47.68 -17.48 -33.62
CA GLN H 36 47.33 -16.77 -34.85
C GLN H 36 47.40 -15.25 -34.71
N LEU H 37 47.42 -14.73 -33.48
CA LEU H 37 47.50 -13.28 -33.25
C LEU H 37 48.69 -13.01 -32.34
N PRO H 38 49.91 -13.13 -32.88
CA PRO H 38 51.10 -13.04 -32.02
C PRO H 38 51.29 -11.69 -31.36
N ARG H 39 50.64 -10.63 -31.85
CA ARG H 39 50.75 -9.31 -31.23
C ARG H 39 49.73 -9.09 -30.13
N MET H 40 48.74 -9.97 -29.97
CA MET H 40 47.86 -9.92 -28.81
C MET H 40 48.53 -10.64 -27.65
N PRO H 41 48.80 -9.97 -26.52
CA PRO H 41 49.41 -10.65 -25.38
C PRO H 41 48.58 -11.84 -24.93
N LYS H 42 49.26 -12.93 -24.56
CA LYS H 42 48.56 -14.16 -24.21
C LYS H 42 47.57 -13.94 -23.06
N GLU H 43 47.98 -13.21 -22.03
CA GLU H 43 47.12 -13.04 -20.86
C GLU H 43 45.91 -12.18 -21.17
N TYR H 44 46.06 -11.22 -22.09
CA TYR H 44 44.93 -10.40 -22.53
C TYR H 44 43.89 -11.24 -23.26
N ILE H 45 44.37 -12.17 -24.11
CA ILE H 45 43.44 -13.09 -24.77
C ILE H 45 42.74 -13.95 -23.74
N ALA H 46 43.50 -14.51 -22.80
CA ALA H 46 42.92 -15.40 -21.79
C ALA H 46 41.91 -14.67 -20.92
N ARG H 47 42.21 -13.42 -20.55
CA ARG H 47 41.32 -12.65 -19.70
C ARG H 47 39.99 -12.38 -20.39
N LEU H 48 40.03 -12.05 -21.68
CA LEU H 48 38.79 -11.80 -22.41
C LEU H 48 38.04 -13.09 -22.69
N VAL H 49 38.75 -14.16 -23.05
CA VAL H 49 38.10 -15.41 -23.43
C VAL H 49 37.35 -16.00 -22.24
N PHE H 50 37.90 -15.85 -21.03
CA PHE H 50 37.28 -16.38 -19.83
C PHE H 50 36.43 -15.36 -19.10
N ASP H 51 36.23 -14.18 -19.69
CA ASP H 51 35.36 -13.19 -19.08
C ASP H 51 33.90 -13.59 -19.28
N PRO H 52 33.06 -13.47 -18.25
CA PRO H 52 31.70 -14.02 -18.33
C PRO H 52 30.82 -13.36 -19.40
N LYS H 53 31.03 -12.08 -19.68
CA LYS H 53 30.19 -11.44 -20.67
C LYS H 53 30.70 -11.62 -22.10
N HIS H 54 31.84 -12.27 -22.28
CA HIS H 54 32.30 -12.65 -23.60
C HIS H 54 31.84 -14.06 -23.91
N LYS H 55 31.46 -14.27 -25.16
CA LYS H 55 31.15 -15.60 -25.65
C LYS H 55 32.13 -15.93 -26.77
N THR H 56 32.25 -17.22 -27.06
CA THR H 56 33.08 -17.65 -28.18
C THR H 56 32.34 -18.71 -28.97
N LEU H 57 32.23 -18.49 -30.28
CA LEU H 57 31.72 -19.50 -31.19
C LEU H 57 32.88 -20.42 -31.56
N ALA H 58 32.85 -21.65 -31.07
CA ALA H 58 33.97 -22.56 -31.24
C ALA H 58 33.74 -23.46 -32.45
N LEU H 59 34.80 -23.68 -33.21
CA LEU H 59 34.75 -24.51 -34.41
C LEU H 59 35.55 -25.78 -34.09
N ILE H 60 34.83 -26.90 -33.98
CA ILE H 60 35.36 -28.14 -33.44
C ILE H 60 35.47 -29.15 -34.57
N LYS H 61 36.65 -29.76 -34.71
CA LYS H 61 36.87 -30.87 -35.62
C LYS H 61 37.45 -32.04 -34.85
N ASP H 62 36.72 -33.16 -34.86
CA ASP H 62 37.12 -34.37 -34.14
C ASP H 62 37.30 -34.09 -32.65
N GLY H 63 36.33 -33.39 -32.07
CA GLY H 63 36.39 -33.01 -30.67
C GLY H 63 37.48 -32.03 -30.31
N ARG H 64 38.08 -31.34 -31.28
CA ARG H 64 39.27 -30.52 -31.05
C ARG H 64 39.11 -29.17 -31.74
N VAL H 65 39.38 -28.11 -30.99
CA VAL H 65 39.26 -26.74 -31.50
C VAL H 65 40.24 -26.53 -32.63
N ILE H 66 39.74 -26.10 -33.79
CA ILE H 66 40.61 -25.66 -34.87
C ILE H 66 40.28 -24.25 -35.33
N GLY H 67 39.38 -23.55 -34.63
CA GLY H 67 39.06 -22.17 -34.97
C GLY H 67 37.98 -21.65 -34.06
N GLY H 68 37.71 -20.35 -34.18
CA GLY H 68 36.64 -19.76 -33.40
C GLY H 68 36.53 -18.26 -33.63
N ILE H 69 35.45 -17.70 -33.09
CA ILE H 69 35.23 -16.26 -33.07
C ILE H 69 34.79 -15.87 -31.66
N CYS H 70 35.60 -15.07 -30.99
CA CYS H 70 35.26 -14.54 -29.68
C CYS H 70 34.56 -13.19 -29.85
N PHE H 71 33.45 -13.01 -29.15
CA PHE H 71 32.62 -11.83 -29.36
C PHE H 71 31.95 -11.41 -28.06
N ARG H 72 31.53 -10.14 -28.03
CA ARG H 72 30.91 -9.53 -26.85
C ARG H 72 29.62 -8.86 -27.29
N MET H 73 28.48 -9.36 -26.81
CA MET H 73 27.18 -8.82 -27.18
C MET H 73 26.83 -7.63 -26.30
N PHE H 74 26.35 -6.54 -26.93
CA PHE H 74 25.89 -5.34 -26.24
C PHE H 74 24.42 -5.10 -26.58
N PRO H 75 23.51 -5.91 -26.02
CA PRO H 75 22.08 -5.75 -26.39
C PRO H 75 21.50 -4.39 -26.04
N THR H 76 21.97 -3.75 -24.96
CA THR H 76 21.47 -2.42 -24.65
C THR H 76 21.88 -1.40 -25.70
N GLN H 77 23.01 -1.61 -26.36
CA GLN H 77 23.50 -0.69 -27.38
C GLN H 77 23.16 -1.10 -28.80
N GLY H 78 22.68 -2.33 -29.01
CA GLY H 78 22.20 -2.75 -30.30
C GLY H 78 23.25 -3.30 -31.25
N PHE H 79 24.39 -3.76 -30.75
CA PHE H 79 25.42 -4.29 -31.61
C PHE H 79 26.24 -5.33 -30.85
N THR H 80 27.05 -6.07 -31.60
CA THR H 80 28.01 -7.03 -31.05
C THR H 80 29.41 -6.66 -31.50
N GLU H 81 30.37 -6.78 -30.59
CA GLU H 81 31.77 -6.55 -30.88
C GLU H 81 32.47 -7.87 -31.24
N ILE H 82 33.19 -7.87 -32.36
CA ILE H 82 34.03 -9.02 -32.73
C ILE H 82 35.39 -8.84 -32.06
N VAL H 83 35.74 -9.77 -31.18
CA VAL H 83 36.93 -9.65 -30.34
C VAL H 83 38.13 -10.36 -30.97
N PHE H 84 37.99 -11.65 -31.28
CA PHE H 84 39.03 -12.41 -31.95
C PHE H 84 38.39 -13.33 -32.99
N CYS H 85 39.05 -13.47 -34.13
CA CYS H 85 38.73 -14.49 -35.13
C CYS H 85 40.02 -15.22 -35.51
N ALA H 86 39.96 -16.54 -35.55
CA ALA H 86 41.15 -17.29 -35.94
C ALA H 86 40.74 -18.69 -36.38
N VAL H 87 41.47 -19.21 -37.37
CA VAL H 87 41.44 -20.62 -37.75
C VAL H 87 42.90 -21.09 -37.78
N THR H 88 43.16 -22.25 -37.18
CA THR H 88 44.51 -22.77 -37.13
C THR H 88 45.06 -22.97 -38.54
N SER H 89 46.39 -22.91 -38.65
CA SER H 89 47.05 -22.70 -39.95
C SER H 89 46.72 -23.81 -40.94
N ASN H 90 46.90 -25.06 -40.52
CA ASN H 90 46.70 -26.17 -41.45
C ASN H 90 45.22 -26.41 -41.78
N GLU H 91 44.32 -25.57 -41.29
CA GLU H 91 42.92 -25.61 -41.67
C GLU H 91 42.44 -24.36 -42.38
N GLN H 92 43.33 -23.40 -42.62
CA GLN H 92 42.94 -22.17 -43.29
C GLN H 92 42.68 -22.45 -44.77
N VAL H 93 42.27 -21.39 -45.48
CA VAL H 93 41.87 -21.40 -46.89
C VAL H 93 41.08 -22.65 -47.26
N LYS H 94 40.10 -23.01 -46.43
CA LYS H 94 39.17 -24.09 -46.73
C LYS H 94 37.72 -23.69 -46.51
N GLY H 95 37.45 -22.40 -46.26
CA GLY H 95 36.10 -21.92 -46.03
C GLY H 95 35.64 -21.93 -44.58
N TYR H 96 36.51 -22.31 -43.63
CA TYR H 96 36.08 -22.41 -42.24
C TYR H 96 35.79 -21.05 -41.64
N GLY H 97 36.61 -20.04 -41.96
CA GLY H 97 36.37 -18.71 -41.43
C GLY H 97 35.07 -18.10 -41.92
N THR H 98 34.67 -18.42 -43.15
CA THR H 98 33.39 -17.93 -43.65
C THR H 98 32.22 -18.64 -43.00
N HIS H 99 32.33 -19.96 -42.81
CA HIS H 99 31.27 -20.69 -42.11
C HIS H 99 31.14 -20.22 -40.67
N LEU H 100 32.27 -19.95 -40.01
CA LEU H 100 32.23 -19.39 -38.67
C LEU H 100 31.46 -18.09 -38.63
N MET H 101 31.76 -17.18 -39.57
CA MET H 101 31.08 -15.90 -39.59
C MET H 101 29.59 -16.07 -39.91
N ASN H 102 29.27 -16.98 -40.84
CA ASN H 102 27.88 -17.26 -41.17
C ASN H 102 27.10 -17.73 -39.94
N HIS H 103 27.65 -18.70 -39.21
CA HIS H 103 27.00 -19.16 -37.99
C HIS H 103 26.84 -18.04 -36.98
N LEU H 104 27.87 -17.21 -36.83
CA LEU H 104 27.77 -16.08 -35.90
C LEU H 104 26.66 -15.13 -36.31
N LYS H 105 26.48 -14.93 -37.62
CA LYS H 105 25.40 -14.08 -38.10
C LYS H 105 24.03 -14.68 -37.76
N GLU H 106 23.87 -15.98 -38.02
CA GLU H 106 22.61 -16.66 -37.67
C GLU H 106 22.32 -16.54 -36.18
N TYR H 107 23.32 -16.77 -35.35
CA TYR H 107 23.15 -16.65 -33.91
C TYR H 107 22.61 -15.28 -33.53
N HIS H 108 23.12 -14.23 -34.17
CA HIS H 108 22.75 -12.88 -33.78
C HIS H 108 21.40 -12.44 -34.33
N ILE H 109 20.95 -13.04 -35.43
CA ILE H 109 19.56 -12.84 -35.86
C ILE H 109 18.62 -13.39 -34.81
N LYS H 110 18.88 -14.60 -34.33
CA LYS H 110 18.04 -15.23 -33.33
C LYS H 110 18.04 -14.46 -32.01
N HIS H 111 18.99 -13.55 -31.79
CA HIS H 111 19.03 -12.74 -30.59
C HIS H 111 18.79 -11.26 -30.86
N ASN H 112 18.26 -10.93 -32.05
CA ASN H 112 17.79 -9.58 -32.37
C ASN H 112 18.91 -8.55 -32.28
N ILE H 113 20.11 -8.94 -32.71
CA ILE H 113 21.23 -8.03 -32.86
C ILE H 113 21.67 -8.10 -34.31
N LEU H 114 21.66 -6.96 -34.99
CA LEU H 114 21.87 -6.92 -36.43
C LEU H 114 23.06 -6.08 -36.83
N TYR H 115 23.93 -5.72 -35.89
CA TYR H 115 25.11 -4.91 -36.19
C TYR H 115 26.34 -5.54 -35.56
N PHE H 116 27.38 -5.69 -36.36
CA PHE H 116 28.70 -6.11 -35.90
C PHE H 116 29.65 -4.94 -36.01
N LEU H 117 30.48 -4.76 -34.98
CA LEU H 117 31.58 -3.80 -35.00
C LEU H 117 32.87 -4.51 -34.66
N THR H 118 33.94 -4.15 -35.36
CA THR H 118 35.24 -4.74 -35.11
C THR H 118 36.31 -3.76 -35.60
N TYR H 119 37.54 -3.95 -35.11
CA TYR H 119 38.70 -3.21 -35.59
C TYR H 119 39.61 -4.18 -36.32
N ALA H 120 39.98 -3.85 -37.55
CA ALA H 120 40.80 -4.71 -38.38
C ALA H 120 42.10 -3.99 -38.74
N ASP H 121 43.23 -4.69 -38.61
CA ASP H 121 44.45 -4.14 -39.16
C ASP H 121 44.50 -4.41 -40.67
N GLU H 122 45.59 -4.00 -41.30
CA GLU H 122 45.69 -4.12 -42.75
C GLU H 122 45.64 -5.56 -43.23
N TYR H 123 46.00 -6.51 -42.36
CA TYR H 123 46.05 -7.91 -42.78
C TYR H 123 44.71 -8.62 -42.67
N ALA H 124 43.76 -8.08 -41.91
CA ALA H 124 42.47 -8.74 -41.72
C ALA H 124 41.32 -8.03 -42.41
N ILE H 125 41.54 -6.82 -42.95
CA ILE H 125 40.45 -6.07 -43.59
C ILE H 125 39.83 -6.88 -44.72
N GLY H 126 40.67 -7.50 -45.56
CA GLY H 126 40.15 -8.25 -46.70
C GLY H 126 39.20 -9.35 -46.27
N TYR H 127 39.53 -10.06 -45.19
CA TYR H 127 38.63 -11.08 -44.66
C TYR H 127 37.27 -10.49 -44.31
N PHE H 128 37.28 -9.37 -43.57
CA PHE H 128 36.02 -8.78 -43.13
C PHE H 128 35.22 -8.22 -44.30
N LYS H 129 35.90 -7.60 -45.27
CA LYS H 129 35.21 -7.12 -46.46
C LYS H 129 34.50 -8.25 -47.18
N LYS H 130 35.15 -9.42 -47.27
CA LYS H 130 34.51 -10.56 -47.91
C LYS H 130 33.39 -11.15 -47.09
N GLN H 131 33.31 -10.84 -45.79
CA GLN H 131 32.17 -11.22 -44.97
C GLN H 131 31.12 -10.12 -44.89
N GLY H 132 31.20 -9.12 -45.76
CA GLY H 132 30.22 -8.06 -45.80
C GLY H 132 30.47 -6.87 -44.90
N PHE H 133 31.67 -6.75 -44.33
CA PHE H 133 31.97 -5.60 -43.48
C PHE H 133 32.37 -4.41 -44.34
N SER H 134 32.14 -3.21 -43.81
CA SER H 134 32.45 -1.99 -44.55
C SER H 134 33.03 -0.94 -43.61
N LYS H 135 33.83 -0.04 -44.19
CA LYS H 135 34.39 1.09 -43.44
C LYS H 135 33.34 2.13 -43.08
N ASP H 136 32.15 2.08 -43.69
CA ASP H 136 31.09 3.02 -43.38
C ASP H 136 30.39 2.57 -42.10
N ILE H 137 30.49 3.38 -41.05
CA ILE H 137 29.98 3.02 -39.73
C ILE H 137 28.68 3.77 -39.51
N LYS H 138 27.57 3.04 -39.48
CA LYS H 138 26.27 3.65 -39.26
C LYS H 138 25.93 3.77 -37.78
N VAL H 139 26.46 2.90 -36.93
CA VAL H 139 26.24 3.03 -35.49
C VAL H 139 26.86 4.33 -35.00
N PRO H 140 26.15 5.13 -34.20
CA PRO H 140 26.74 6.37 -33.67
C PRO H 140 27.87 6.08 -32.70
N LYS H 141 28.88 6.94 -32.74
CA LYS H 141 30.02 6.80 -31.85
C LYS H 141 29.60 6.89 -30.38
N SER H 142 28.59 7.70 -30.07
CA SER H 142 28.06 7.74 -28.71
C SER H 142 27.48 6.41 -28.26
N ARG H 143 27.31 5.44 -29.16
CA ARG H 143 26.77 4.14 -28.79
C ARG H 143 27.84 3.08 -28.52
N TYR H 144 29.05 3.23 -29.08
CA TYR H 144 30.06 2.20 -28.91
C TYR H 144 31.32 2.65 -28.19
N LEU H 145 31.65 3.94 -28.21
CA LEU H 145 32.90 4.40 -27.60
C LEU H 145 32.83 4.18 -26.09
N GLY H 146 33.82 3.48 -25.56
CA GLY H 146 33.87 3.13 -24.15
C GLY H 146 33.28 1.78 -23.82
N TYR H 147 32.58 1.16 -24.75
CA TYR H 147 32.05 -0.19 -24.57
C TYR H 147 32.84 -1.24 -25.35
N ILE H 148 33.21 -0.94 -26.60
CA ILE H 148 34.09 -1.81 -27.37
C ILE H 148 35.54 -1.39 -27.11
N LYS H 149 36.44 -2.37 -27.21
CA LYS H 149 37.86 -2.07 -27.12
C LYS H 149 38.28 -1.23 -28.31
N ASP H 150 38.85 -0.06 -28.03
CA ASP H 150 39.34 0.85 -29.05
C ASP H 150 40.76 0.46 -29.46
N TYR H 151 41.04 0.51 -30.76
CA TYR H 151 42.36 0.23 -31.31
C TYR H 151 42.76 1.40 -32.20
N GLU H 152 43.60 2.29 -31.68
CA GLU H 152 44.13 3.39 -32.48
C GLU H 152 45.03 2.84 -33.59
N GLY H 153 44.85 3.35 -34.80
CA GLY H 153 45.64 2.90 -35.92
C GLY H 153 45.06 1.71 -36.67
N ALA H 154 44.04 1.06 -36.14
CA ALA H 154 43.32 0.05 -36.88
C ALA H 154 42.08 0.68 -37.53
N THR H 155 41.45 -0.09 -38.40
CA THR H 155 40.27 0.39 -39.13
C THR H 155 39.01 -0.18 -38.48
N LEU H 156 38.14 0.71 -38.00
CA LEU H 156 36.83 0.32 -37.52
C LEU H 156 35.96 -0.13 -38.68
N MET H 157 35.32 -1.30 -38.54
CA MET H 157 34.52 -1.91 -39.59
C MET H 157 33.17 -2.30 -39.02
N GLU H 158 32.15 -2.29 -39.88
CA GLU H 158 30.77 -2.58 -39.47
C GLU H 158 30.11 -3.53 -40.46
N CYS H 159 29.31 -4.45 -39.93
CA CYS H 159 28.49 -5.32 -40.74
C CYS H 159 27.04 -5.21 -40.27
N GLU H 160 26.13 -4.96 -41.21
CA GLU H 160 24.71 -4.93 -40.91
C GLU H 160 24.09 -6.24 -41.38
N LEU H 161 23.29 -6.84 -40.52
CA LEU H 161 22.62 -8.10 -40.82
C LEU H 161 21.18 -7.84 -41.22
N ASN H 162 20.66 -8.76 -42.03
CA ASN H 162 19.28 -8.75 -42.51
C ASN H 162 18.54 -9.94 -41.88
N PRO H 163 17.65 -9.68 -40.92
CA PRO H 163 16.94 -10.76 -40.22
C PRO H 163 15.78 -11.36 -41.01
N ARG H 164 15.71 -11.11 -42.33
CA ARG H 164 14.84 -11.87 -43.20
C ARG H 164 15.62 -12.96 -43.92
N ILE H 165 16.89 -13.12 -43.61
CA ILE H 165 17.78 -13.96 -44.39
C ILE H 165 18.29 -15.13 -43.54
N PRO H 166 18.34 -16.33 -44.10
CA PRO H 166 19.12 -17.39 -43.46
C PRO H 166 20.58 -17.38 -43.90
N TYR H 167 21.51 -17.26 -42.96
CA TYR H 167 22.93 -17.27 -43.30
C TYR H 167 23.53 -18.67 -43.28
N THR H 168 22.94 -19.60 -42.54
CA THR H 168 23.37 -21.00 -42.57
C THR H 168 22.25 -21.88 -43.10
C8 SCA I . -52.41 -22.44 15.60
N9 SCA I . -51.85 -23.67 15.57
C4 SCA I . -51.07 -23.76 14.43
C5 SCA I . -51.16 -22.57 13.79
N7 SCA I . -51.99 -21.75 14.51
N3 SCA I . -50.29 -24.74 13.89
C2 SCA I . -49.62 -24.53 12.73
N1 SCA I . -49.72 -23.34 12.09
C6 SCA I . -50.48 -22.36 12.61
N6 SCA I . -50.29 -21.35 11.66
C1' SCA I . -51.77 -24.95 16.27
C2' SCA I . -52.71 -26.08 15.74
O2' SCA I . -54.02 -25.78 16.01
C3' SCA I . -52.26 -27.22 16.60
O3' SCA I . -52.93 -27.05 17.93
C4' SCA I . -50.95 -27.06 16.75
O4' SCA I . -50.61 -25.53 16.35
C5' SCA I . -50.15 -28.03 15.93
O5' SCA I . -48.92 -28.22 16.60
P1 SCA I . -47.65 -28.86 15.86
O11 SCA I . -46.48 -28.98 16.80
O12 SCA I . -48.01 -30.24 15.35
O6 SCA I . -47.22 -27.90 14.65
P2 SCA I . -46.67 -28.40 13.20
O21 SCA I . -47.84 -28.56 12.27
O22 SCA I . -45.91 -29.69 13.33
O7 SCA I . -45.68 -27.25 12.65
CPB SCA I . -46.10 -25.89 12.80
CPA SCA I . -45.67 -25.13 11.55
CP7 SCA I . -46.24 -25.91 10.34
CP9 SCA I . -44.14 -25.08 11.50
CP8 SCA I . -46.23 -23.70 11.62
OP3 SCA I . -47.62 -25.88 10.37
CP6 SCA I . -45.78 -25.32 9.01
OP2 SCA I . -44.76 -25.75 8.48
NP2 SCA I . -46.57 -24.26 8.38
CP5 SCA I . -46.17 -23.67 7.13
CP4 SCA I . -44.92 -22.84 7.30
CP3 SCA I . -45.11 -21.68 8.26
OP1 SCA I . -46.13 -20.99 8.23
NP1 SCA I . -44.09 -21.39 9.20
CP2 SCA I . -44.23 -20.31 10.10
CP1 SCA I . -43.83 -19.01 9.42
P3 SCA I . -52.46 -27.88 19.23
O31 SCA I . -53.62 -27.99 20.19
O32 SCA I . -51.34 -27.18 19.93
O33 SCA I . -52.02 -29.27 18.82
S SCA I . -42.06 -18.90 9.15
CS1 SCA I . -41.21 -18.03 10.50
OS1 SCA I . -40.69 -18.68 11.39
CS2 SCA I . -41.13 -16.49 10.57
CS3 SCA I . -40.45 -15.92 9.32
CS4 SCA I . -41.27 -14.75 8.79
OS4 SCA I . -42.41 -14.95 8.27
OS5 SCA I . -40.82 -13.59 8.86
C8 SCA J . -33.72 15.36 -7.20
N9 SCA J . -33.49 14.83 -8.42
C4 SCA J . -32.21 15.19 -8.83
C5 SCA J . -31.71 15.95 -7.85
N7 SCA J . -32.63 16.05 -6.84
N3 SCA J . -31.39 14.97 -9.93
C2 SCA J . -30.15 15.52 -10.02
N1 SCA J . -29.66 16.27 -9.00
C6 SCA J . -30.45 16.49 -7.92
N6 SCA J . -29.60 17.30 -7.13
C1' SCA J . -34.15 13.99 -9.39
C2' SCA J . -34.11 14.37 -10.90
O2' SCA J . -35.31 14.92 -11.27
C3' SCA J . -33.87 13.04 -11.60
O3' SCA J . -34.95 12.80 -12.63
C4' SCA J . -33.85 12.08 -10.67
O4' SCA J . -33.73 12.79 -9.24
C5' SCA J . -32.65 11.19 -10.77
O5' SCA J . -31.71 11.78 -11.64
P1 SCA J . -30.36 10.97 -11.82
O11 SCA J . -30.59 9.53 -11.48
O12 SCA J . -29.90 11.09 -13.25
O6 SCA J . -29.30 11.62 -10.81
P2 SCA J . -27.87 12.27 -11.27
O21 SCA J . -28.12 13.59 -11.94
O22 SCA J . -27.17 11.34 -12.22
O7 SCA J . -26.95 12.45 -9.97
CPB SCA J . -27.54 12.85 -8.72
CPA SCA J . -26.47 13.60 -7.94
CP7 SCA J . -25.84 14.63 -8.91
CP9 SCA J . -25.41 12.60 -7.46
CP8 SCA J . -27.10 14.31 -6.74
OP3 SCA J . -26.83 15.52 -9.31
CP6 SCA J . -24.69 15.40 -8.28
OP2 SCA J . -23.56 14.96 -8.37
NP2 SCA J . -24.93 16.66 -7.58
CP5 SCA J . -23.85 17.41 -6.98
CP4 SCA J . -23.25 16.71 -5.78
CP3 SCA J . -24.31 16.35 -4.75
OP1 SCA J . -25.27 17.08 -4.58
NP1 SCA J . -24.18 15.18 -3.97
CP2 SCA J . -25.16 14.86 -3.01
CP1 SCA J . -24.71 15.30 -1.63
P3 SCA J . -36.40 12.24 -12.26
O31 SCA J . -37.41 12.86 -13.20
O32 SCA J . -36.82 12.58 -10.86
O33 SCA J . -36.42 10.72 -12.44
S SCA J . -23.27 14.37 -1.14
CS1 SCA J . -23.71 13.35 0.30
OS1 SCA J . -23.80 12.16 0.13
CS2 SCA J . -23.98 13.93 1.71
CS3 SCA J . -22.72 14.59 2.30
CS4 SCA J . -23.08 15.92 2.98
OS4 SCA J . -23.32 16.94 2.29
OS5 SCA J . -23.12 16.03 4.23
C8 SCA K . 5.74 37.22 -13.80
N9 SCA K . 5.81 36.92 -12.48
C4 SCA K . 4.78 36.08 -12.16
C5 SCA K . 4.08 35.88 -13.30
N7 SCA K . 4.67 36.58 -14.32
N3 SCA K . 4.36 35.46 -11.01
C2 SCA K . 3.25 34.66 -11.02
N1 SCA K . 2.56 34.47 -12.17
C6 SCA K . 2.97 35.06 -13.32
N6 SCA K . 2.00 34.61 -14.22
C1' SCA K . 6.62 37.17 -11.29
C2' SCA K . 6.00 37.92 -10.06
O2' SCA K . 5.69 39.21 -10.36
C3' SCA K . 7.21 37.91 -9.16
O3' SCA K . 8.03 39.11 -9.54
C4' SCA K . 7.88 36.79 -9.46
O4' SCA K . 7.15 36.14 -10.74
C5' SCA K . 7.89 35.83 -8.32
O5' SCA K . 6.60 35.82 -7.73
P1 SCA K . 6.19 34.57 -6.84
O11 SCA K . 7.43 33.89 -6.31
O12 SCA K . 5.33 35.05 -5.69
O6 SCA K . 5.35 33.55 -7.76
P2 SCA K . 4.01 32.72 -7.36
O21 SCA K . 2.78 33.57 -7.60
O22 SCA K . 4.04 32.29 -5.93
O7 SCA K . 3.95 31.42 -8.30
CPB SCA K . 4.17 31.55 -9.72
CPA SCA K . 3.22 30.59 -10.43
CP7 SCA K . 1.80 30.86 -9.90
CP9 SCA K . 3.65 29.13 -10.12
CP8 SCA K . 3.28 30.85 -11.94
OP3 SCA K . 1.46 32.15 -10.25
CP6 SCA K . 0.76 29.90 -10.46
OP2 SCA K . 0.50 28.89 -9.84
NP2 SCA K . 0.07 30.20 -11.72
CP5 SCA K . -0.92 29.32 -12.26
CP4 SCA K . -0.33 28.03 -12.77
CP3 SCA K . 0.67 28.29 -13.88
OP1 SCA K . 0.46 29.16 -14.71
NP1 SCA K . 1.83 27.50 -13.94
CP2 SCA K . 2.82 27.67 -14.96
CP1 SCA K . 2.31 27.10 -16.27
P3 SCA K . 9.05 39.79 -8.50
O31 SCA K . 9.06 41.27 -8.77
O32 SCA K . 10.43 39.22 -8.70
O33 SCA K . 8.62 39.52 -7.08
S SCA K . 3.58 27.18 -17.53
CS1 SCA K . 3.36 25.84 -18.73
OS1 SCA K . 3.00 26.09 -19.88
CS2 SCA K . 3.65 24.38 -18.30
CS3 SCA K . 4.96 24.36 -17.51
CS4 SCA K . 4.67 24.10 -16.04
OS4 SCA K . 5.61 23.71 -15.30
OS5 SCA K . 3.50 24.27 -15.57
C8 SCA L . 53.78 18.20 -12.21
N9 SCA L . 54.18 17.14 -11.46
C4 SCA L . 53.59 17.22 -10.22
C5 SCA L . 52.84 18.36 -10.24
N7 SCA L . 52.96 18.96 -11.46
N3 SCA L . 53.61 16.46 -9.08
C2 SCA L . 52.90 16.85 -7.99
N1 SCA L . 52.15 17.98 -8.01
C6 SCA L . 52.13 18.74 -9.13
N6 SCA L . 51.27 19.76 -8.74
C1' SCA L . 54.98 15.93 -11.52
C2' SCA L . 56.25 15.75 -10.64
O2' SCA L . 57.21 16.69 -10.91
C3' SCA L . 56.70 14.41 -11.17
O3' SCA L . 57.50 14.68 -12.41
C4' SCA L . 55.57 13.76 -11.49
O4' SCA L . 54.36 14.82 -11.33
C5' SCA L . 55.32 12.54 -10.66
O5' SCA L . 55.62 12.79 -9.30
P1 SCA L . 55.06 11.86 -8.13
O11 SCA L . 54.71 10.48 -8.62
O12 SCA L . 56.13 11.79 -7.07
O6 SCA L . 53.74 12.54 -7.52
P2 SCA L . 53.47 12.78 -5.93
O21 SCA L . 54.26 13.98 -5.47
O22 SCA L . 53.86 11.57 -5.14
O7 SCA L . 51.90 13.06 -5.73
CPB SCA L . 51.22 13.83 -6.73
CPA SCA L . 50.11 14.65 -6.08
CP7 SCA L . 50.72 15.37 -4.85
CP9 SCA L . 48.97 13.71 -5.66
CP8 SCA L . 49.60 15.68 -7.08
OP3 SCA L . 51.53 16.39 -5.32
CP6 SCA L . 49.70 16.00 -3.92
OP2 SCA L . 49.23 15.36 -2.99
NP2 SCA L . 49.34 17.40 -4.14
CP5 SCA L . 48.41 18.09 -3.30
CP4 SCA L . 47.03 17.51 -3.45
CP3 SCA L . 46.57 17.69 -4.89
OP1 SCA L . 46.81 18.74 -5.48
NP1 SCA L . 45.87 16.63 -5.50
CP2 SCA L . 45.40 16.70 -6.83
CP1 SCA L . 44.35 17.79 -6.90
P3 SCA L . 58.59 13.64 -12.99
O31 SCA L . 59.87 13.77 -12.19
O32 SCA L . 58.87 13.96 -14.43
O33 SCA L . 58.07 12.21 -12.90
S SCA L . 42.94 17.25 -7.84
CS1 SCA L . 41.78 16.51 -6.66
OS1 SCA L . 41.98 15.36 -6.30
CS2 SCA L . 40.59 17.33 -6.11
CS3 SCA L . 39.37 17.22 -7.02
CS4 SCA L . 39.21 18.50 -7.84
OS4 SCA L . 39.79 19.55 -7.48
OS5 SCA L . 38.52 18.48 -8.89
C8 SCA M . -9.89 29.71 32.96
N9 SCA M . -8.74 29.62 32.25
C4 SCA M . -7.90 28.73 32.87
C5 SCA M . -8.54 28.29 33.96
N7 SCA M . -9.78 28.89 34.02
N3 SCA M . -6.63 28.26 32.60
C2 SCA M . -6.03 27.37 33.41
N1 SCA M . -6.69 26.92 34.50
C6 SCA M . -7.93 27.37 34.80
N6 SCA M . -8.19 26.64 35.98
C1' SCA M . -8.05 30.12 31.08
C2' SCA M . -6.84 31.03 31.44
O2' SCA M . -7.26 32.29 31.71
C3' SCA M . -6.06 31.03 30.16
O3' SCA M . -6.68 32.12 29.35
C4' SCA M . -6.24 29.81 29.64
O4' SCA M . -7.58 29.20 30.29
C5' SCA M . -5.08 28.93 30.02
O5' SCA M . -4.33 28.53 28.89
P1 SCA M . -3.12 27.53 29.10
O11 SCA M . -2.93 26.71 27.85
O12 SCA M . -1.86 28.28 29.44
O6 SCA M . -3.44 26.51 30.31
P2 SCA M . -2.31 25.85 31.30
O21 SCA M . -2.02 26.81 32.42
O22 SCA M . -1.04 25.55 30.55
O7 SCA M . -2.88 24.48 31.88
CPB SCA M . -4.26 24.44 32.26
CPA SCA M . -4.37 23.45 33.41
CP7 SCA M . -3.31 23.85 34.47
CP9 SCA M . -4.09 22.03 32.85
CP8 SCA M . -5.79 23.49 33.99
OP3 SCA M . -3.64 25.09 35.00
CP6 SCA M . -3.20 22.86 35.62
OP2 SCA M . -2.46 21.90 35.53
NP2 SCA M . -4.02 23.08 36.82
CP5 SCA M . -3.97 22.19 37.95
CP4 SCA M . -4.51 20.81 37.64
CP3 SCA M . -5.93 20.87 37.09
OP1 SCA M . -6.78 21.57 37.63
NP1 SCA M . -6.26 20.10 35.97
CP2 SCA M . -7.56 20.12 35.44
CP1 SCA M . -8.39 19.10 36.21
P3 SCA M . -6.26 32.37 27.84
O31 SCA M . -6.26 33.85 27.58
O32 SCA M . -7.27 31.71 26.93
O33 SCA M . -4.88 31.80 27.58
S SCA M . -7.94 17.43 35.75
CS1 SCA M . -8.82 16.31 36.90
OS1 SCA M . -9.04 15.15 36.60
CS2 SCA M . -9.32 16.88 38.23
CS3 SCA M . -10.79 16.53 38.28
CS4 SCA M . -11.56 17.43 37.34
OS4 SCA M . -11.14 17.80 36.21
OS5 SCA M . -12.67 17.82 37.71
C8 SCA N . -29.42 -8.43 56.72
N9 SCA N . -28.21 -9.03 56.91
C4 SCA N . -28.22 -10.26 56.27
C5 SCA N . -29.45 -10.40 55.71
N7 SCA N . -30.18 -9.28 56.00
N3 SCA N . -27.32 -11.29 56.11
C2 SCA N . -27.66 -12.40 55.41
N1 SCA N . -28.89 -12.53 54.85
C6 SCA N . -29.78 -11.53 55.00
N6 SCA N . -30.86 -12.05 54.29
C1' SCA N . -26.91 -8.84 57.51
C2' SCA N . -26.68 -9.64 58.83
O2' SCA N . -27.26 -8.99 59.90
C3' SCA N . -25.17 -9.63 58.96
O3' SCA N . -24.80 -8.95 60.26
C4' SCA N . -24.73 -8.99 57.86
O4' SCA N . -25.90 -9.14 56.77
C5' SCA N . -23.43 -9.52 57.31
O5' SCA N . -23.06 -10.75 57.87
P1 SCA N . -21.89 -11.59 57.19
O11 SCA N . -20.87 -10.69 56.55
O12 SCA N . -21.21 -12.45 58.23
O6 SCA N . -22.55 -12.49 56.04
P2 SCA N . -22.47 -14.11 55.93
O21 SCA N . -23.36 -14.74 56.97
O22 SCA N . -21.05 -14.59 56.09
O7 SCA N . -22.98 -14.49 54.47
CPB SCA N . -24.13 -13.82 53.96
CPA SCA N . -24.85 -14.81 53.03
CP7 SCA N . -25.01 -16.14 53.81
CP9 SCA N . -23.95 -15.02 51.79
CP8 SCA N . -26.20 -14.23 52.61
OP3 SCA N . -25.78 -15.92 54.92
CP6 SCA N . -25.62 -17.25 52.97
OP2 SCA N . -24.90 -18.02 52.36
NP2 SCA N . -27.08 -17.43 52.90
CP5 SCA N . -27.65 -18.49 52.13
CP4 SCA N . -27.63 -18.19 50.64
CP3 SCA N . -28.09 -16.78 50.39
OP1 SCA N . -29.17 -16.40 50.83
NP1 SCA N . -27.27 -15.88 49.66
CP2 SCA N . -27.67 -14.55 49.42
CP1 SCA N . -27.58 -14.24 47.94
P3 SCA N . -24.58 -7.37 60.42
O31 SCA N . -24.97 -6.96 61.82
O32 SCA N . -25.41 -6.55 59.46
O33 SCA N . -23.11 -7.05 60.21
S SCA N . -28.84 -15.24 47.18
CS1 SCA N . -28.20 -15.99 45.66
OS1 SCA N . -27.14 -16.60 45.72
CS2 SCA N . -28.94 -15.90 44.31
CS3 SCA N . -30.36 -15.34 44.46
CS4 SCA N . -30.30 -13.85 44.79
OS4 SCA N . -29.55 -13.05 44.15
OS5 SCA N . -31.00 -13.44 45.75
C8 SCA O . -4.98 3.21 -47.32
N9 SCA O . -5.84 2.70 -46.40
C4 SCA O . -5.54 1.37 -46.22
C5 SCA O . -4.51 1.08 -47.05
N7 SCA O . -4.16 2.21 -47.72
N3 SCA O . -6.06 0.37 -45.44
C2 SCA O . -5.54 -0.89 -45.48
N1 SCA O . -4.50 -1.17 -46.31
C6 SCA O . -3.99 -0.19 -47.09
N6 SCA O . -2.98 -0.90 -47.75
C1' SCA O . -6.94 3.04 -45.53
C2' SCA O . -8.35 2.51 -45.96
O2' SCA O . -8.96 3.37 -46.83
C3' SCA O . -9.12 2.45 -44.66
O3' SCA O . -10.45 3.18 -44.71
C4' SCA O . -8.29 2.90 -43.71
O4' SCA O . -6.81 2.67 -44.30
C5' SCA O . -8.44 2.13 -42.43
O5' SCA O . -9.36 1.07 -42.60
P1 SCA O . -9.23 -0.23 -41.70
O11 SCA O . -9.09 0.16 -40.25
O12 SCA O . -10.45 -1.09 -41.88
O6 SCA O . -7.91 -1.02 -42.19
P2 SCA O . -7.63 -2.62 -41.97
O21 SCA O . -7.75 -3.34 -43.29
O22 SCA O . -8.58 -3.20 -40.97
O7 SCA O . -6.13 -2.80 -41.41
CPB SCA O . -5.05 -2.22 -42.17
CPA SCA O . -3.99 -3.27 -42.42
CP7 SCA O . -4.67 -4.53 -43.02
CP9 SCA O . -3.31 -3.66 -41.08
CP8 SCA O . -2.94 -2.69 -43.36
OP3 SCA O . -5.37 -4.18 -44.15
CP6 SCA O . -3.65 -5.63 -43.34
OP2 SCA O . -3.46 -6.52 -42.54
NP2 SCA O . -2.91 -5.62 -44.62
CP5 SCA O . -1.96 -6.66 -44.93
CP4 SCA O . -0.76 -6.64 -44.02
CP3 SCA O . -0.02 -5.31 -44.07
OP1 SCA O . 0.03 -4.69 -45.13
NP1 SCA O . 0.61 -4.81 -42.91
CP2 SCA O . 1.31 -3.58 -42.93
CP1 SCA O . 2.80 -3.76 -42.78
P3 SCA O . -10.69 4.77 -44.62
O31 SCA O . -10.20 5.45 -45.88
O32 SCA O . -10.04 5.40 -43.42
O33 SCA O . -12.19 5.01 -44.52
S SCA O . 3.19 -4.43 -41.16
CS1 SCA O . 4.42 -3.40 -40.32
OS1 SCA O . 4.08 -2.67 -39.40
CS2 SCA O . 5.90 -3.44 -40.77
CS3 SCA O . 6.23 -4.84 -41.28
CS4 SCA O . 7.10 -4.76 -42.54
OS4 SCA O . 6.61 -4.30 -43.60
OS5 SCA O . 8.28 -5.15 -42.51
C8 SCA P . 41.24 -11.77 -48.45
N9 SCA P . 40.60 -12.92 -48.14
C4 SCA P . 41.01 -13.33 -46.88
C5 SCA P . 41.90 -12.41 -46.46
N7 SCA P . 42.04 -11.45 -47.42
N3 SCA P . 40.72 -14.39 -46.05
C2 SCA P . 41.30 -14.52 -44.83
N1 SCA P . 42.20 -13.58 -44.42
C6 SCA P . 42.49 -12.53 -45.22
N6 SCA P . 43.41 -11.84 -44.42
C1' SCA P . 39.65 -13.91 -48.61
C2' SCA P . 40.34 -15.24 -49.07
O2' SCA P . 40.75 -15.13 -50.37
C3' SCA P . 39.31 -16.32 -48.87
O3' SCA P . 38.88 -16.90 -50.20
C4' SCA P . 38.31 -15.74 -48.21
O4' SCA P . 38.76 -14.26 -47.75
C5' SCA P . 37.87 -16.55 -47.01
O5' SCA P . 38.62 -17.75 -46.85
P1 SCA P . 38.29 -18.71 -45.61
O11 SCA P . 36.79 -18.74 -45.38
O12 SCA P . 38.79 -20.11 -45.84
O6 SCA P . 38.98 -18.14 -44.27
P2 SCA P . 40.02 -18.97 -43.31
O21 SCA P . 41.34 -19.16 -44.01
O22 SCA P . 39.45 -20.29 -42.91
O7 SCA P . 40.26 -18.09 -41.98
CPB SCA P . 40.12 -16.66 -42.07
CPA SCA P . 40.94 -16.08 -40.93
CP7 SCA P . 42.27 -16.89 -40.87
CP9 SCA P . 40.14 -16.23 -39.61
CP8 SCA P . 41.20 -14.58 -41.20
OP3 SCA P . 43.00 -16.69 -42.02
CP6 SCA P . 43.15 -16.51 -39.68
OP2 SCA P . 43.04 -17.15 -38.65
NP2 SCA P . 44.12 -15.41 -39.79
CP5 SCA P . 44.99 -15.03 -38.70
CP4 SCA P . 44.19 -14.45 -37.55
CP3 SCA P . 43.49 -13.18 -37.99
OP1 SCA P . 44.03 -12.43 -38.78
NP1 SCA P . 42.21 -12.86 -37.47
CP2 SCA P . 41.54 -11.67 -37.86
CP1 SCA P . 41.92 -10.53 -36.94
P3 SCA P . 38.00 -16.13 -51.30
O31 SCA P . 38.14 -16.89 -52.60
O32 SCA P . 38.50 -14.71 -51.53
O33 SCA P . 36.54 -16.11 -50.88
S SCA P . 41.34 -10.82 -35.26
CS1 SCA P . 39.86 -9.81 -34.99
OS1 SCA P . 38.78 -10.35 -35.05
CS2 SCA P . 39.91 -8.29 -34.70
CS3 SCA P . 40.67 -7.98 -33.41
CS4 SCA P . 41.78 -6.97 -33.71
OS4 SCA P . 42.76 -7.28 -34.44
OS5 SCA P . 41.72 -5.81 -33.24
#